data_9RWD
#
_entry.id   9RWD
#
_cell.length_a   59.184
_cell.length_b   125.571
_cell.length_c   135.137
_cell.angle_alpha   90.000
_cell.angle_beta   93.675
_cell.angle_gamma   90.000
#
_symmetry.space_group_name_H-M   'P 1 21 1'
#
loop_
_entity.id
_entity.type
_entity.pdbx_description
1 polymer 'Serine hydroxymethyltransferase, mitochondrial'
2 non-polymer 1,2-ETHANEDIOL
3 non-polymer 2-AMINO-2-HYDROXYMETHYL-PROPANE-1,3-DIOL
4 non-polymer DI(HYDROXYETHYL)ETHER
5 non-polymer 'SODIUM ION'
6 water water
#
_entity_poly.entity_id   1
_entity_poly.type   'polypeptide(L)'
_entity_poly.pdbx_seq_one_letter_code
;SNAAQTQTGEANRGWTGQESLSDSDPEMWELLQREKDRQCRGLELIASENFCSRAALEALGSCLNNKYSEGYPGKRYYGG
AEVVDEIELLCQRRALEAFDLDPAQWGVNVQPYSGSPANLAVYTALLQPHDRIMGLDLPDGGHLTHGYMSDVKRISATSI
FFESMPYKLNPKTGLIDYNQLALTARLFRPRLIIAGTSAYARLIDYARMREVCDEVKAHLLADMAHISGLVAAKVIPSPF
KHADIVTTTTH(LLP)TLRGARSGLIFYRKGVKAVDPKTGREIPYTFEDRINFAVFPSLQGGPHNHAIAAVAVALKQACT
PMFREYSLQVLKNARAMADALLERGYSLVSGGTDNHLVLVDLRPKGLDGARAERVLELVSITANKNTCPGDRSAITPGGL
RLGAPALTSRQFREDDFRRVVDFIDEGVNIGLEVKSKTAKLQDFKSFLLKDSETSQRLANLRQRVEQFARAFPMPGFDEH
;
_entity_poly.pdbx_strand_id   A,B,C,D
#
loop_
_chem_comp.id
_chem_comp.type
_chem_comp.name
_chem_comp.formula
EDO non-polymer 1,2-ETHANEDIOL 'C2 H6 O2'
NA non-polymer 'SODIUM ION' 'Na 1'
PEG non-polymer DI(HYDROXYETHYL)ETHER 'C4 H10 O3'
TRS non-polymer 2-AMINO-2-HYDROXYMETHYL-PROPANE-1,3-DIOL 'C4 H12 N O3 1'
#
# COMPACT_ATOMS: atom_id res chain seq x y z
N TRP A 15 14.25 -11.72 -50.22
CA TRP A 15 14.37 -10.74 -49.15
C TRP A 15 15.67 -10.90 -48.40
N THR A 16 16.42 -9.80 -48.29
CA THR A 16 17.70 -9.79 -47.59
C THR A 16 17.69 -8.98 -46.32
N GLY A 17 16.70 -8.10 -46.14
CA GLY A 17 16.79 -7.14 -45.07
C GLY A 17 17.93 -6.16 -45.23
N GLN A 18 18.48 -6.05 -46.44
CA GLN A 18 19.49 -5.06 -46.77
C GLN A 18 18.98 -4.01 -47.75
N GLU A 19 17.71 -4.08 -48.13
CA GLU A 19 17.11 -3.10 -49.01
C GLU A 19 16.96 -1.76 -48.29
N SER A 20 16.99 -0.68 -49.06
CA SER A 20 16.84 0.65 -48.48
C SER A 20 15.39 0.91 -48.11
N LEU A 21 15.19 1.78 -47.12
CA LEU A 21 13.83 2.20 -46.77
C LEU A 21 13.13 2.85 -47.96
N SER A 22 13.83 3.69 -48.72
CA SER A 22 13.18 4.37 -49.84
C SER A 22 12.66 3.37 -50.87
N ASP A 23 13.38 2.28 -51.09
CA ASP A 23 12.91 1.27 -52.04
C ASP A 23 11.82 0.38 -51.43
N SER A 24 11.98 -0.02 -50.18
CA SER A 24 11.14 -1.08 -49.64
C SER A 24 9.84 -0.58 -49.01
N ASP A 25 9.78 0.67 -48.56
CA ASP A 25 8.58 1.21 -47.92
C ASP A 25 8.43 2.65 -48.35
N PRO A 26 8.04 2.87 -49.61
CA PRO A 26 7.88 4.25 -50.10
C PRO A 26 6.91 5.07 -49.28
N GLU A 27 5.86 4.46 -48.73
CA GLU A 27 4.93 5.22 -47.91
C GLU A 27 5.61 5.80 -46.68
N MET A 28 6.39 4.99 -45.96
CA MET A 28 7.10 5.51 -44.79
C MET A 28 8.18 6.51 -45.20
N TRP A 29 8.88 6.23 -46.29
CA TRP A 29 9.93 7.15 -46.73
C TRP A 29 9.37 8.55 -46.99
N GLU A 30 8.22 8.63 -47.66
CA GLU A 30 7.61 9.93 -47.93
C GLU A 30 7.23 10.63 -46.63
N LEU A 31 6.75 9.87 -45.64
CA LEU A 31 6.42 10.48 -44.35
C LEU A 31 7.66 11.05 -43.67
N LEU A 32 8.78 10.31 -43.69
CA LEU A 32 10.00 10.84 -43.08
C LEU A 32 10.44 12.12 -43.76
N GLN A 33 10.37 12.17 -45.08
CA GLN A 33 10.77 13.36 -45.81
C GLN A 33 9.85 14.53 -45.48
N ARG A 34 8.55 14.26 -45.31
CA ARG A 34 7.62 15.33 -44.97
C ARG A 34 7.91 15.88 -43.57
N GLU A 35 8.25 15.01 -42.62
CA GLU A 35 8.59 15.51 -41.30
C GLU A 35 9.90 16.32 -41.33
N LYS A 36 10.88 15.85 -42.09
CA LYS A 36 12.13 16.61 -42.21
C LYS A 36 11.88 17.99 -42.80
N ASP A 37 11.04 18.06 -43.84
CA ASP A 37 10.73 19.36 -44.44
C ASP A 37 10.02 20.28 -43.45
N ARG A 38 9.09 19.72 -42.67
CA ARG A 38 8.41 20.51 -41.65
C ARG A 38 9.40 21.07 -40.64
N GLN A 39 10.37 20.25 -40.21
CA GLN A 39 11.37 20.73 -39.28
C GLN A 39 12.22 21.85 -39.88
N CYS A 40 12.58 21.73 -41.16
CA CYS A 40 13.48 22.70 -41.77
C CYS A 40 12.79 24.04 -42.05
N ARG A 41 11.49 24.03 -42.36
CA ARG A 41 10.82 25.24 -42.81
C ARG A 41 10.17 26.02 -41.67
N GLY A 42 10.10 25.47 -40.47
CA GLY A 42 9.45 26.12 -39.37
C GLY A 42 10.42 26.75 -38.39
N LEU A 43 9.86 27.55 -37.48
CA LEU A 43 10.59 28.13 -36.37
C LEU A 43 10.21 27.35 -35.11
N GLU A 44 11.11 26.50 -34.66
CA GLU A 44 10.87 25.64 -33.51
C GLU A 44 11.19 26.40 -32.23
N LEU A 45 10.16 26.76 -31.47
CA LEU A 45 10.33 27.48 -30.21
C LEU A 45 9.94 26.65 -29.00
N ILE A 46 9.68 25.35 -29.18
CA ILE A 46 9.39 24.49 -28.03
C ILE A 46 10.68 24.28 -27.25
N ALA A 47 10.68 24.66 -25.97
CA ALA A 47 11.93 24.74 -25.22
C ALA A 47 12.55 23.38 -24.95
N SER A 48 11.78 22.31 -25.05
CA SER A 48 12.28 20.95 -24.86
C SER A 48 12.75 20.29 -26.16
N GLU A 49 12.71 20.98 -27.29
CA GLU A 49 13.07 20.41 -28.58
C GLU A 49 14.50 20.78 -28.97
N ASN A 50 15.12 19.89 -29.75
CA ASN A 50 16.43 20.16 -30.33
C ASN A 50 16.56 19.33 -31.61
N PHE A 51 17.68 19.49 -32.29
CA PHE A 51 17.95 18.78 -33.53
C PHE A 51 19.23 17.95 -33.35
N CYS A 52 19.07 16.63 -33.37
CA CYS A 52 20.15 15.71 -33.08
C CYS A 52 21.11 15.58 -34.25
N SER A 53 22.40 15.40 -33.94
CA SER A 53 23.43 15.26 -34.98
C SER A 53 23.26 13.97 -35.79
N ARG A 54 23.73 14.02 -37.03
CA ARG A 54 23.77 12.82 -37.87
C ARG A 54 24.56 11.70 -37.21
N ALA A 55 25.70 12.04 -36.59
CA ALA A 55 26.57 11.02 -36.01
C ALA A 55 25.85 10.22 -34.93
N ALA A 56 25.10 10.92 -34.07
CA ALA A 56 24.34 10.21 -33.03
C ALA A 56 23.23 9.38 -33.66
N LEU A 57 22.55 9.92 -34.67
CA LEU A 57 21.50 9.16 -35.35
C LEU A 57 22.04 7.93 -36.05
N GLU A 58 23.27 7.99 -36.57
CA GLU A 58 23.84 6.81 -37.21
C GLU A 58 24.08 5.68 -36.21
N ALA A 59 24.47 6.03 -34.97
CA ALA A 59 24.59 5.03 -33.92
C ALA A 59 23.21 4.51 -33.48
N LEU A 60 22.22 5.40 -33.47
CA LEU A 60 20.87 5.03 -33.03
C LEU A 60 20.25 4.00 -33.97
N GLY A 61 20.48 4.15 -35.28
CA GLY A 61 19.95 3.21 -36.25
C GLY A 61 20.97 2.18 -36.68
N SER A 62 21.46 1.36 -35.75
CA SER A 62 22.58 0.48 -36.00
C SER A 62 22.28 -0.93 -35.51
N CYS A 63 23.21 -1.83 -35.80
CA CYS A 63 23.10 -3.23 -35.38
C CYS A 63 23.07 -3.39 -33.87
N LEU A 64 23.40 -2.35 -33.11
CA LEU A 64 23.28 -2.44 -31.65
C LEU A 64 21.84 -2.71 -31.22
N ASN A 65 20.86 -2.38 -32.06
CA ASN A 65 19.47 -2.75 -31.80
C ASN A 65 19.32 -4.25 -31.58
N ASN A 66 20.22 -5.05 -32.16
CA ASN A 66 20.01 -6.49 -32.23
C ASN A 66 20.40 -7.23 -30.97
N LYS A 67 21.09 -6.61 -30.02
CA LYS A 67 21.75 -7.35 -28.94
C LYS A 67 20.97 -7.20 -27.63
N TYR A 68 20.58 -8.35 -27.06
CA TYR A 68 20.01 -8.43 -25.71
C TYR A 68 21.14 -8.46 -24.69
N SER A 69 21.14 -7.53 -23.76
CA SER A 69 22.22 -7.45 -22.77
C SER A 69 21.68 -7.11 -21.39
N GLU A 70 20.61 -7.80 -20.97
CA GLU A 70 20.10 -7.60 -19.63
C GLU A 70 21.22 -7.75 -18.60
N GLY A 71 21.20 -6.89 -17.59
CA GLY A 71 22.24 -6.88 -16.58
C GLY A 71 23.14 -5.67 -16.73
N TYR A 72 24.39 -5.78 -16.30
CA TYR A 72 25.34 -4.68 -16.30
C TYR A 72 26.68 -5.18 -16.82
N PRO A 73 27.56 -4.28 -17.24
CA PRO A 73 28.85 -4.72 -17.80
C PRO A 73 29.57 -5.70 -16.88
N GLY A 74 30.03 -6.81 -17.46
CA GLY A 74 30.68 -7.86 -16.71
C GLY A 74 29.76 -8.69 -15.82
N LYS A 75 28.46 -8.35 -15.79
CA LYS A 75 27.48 -9.03 -14.95
C LYS A 75 26.18 -9.18 -15.75
N ARG A 76 26.27 -9.84 -16.89
CA ARG A 76 25.14 -10.03 -17.81
C ARG A 76 24.50 -11.40 -17.59
N TYR A 77 23.25 -11.51 -18.05
CA TYR A 77 22.57 -12.80 -18.02
C TYR A 77 23.08 -13.71 -19.14
N TYR A 78 23.41 -13.12 -20.29
CA TYR A 78 23.76 -13.83 -21.52
C TYR A 78 25.19 -13.52 -21.92
N GLY A 79 25.79 -14.42 -22.69
CA GLY A 79 27.11 -14.21 -23.23
C GLY A 79 27.11 -13.32 -24.47
N GLY A 80 28.30 -13.15 -25.05
CA GLY A 80 28.46 -12.36 -26.26
C GLY A 80 28.38 -10.87 -26.07
N ALA A 81 28.56 -10.38 -24.83
CA ALA A 81 28.36 -8.98 -24.51
C ALA A 81 29.65 -8.17 -24.46
N GLU A 82 30.77 -8.72 -24.93
CA GLU A 82 32.04 -8.01 -24.72
C GLU A 82 32.05 -6.62 -25.36
N VAL A 83 31.45 -6.47 -26.55
CA VAL A 83 31.47 -5.17 -27.20
C VAL A 83 30.45 -4.22 -26.58
N VAL A 84 29.23 -4.72 -26.30
CA VAL A 84 28.26 -3.83 -25.66
C VAL A 84 28.70 -3.44 -24.26
N ASP A 85 29.47 -4.29 -23.57
CA ASP A 85 30.03 -3.89 -22.28
C ASP A 85 30.97 -2.69 -22.45
N GLU A 86 31.84 -2.73 -23.46
CA GLU A 86 32.73 -1.60 -23.71
C GLU A 86 31.95 -0.35 -24.06
N ILE A 87 30.87 -0.49 -24.83
CA ILE A 87 30.07 0.68 -25.21
C ILE A 87 29.38 1.27 -23.97
N GLU A 88 28.79 0.42 -23.13
CA GLU A 88 28.10 0.92 -21.95
C GLU A 88 29.08 1.58 -20.98
N LEU A 89 30.26 0.98 -20.76
CA LEU A 89 31.25 1.61 -19.90
C LEU A 89 31.75 2.93 -20.48
N LEU A 90 31.96 2.97 -21.80
CA LEU A 90 32.37 4.23 -22.43
C LEU A 90 31.31 5.30 -22.26
N CYS A 91 30.03 4.93 -22.42
CA CYS A 91 28.96 5.89 -22.21
C CYS A 91 28.97 6.41 -20.78
N GLN A 92 29.15 5.53 -19.80
CA GLN A 92 29.25 5.97 -18.41
C GLN A 92 30.40 6.97 -18.24
N ARG A 93 31.59 6.63 -18.76
CA ARG A 93 32.73 7.52 -18.60
C ARG A 93 32.47 8.88 -19.25
N ARG A 94 31.86 8.87 -20.44
CA ARG A 94 31.60 10.14 -21.11
C ARG A 94 30.54 10.96 -20.38
N ALA A 95 29.57 10.29 -19.74
CA ALA A 95 28.57 11.01 -18.96
C ALA A 95 29.22 11.70 -17.77
N LEU A 96 30.10 11.00 -17.06
CA LEU A 96 30.79 11.63 -15.94
C LEU A 96 31.70 12.76 -16.42
N GLU A 97 32.37 12.57 -17.55
CA GLU A 97 33.22 13.63 -18.07
C GLU A 97 32.41 14.87 -18.45
N ALA A 98 31.24 14.68 -19.06
CA ALA A 98 30.45 15.82 -19.52
C ALA A 98 30.03 16.71 -18.35
N PHE A 99 29.88 16.14 -17.15
CA PHE A 99 29.43 16.87 -15.98
C PHE A 99 30.53 17.10 -14.96
N ASP A 100 31.80 16.87 -15.35
CA ASP A 100 32.96 17.22 -14.52
C ASP A 100 33.00 16.40 -13.23
N LEU A 101 32.57 15.15 -13.29
CA LEU A 101 32.43 14.32 -12.09
C LEU A 101 33.60 13.37 -11.92
N ASP A 102 34.08 13.27 -10.68
CA ASP A 102 35.15 12.34 -10.33
C ASP A 102 34.55 10.95 -10.23
N PRO A 103 35.04 9.98 -11.00
CA PRO A 103 34.43 8.62 -10.95
C PRO A 103 34.60 7.93 -9.61
N ALA A 104 35.50 8.40 -8.75
CA ALA A 104 35.58 7.85 -7.40
C ALA A 104 34.44 8.33 -6.52
N GLN A 105 33.77 9.43 -6.91
CA GLN A 105 32.70 10.03 -6.12
C GLN A 105 31.32 9.89 -6.75
N TRP A 106 31.24 9.57 -8.04
CA TRP A 106 29.97 9.53 -8.75
C TRP A 106 29.92 8.32 -9.65
N GLY A 107 28.75 7.69 -9.75
CA GLY A 107 28.46 6.72 -10.78
C GLY A 107 27.24 7.16 -11.58
N VAL A 108 26.99 6.43 -12.66
CA VAL A 108 25.87 6.77 -13.54
C VAL A 108 25.32 5.49 -14.16
N ASN A 109 24.00 5.44 -14.28
CA ASN A 109 23.29 4.38 -14.97
C ASN A 109 22.79 4.95 -16.29
N VAL A 110 23.19 4.32 -17.40
CA VAL A 110 22.92 4.84 -18.74
C VAL A 110 21.80 4.06 -19.44
N GLN A 111 21.11 3.16 -18.72
CA GLN A 111 20.04 2.35 -19.30
C GLN A 111 18.62 2.92 -19.31
N PRO A 112 18.27 3.97 -18.53
CA PRO A 112 16.87 4.39 -18.54
C PRO A 112 16.36 4.71 -19.94
N TYR A 113 15.14 4.24 -20.26
CA TYR A 113 14.66 4.38 -21.64
C TYR A 113 14.37 5.82 -22.02
N SER A 114 14.04 6.67 -21.05
CA SER A 114 13.74 8.07 -21.31
C SER A 114 13.81 8.81 -19.96
N GLY A 115 13.42 10.08 -19.95
CA GLY A 115 13.47 10.83 -18.71
C GLY A 115 12.49 10.31 -17.67
N SER A 116 11.27 9.96 -18.10
CA SER A 116 10.26 9.51 -17.16
C SER A 116 10.66 8.16 -16.54
N PRO A 117 11.15 7.20 -17.34
CA PRO A 117 11.70 5.96 -16.73
C PRO A 117 12.83 6.20 -15.76
N ALA A 118 13.68 7.21 -15.99
CA ALA A 118 14.76 7.52 -15.06
C ALA A 118 14.20 7.92 -13.69
N ASN A 119 13.21 8.80 -13.67
CA ASN A 119 12.65 9.22 -12.39
C ASN A 119 11.96 8.08 -11.67
N LEU A 120 11.17 7.28 -12.40
CA LEU A 120 10.48 6.17 -11.75
C LEU A 120 11.48 5.21 -11.12
N ALA A 121 12.61 4.97 -11.78
CA ALA A 121 13.63 4.10 -11.19
C ALA A 121 14.21 4.67 -9.91
N VAL A 122 14.45 5.98 -9.85
CA VAL A 122 14.95 6.57 -8.61
C VAL A 122 13.96 6.34 -7.47
N TYR A 123 12.67 6.59 -7.73
CA TYR A 123 11.69 6.43 -6.67
C TYR A 123 11.62 4.98 -6.21
N THR A 124 11.63 4.05 -7.18
CA THR A 124 11.55 2.63 -6.84
C THR A 124 12.79 2.17 -6.09
N ALA A 125 13.95 2.75 -6.41
CA ALA A 125 15.19 2.38 -5.75
C ALA A 125 15.22 2.85 -4.29
N LEU A 126 14.72 4.05 -4.02
CA LEU A 126 14.97 4.69 -2.72
C LEU A 126 13.76 4.71 -1.80
N LEU A 127 12.55 4.46 -2.32
CA LEU A 127 11.34 4.62 -1.55
C LEU A 127 10.54 3.32 -1.53
N GLN A 128 9.76 3.13 -0.49
CA GLN A 128 8.75 2.09 -0.48
C GLN A 128 7.48 2.61 -1.13
N PRO A 129 6.61 1.73 -1.64
CA PRO A 129 5.31 2.19 -2.12
C PRO A 129 4.63 3.04 -1.06
N HIS A 130 4.02 4.14 -1.49
CA HIS A 130 3.30 5.09 -0.65
C HIS A 130 4.21 6.01 0.17
N ASP A 131 5.53 5.92 0.03
CA ASP A 131 6.40 6.94 0.65
C ASP A 131 6.18 8.30 -0.02
N ARG A 132 6.59 9.35 0.68
CA ARG A 132 6.21 10.71 0.33
C ARG A 132 7.26 11.44 -0.51
N ILE A 133 6.77 12.17 -1.51
CA ILE A 133 7.61 12.97 -2.40
CA ILE A 133 7.57 12.95 -2.45
C ILE A 133 6.97 14.34 -2.56
N MET A 134 7.83 15.35 -2.75
CA MET A 134 7.37 16.71 -3.05
C MET A 134 8.05 17.21 -4.32
N GLY A 135 7.24 17.78 -5.23
CA GLY A 135 7.77 18.42 -6.41
C GLY A 135 7.02 19.70 -6.70
N LEU A 136 7.57 20.51 -7.59
CA LEU A 136 6.91 21.75 -7.96
C LEU A 136 5.61 21.42 -8.68
N ASP A 137 4.53 22.09 -8.32
CA ASP A 137 3.23 21.80 -8.92
C ASP A 137 3.30 21.96 -10.43
N LEU A 138 2.55 21.13 -11.15
CA LEU A 138 2.57 21.15 -12.61
C LEU A 138 2.20 22.51 -13.18
N PRO A 139 1.10 23.15 -12.78
CA PRO A 139 0.80 24.48 -13.32
C PRO A 139 1.83 25.53 -12.94
N ASP A 140 2.63 25.28 -11.91
CA ASP A 140 3.65 26.21 -11.46
C ASP A 140 5.00 25.98 -12.12
N GLY A 141 5.11 24.97 -12.96
CA GLY A 141 6.33 24.74 -13.73
C GLY A 141 7.02 23.42 -13.48
N GLY A 142 6.46 22.53 -12.66
CA GLY A 142 7.05 21.21 -12.48
C GLY A 142 6.69 20.27 -13.62
N HIS A 143 7.12 19.02 -13.46
CA HIS A 143 6.89 17.98 -14.46
C HIS A 143 5.93 16.94 -13.91
N LEU A 144 5.17 16.31 -14.82
CA LEU A 144 4.23 15.24 -14.42
C LEU A 144 4.89 14.23 -13.49
N THR A 145 6.11 13.83 -13.81
CA THR A 145 6.74 12.72 -13.09
C THR A 145 7.19 13.11 -11.69
N HIS A 146 7.00 14.37 -11.30
CA HIS A 146 7.28 14.81 -9.94
C HIS A 146 6.09 14.63 -9.01
N GLY A 147 5.03 13.98 -9.48
CA GLY A 147 3.98 13.57 -8.58
C GLY A 147 2.62 14.20 -8.75
N TYR A 148 2.19 14.48 -9.97
CA TYR A 148 0.99 15.28 -10.19
C TYR A 148 -0.30 14.49 -10.00
N MET A 149 -1.22 15.06 -9.22
CA MET A 149 -2.61 14.62 -9.20
C MET A 149 -3.51 15.84 -9.13
N SER A 150 -4.70 15.71 -9.70
CA SER A 150 -5.67 16.80 -9.68
C SER A 150 -6.57 16.64 -8.47
N ASP A 151 -7.47 17.61 -8.28
CA ASP A 151 -8.45 17.48 -7.22
C ASP A 151 -9.33 16.25 -7.40
N VAL A 152 -9.34 15.63 -8.58
CA VAL A 152 -10.31 14.59 -8.88
C VAL A 152 -9.69 13.25 -9.29
N LYS A 153 -8.41 13.19 -9.66
CA LYS A 153 -7.85 11.94 -10.15
C LYS A 153 -6.34 11.94 -9.93
N ARG A 154 -5.79 10.76 -9.62
CA ARG A 154 -4.34 10.58 -9.61
C ARG A 154 -3.86 10.42 -11.06
N ILE A 155 -3.01 11.34 -11.51
CA ILE A 155 -2.67 11.44 -12.93
C ILE A 155 -1.34 10.74 -13.22
N SER A 156 -0.26 11.23 -12.64
CA SER A 156 1.03 10.58 -12.78
C SER A 156 1.07 9.29 -11.97
N ALA A 157 1.72 8.26 -12.54
CA ALA A 157 1.99 7.05 -11.77
C ALA A 157 2.78 7.36 -10.51
N THR A 158 3.56 8.45 -10.50
CA THR A 158 4.28 8.80 -9.28
CA THR A 158 4.28 8.85 -9.29
C THR A 158 3.32 9.12 -8.14
N SER A 159 2.11 9.60 -8.45
CA SER A 159 1.10 9.89 -7.44
CA SER A 159 1.11 9.90 -7.43
C SER A 159 0.23 8.69 -7.09
N ILE A 160 0.36 7.60 -7.84
CA ILE A 160 -0.36 6.36 -7.59
C ILE A 160 0.45 5.45 -6.69
N PHE A 161 1.71 5.18 -7.07
CA PHE A 161 2.58 4.29 -6.33
C PHE A 161 3.25 4.97 -5.15
N PHE A 162 3.30 6.30 -5.14
CA PHE A 162 3.89 7.09 -4.08
C PHE A 162 2.91 8.19 -3.68
N GLU A 163 3.16 8.83 -2.53
CA GLU A 163 2.28 9.87 -2.01
C GLU A 163 2.94 11.23 -2.21
N SER A 164 2.39 12.02 -3.11
CA SER A 164 2.99 13.30 -3.48
C SER A 164 2.20 14.47 -2.91
N MET A 165 2.91 15.59 -2.68
CA MET A 165 2.27 16.85 -2.33
C MET A 165 3.11 17.92 -3.00
N PRO A 166 2.50 18.86 -3.71
CA PRO A 166 3.29 19.86 -4.45
C PRO A 166 3.79 20.99 -3.56
N TYR A 167 4.84 21.65 -4.04
CA TYR A 167 5.16 22.99 -3.57
C TYR A 167 4.93 23.99 -4.70
N LYS A 168 4.93 25.28 -4.35
CA LYS A 168 4.34 26.32 -5.18
C LYS A 168 5.31 27.45 -5.44
N LEU A 169 5.05 28.20 -6.52
CA LEU A 169 5.66 29.50 -6.70
C LEU A 169 5.08 30.51 -5.74
N ASN A 170 5.87 31.53 -5.43
CA ASN A 170 5.33 32.75 -4.89
C ASN A 170 4.59 33.46 -6.02
N PRO A 171 3.27 33.63 -5.94
CA PRO A 171 2.56 34.23 -7.07
C PRO A 171 2.98 35.66 -7.37
N LYS A 172 3.47 36.40 -6.36
CA LYS A 172 3.87 37.79 -6.60
C LYS A 172 5.13 37.87 -7.44
N THR A 173 6.09 36.97 -7.20
CA THR A 173 7.41 37.09 -7.82
C THR A 173 7.64 36.11 -8.95
N GLY A 174 6.83 35.05 -9.05
CA GLY A 174 7.06 34.01 -10.03
C GLY A 174 8.22 33.08 -9.71
N LEU A 175 8.81 33.20 -8.52
CA LEU A 175 9.92 32.35 -8.11
C LEU A 175 9.41 31.25 -7.19
N ILE A 176 10.13 30.11 -7.18
CA ILE A 176 9.84 29.08 -6.20
C ILE A 176 9.82 29.70 -4.80
N ASP A 177 8.78 29.38 -4.02
CA ASP A 177 8.67 29.90 -2.65
C ASP A 177 9.41 28.93 -1.72
N TYR A 178 10.70 29.17 -1.53
CA TYR A 178 11.51 28.30 -0.68
C TYR A 178 11.05 28.34 0.76
N ASN A 179 10.59 29.50 1.24
CA ASN A 179 10.09 29.59 2.61
C ASN A 179 8.90 28.67 2.83
N GLN A 180 7.95 28.68 1.90
CA GLN A 180 6.79 27.82 2.10
C GLN A 180 7.13 26.35 1.90
N LEU A 181 8.06 26.04 1.01
CA LEU A 181 8.53 24.66 0.88
C LEU A 181 9.09 24.16 2.21
N ALA A 182 9.93 24.97 2.86
CA ALA A 182 10.48 24.56 4.15
C ALA A 182 9.39 24.33 5.17
N LEU A 183 8.40 25.24 5.23
CA LEU A 183 7.32 25.13 6.19
C LEU A 183 6.51 23.87 5.98
N THR A 184 6.11 23.59 4.73
CA THR A 184 5.26 22.43 4.48
C THR A 184 6.03 21.12 4.52
N ALA A 185 7.33 21.12 4.15
CA ALA A 185 8.12 19.90 4.25
C ALA A 185 8.26 19.43 5.69
N ARG A 186 8.31 20.36 6.65
CA ARG A 186 8.37 19.97 8.06
C ARG A 186 7.10 19.24 8.48
N LEU A 187 5.97 19.58 7.88
CA LEU A 187 4.69 18.96 8.25
C LEU A 187 4.46 17.65 7.50
N PHE A 188 4.75 17.63 6.19
CA PHE A 188 4.46 16.48 5.33
C PHE A 188 5.52 15.40 5.45
N ARG A 189 6.76 15.76 5.79
CA ARG A 189 7.83 14.81 6.04
C ARG A 189 8.12 13.97 4.79
N PRO A 190 8.42 14.61 3.67
CA PRO A 190 8.73 13.84 2.46
C PRO A 190 9.99 13.01 2.64
N ARG A 191 10.04 11.86 1.97
CA ARG A 191 11.28 11.10 1.91
C ARG A 191 12.18 11.57 0.77
N LEU A 192 11.63 12.31 -0.19
CA LEU A 192 12.39 12.78 -1.33
C LEU A 192 11.76 14.08 -1.82
N ILE A 193 12.58 15.06 -2.13
CA ILE A 193 12.14 16.32 -2.71
C ILE A 193 12.83 16.48 -4.05
N ILE A 194 12.09 16.88 -5.07
CA ILE A 194 12.61 17.00 -6.44
C ILE A 194 12.84 18.48 -6.75
N ALA A 195 14.06 18.81 -7.13
CA ALA A 195 14.42 20.14 -7.62
C ALA A 195 14.63 20.04 -9.13
N GLY A 196 13.67 20.54 -9.89
CA GLY A 196 13.76 20.49 -11.35
C GLY A 196 12.48 20.90 -12.00
N THR A 197 12.56 21.53 -13.17
CA THR A 197 11.40 22.18 -13.74
C THR A 197 11.25 21.87 -15.21
N SER A 198 10.04 22.11 -15.71
CA SER A 198 9.75 22.07 -17.13
C SER A 198 9.34 23.41 -17.72
N ALA A 199 8.85 24.35 -16.90
CA ALA A 199 8.51 25.70 -17.36
C ALA A 199 8.88 26.71 -16.26
N TYR A 200 10.18 27.00 -16.14
CA TYR A 200 10.70 27.94 -15.15
C TYR A 200 11.90 28.61 -15.80
N ALA A 201 11.94 29.93 -15.74
CA ALA A 201 12.96 30.70 -16.44
C ALA A 201 14.13 31.12 -15.53
N ARG A 202 14.12 30.70 -14.28
CA ARG A 202 15.12 31.13 -13.31
C ARG A 202 15.94 29.94 -12.85
N LEU A 203 17.06 30.23 -12.18
CA LEU A 203 17.94 29.19 -11.65
C LEU A 203 17.41 28.71 -10.31
N ILE A 204 17.48 27.40 -10.08
CA ILE A 204 17.01 26.85 -8.80
C ILE A 204 18.09 27.05 -7.74
N ASP A 205 17.65 27.41 -6.54
CA ASP A 205 18.58 27.55 -5.41
C ASP A 205 18.82 26.16 -4.80
N TYR A 206 19.73 25.41 -5.45
CA TYR A 206 19.96 24.04 -4.99
C TYR A 206 20.49 23.98 -3.57
N ALA A 207 21.30 24.96 -3.16
CA ALA A 207 21.80 24.98 -1.79
C ALA A 207 20.66 25.07 -0.77
N ARG A 208 19.68 25.93 -1.06
CA ARG A 208 18.51 26.03 -0.18
C ARG A 208 17.71 24.74 -0.19
N MET A 209 17.51 24.14 -1.37
CA MET A 209 16.83 22.85 -1.46
C MET A 209 17.53 21.80 -0.60
N ARG A 210 18.87 21.75 -0.65
CA ARG A 210 19.60 20.79 0.16
C ARG A 210 19.47 21.09 1.65
N GLU A 211 19.39 22.38 2.01
CA GLU A 211 19.16 22.74 3.41
C GLU A 211 17.83 22.17 3.91
N VAL A 212 16.77 22.36 3.11
CA VAL A 212 15.47 21.81 3.49
C VAL A 212 15.55 20.30 3.62
N CYS A 213 16.15 19.64 2.63
CA CYS A 213 16.22 18.18 2.66
C CYS A 213 17.02 17.68 3.86
N ASP A 214 18.13 18.36 4.18
CA ASP A 214 18.92 17.95 5.35
C ASP A 214 18.11 18.11 6.63
N GLU A 215 17.32 19.18 6.73
CA GLU A 215 16.55 19.41 7.95
C GLU A 215 15.51 18.32 8.15
N VAL A 216 14.77 17.97 7.10
CA VAL A 216 13.68 17.00 7.22
C VAL A 216 14.13 15.57 6.93
N LYS A 217 15.41 15.35 6.64
CA LYS A 217 15.93 14.00 6.37
C LYS A 217 15.33 13.40 5.11
N ALA A 218 15.23 14.20 4.05
CA ALA A 218 14.78 13.74 2.74
C ALA A 218 15.96 13.69 1.78
N HIS A 219 15.89 12.79 0.82
CA HIS A 219 16.82 12.82 -0.30
C HIS A 219 16.48 13.99 -1.21
N LEU A 220 17.50 14.67 -1.71
CA LEU A 220 17.32 15.67 -2.76
C LEU A 220 17.63 15.04 -4.12
N LEU A 221 16.63 15.02 -4.98
CA LEU A 221 16.80 14.65 -6.38
C LEU A 221 16.76 15.90 -7.23
N ALA A 222 17.80 16.13 -8.04
CA ALA A 222 17.75 17.18 -9.04
C ALA A 222 17.40 16.55 -10.38
N ASP A 223 16.28 16.97 -10.96
CA ASP A 223 15.87 16.49 -12.28
C ASP A 223 16.18 17.62 -13.25
N MET A 224 17.35 17.53 -13.89
CA MET A 224 17.89 18.63 -14.68
C MET A 224 17.59 18.49 -16.18
N ALA A 225 16.59 17.69 -16.55
CA ALA A 225 16.32 17.39 -17.96
C ALA A 225 16.32 18.64 -18.84
N HIS A 226 15.63 19.72 -18.41
CA HIS A 226 15.54 20.89 -19.30
C HIS A 226 16.87 21.59 -19.49
N ILE A 227 17.74 21.55 -18.48
CA ILE A 227 18.91 22.42 -18.40
C ILE A 227 20.21 21.65 -18.53
N SER A 228 20.15 20.33 -18.79
CA SER A 228 21.35 19.51 -18.64
C SER A 228 22.50 19.99 -19.55
N GLY A 229 22.19 20.42 -20.77
CA GLY A 229 23.25 20.90 -21.66
C GLY A 229 23.91 22.16 -21.12
N LEU A 230 23.12 23.04 -20.51
CA LEU A 230 23.68 24.26 -19.91
C LEU A 230 24.56 23.90 -18.73
N VAL A 231 24.18 22.89 -17.96
CA VAL A 231 25.00 22.44 -16.85
C VAL A 231 26.31 21.85 -17.37
N ALA A 232 26.23 20.96 -18.38
CA ALA A 232 27.44 20.34 -18.92
C ALA A 232 28.41 21.38 -19.44
N ALA A 233 27.89 22.41 -20.11
CA ALA A 233 28.72 23.49 -20.67
C ALA A 233 29.24 24.45 -19.61
N LYS A 234 28.77 24.31 -18.37
CA LYS A 234 29.19 25.17 -17.26
C LYS A 234 28.81 26.63 -17.48
N VAL A 235 27.67 26.87 -18.12
CA VAL A 235 27.18 28.24 -18.30
C VAL A 235 26.14 28.63 -17.25
N ILE A 236 25.65 27.68 -16.45
CA ILE A 236 24.84 27.95 -15.26
C ILE A 236 25.37 27.07 -14.13
N PRO A 237 25.00 27.34 -12.88
CA PRO A 237 25.52 26.54 -11.77
C PRO A 237 25.03 25.09 -11.82
N SER A 238 25.87 24.19 -11.29
CA SER A 238 25.61 22.75 -11.41
C SER A 238 24.84 22.23 -10.21
N PRO A 239 23.78 21.45 -10.43
CA PRO A 239 23.10 20.82 -9.28
C PRO A 239 23.94 19.77 -8.58
N PHE A 240 24.99 19.26 -9.22
CA PHE A 240 25.81 18.23 -8.60
C PHE A 240 26.56 18.74 -7.38
N LYS A 241 26.65 20.06 -7.20
CA LYS A 241 27.27 20.60 -6.00
C LYS A 241 26.43 20.38 -4.76
N HIS A 242 25.13 20.11 -4.90
CA HIS A 242 24.21 20.08 -3.77
C HIS A 242 23.28 18.89 -3.74
N ALA A 243 23.06 18.20 -4.86
CA ALA A 243 22.24 17.01 -4.91
C ALA A 243 23.15 15.81 -5.07
N ASP A 244 22.80 14.73 -4.39
CA ASP A 244 23.54 13.48 -4.51
C ASP A 244 22.89 12.48 -5.46
N ILE A 245 21.70 12.77 -6.00
CA ILE A 245 21.09 12.02 -7.11
C ILE A 245 20.63 13.03 -8.15
N VAL A 246 20.93 12.76 -9.42
CA VAL A 246 20.55 13.67 -10.51
C VAL A 246 20.03 12.83 -11.67
N THR A 247 18.83 13.16 -12.15
CA THR A 247 18.28 12.56 -13.36
C THR A 247 18.26 13.55 -14.50
N THR A 248 18.25 13.02 -15.72
CA THR A 248 18.10 13.85 -16.90
C THR A 248 17.69 13.00 -18.09
N THR A 249 17.07 13.67 -19.05
CA THR A 249 16.98 13.19 -20.41
C THR A 249 18.33 13.38 -21.10
N THR A 250 18.52 12.69 -22.22
CA THR A 250 19.72 12.86 -23.03
C THR A 250 19.45 13.69 -24.27
N HIS A 251 18.19 13.99 -24.54
CA HIS A 251 17.80 14.90 -25.60
C HIS A 251 17.72 16.34 -25.04
N1 LLP A 252 11.63 15.60 -16.26
C2 LLP A 252 11.79 16.80 -16.77
C2' LLP A 252 12.12 17.92 -15.86
C3 LLP A 252 11.68 17.05 -18.14
O3 LLP A 252 11.87 18.30 -18.55
C4 LLP A 252 11.34 15.99 -19.00
C4' LLP A 252 11.29 16.26 -20.44
C5 LLP A 252 11.18 14.72 -18.42
C6 LLP A 252 11.32 14.59 -17.06
C5' LLP A 252 10.77 13.43 -19.10
OP4 LLP A 252 11.48 13.07 -20.23
P LLP A 252 10.73 11.99 -21.31
OP1 LLP A 252 9.71 12.82 -22.06
OP2 LLP A 252 11.93 11.54 -22.16
OP3 LLP A 252 10.10 10.90 -20.46
N LLP A 252 16.73 17.13 -25.49
CA LLP A 252 16.61 18.53 -25.03
CB LLP A 252 16.03 18.59 -23.60
CG LLP A 252 14.73 17.80 -23.46
CD LLP A 252 13.94 18.05 -22.18
CE LLP A 252 12.52 17.45 -22.19
NZ LLP A 252 12.17 17.10 -20.84
C LLP A 252 17.96 19.27 -25.18
O LLP A 252 18.58 19.19 -26.24
H2'1 LLP A 252 11.93 18.77 -16.28
H2'2 LLP A 252 13.06 17.89 -15.62
H2'3 LLP A 252 11.60 17.85 -15.04
HO3 LLP A 252 11.17 18.53 -18.96
H4'1 LLP A 252 10.66 15.84 -20.99
H6 LLP A 252 11.19 13.76 -16.65
H5'1 LLP A 252 9.83 13.52 -19.30
H5'2 LLP A 252 10.83 12.74 -18.41
N THR A 253 18.40 20.01 -24.16
CA THR A 253 19.61 20.83 -24.33
C THR A 253 20.91 20.03 -24.48
N LEU A 254 20.89 18.72 -24.16
CA LEU A 254 22.06 17.88 -24.39
C LEU A 254 22.16 17.42 -25.83
N ARG A 255 21.08 17.51 -26.60
CA ARG A 255 21.12 17.36 -28.06
C ARG A 255 21.45 15.93 -28.49
N GLY A 256 21.05 14.93 -27.71
CA GLY A 256 21.28 13.54 -28.05
C GLY A 256 20.03 12.83 -28.53
N ALA A 257 20.16 11.50 -28.68
CA ALA A 257 18.99 10.66 -28.92
C ALA A 257 18.13 10.61 -27.66
N ARG A 258 16.87 10.25 -27.82
CA ARG A 258 15.96 10.19 -26.67
C ARG A 258 16.34 9.03 -25.75
N SER A 259 16.62 9.33 -24.48
CA SER A 259 17.05 8.35 -23.48
C SER A 259 17.10 9.09 -22.14
N GLY A 260 17.57 8.37 -21.10
CA GLY A 260 17.71 8.96 -19.79
C GLY A 260 19.00 8.55 -19.10
N LEU A 261 19.33 9.27 -18.03
CA LEU A 261 20.50 8.99 -17.21
C LEU A 261 20.13 9.17 -15.74
N ILE A 262 20.74 8.36 -14.88
CA ILE A 262 20.68 8.55 -13.42
C ILE A 262 22.09 8.63 -12.87
N PHE A 263 22.44 9.77 -12.28
CA PHE A 263 23.72 9.94 -11.60
C PHE A 263 23.51 9.81 -10.10
N TYR A 264 24.51 9.26 -9.40
CA TYR A 264 24.40 9.09 -7.95
C TYR A 264 25.77 9.16 -7.31
N ARG A 265 25.82 9.67 -6.08
CA ARG A 265 27.06 9.62 -5.33
C ARG A 265 27.42 8.19 -4.96
N LYS A 266 28.72 7.93 -4.87
CA LYS A 266 29.21 6.62 -4.45
C LYS A 266 30.48 6.81 -3.64
N GLY A 267 30.87 5.76 -2.93
CA GLY A 267 32.08 5.81 -2.13
C GLY A 267 31.79 6.21 -0.70
N VAL A 268 32.85 6.64 -0.02
CA VAL A 268 32.74 6.97 1.40
C VAL A 268 31.89 8.22 1.58
N LYS A 269 30.93 8.14 2.49
CA LYS A 269 30.03 9.25 2.78
C LYS A 269 30.36 9.87 4.12
N ILE A 279 31.56 4.54 6.41
CA ILE A 279 30.15 4.65 6.07
C ILE A 279 29.96 5.06 4.62
N PRO A 280 29.63 4.10 3.76
CA PRO A 280 29.52 4.38 2.34
C PRO A 280 28.12 4.85 1.95
N TYR A 281 28.05 5.56 0.84
CA TYR A 281 26.78 5.78 0.18
C TYR A 281 26.19 4.44 -0.24
N THR A 282 24.86 4.37 -0.28
CA THR A 282 24.15 3.15 -0.66
C THR A 282 23.22 3.35 -1.85
N PHE A 283 23.49 4.38 -2.67
CA PHE A 283 22.62 4.65 -3.81
C PHE A 283 22.87 3.66 -4.94
N GLU A 284 24.14 3.36 -5.22
CA GLU A 284 24.52 2.69 -6.46
C GLU A 284 23.76 1.38 -6.66
N ASP A 285 23.83 0.47 -5.68
CA ASP A 285 23.25 -0.84 -5.88
C ASP A 285 21.73 -0.77 -5.97
N ARG A 286 21.10 0.10 -5.18
CA ARG A 286 19.64 0.22 -5.23
C ARG A 286 19.18 0.81 -6.55
N ILE A 287 19.87 1.84 -7.05
CA ILE A 287 19.49 2.45 -8.32
C ILE A 287 19.68 1.46 -9.47
N ASN A 288 20.82 0.79 -9.52
CA ASN A 288 21.04 -0.16 -10.60
C ASN A 288 20.03 -1.29 -10.55
N PHE A 289 19.71 -1.78 -9.35
CA PHE A 289 18.75 -2.87 -9.25
C PHE A 289 17.34 -2.43 -9.67
N ALA A 290 16.96 -1.18 -9.34
CA ALA A 290 15.64 -0.68 -9.72
C ALA A 290 15.49 -0.63 -11.23
N VAL A 291 16.53 -0.16 -11.93
CA VAL A 291 16.46 -0.12 -13.40
C VAL A 291 16.34 -1.53 -13.96
N PHE A 292 17.20 -2.44 -13.50
CA PHE A 292 17.11 -3.82 -13.93
C PHE A 292 17.66 -4.65 -12.78
N PRO A 293 16.95 -5.70 -12.31
CA PRO A 293 15.76 -6.33 -12.92
C PRO A 293 14.39 -5.73 -12.56
N SER A 294 14.28 -4.68 -11.75
CA SER A 294 12.95 -4.34 -11.25
C SER A 294 12.03 -3.79 -12.33
N LEU A 295 12.47 -2.77 -13.07
CA LEU A 295 11.56 -2.03 -13.94
C LEU A 295 11.70 -2.36 -15.42
N GLN A 296 12.92 -2.33 -15.94
CA GLN A 296 13.14 -2.42 -17.37
C GLN A 296 13.51 -3.84 -17.78
N GLY A 297 13.58 -4.05 -19.09
CA GLY A 297 14.06 -5.30 -19.68
C GLY A 297 15.44 -5.10 -20.30
N GLY A 298 15.63 -5.59 -21.51
CA GLY A 298 16.89 -5.39 -22.19
C GLY A 298 17.17 -3.92 -22.46
N PRO A 299 18.40 -3.48 -22.23
CA PRO A 299 18.75 -2.10 -22.58
C PRO A 299 18.65 -1.88 -24.08
N HIS A 300 18.50 -0.62 -24.46
CA HIS A 300 18.50 -0.22 -25.86
C HIS A 300 19.91 0.24 -26.20
N ASN A 301 20.74 -0.72 -26.64
CA ASN A 301 22.16 -0.44 -26.82
C ASN A 301 22.41 0.58 -27.90
N HIS A 302 21.53 0.64 -28.91
CA HIS A 302 21.65 1.65 -29.96
C HIS A 302 21.46 3.06 -29.37
N ALA A 303 20.51 3.21 -28.45
CA ALA A 303 20.34 4.48 -27.76
C ALA A 303 21.54 4.80 -26.88
N ILE A 304 22.04 3.81 -26.12
CA ILE A 304 23.22 4.03 -25.29
C ILE A 304 24.39 4.53 -26.14
N ALA A 305 24.60 3.93 -27.31
CA ALA A 305 25.69 4.37 -28.19
C ALA A 305 25.45 5.79 -28.68
N ALA A 306 24.22 6.09 -29.11
CA ALA A 306 23.90 7.44 -29.60
C ALA A 306 24.09 8.47 -28.49
N VAL A 307 23.70 8.14 -27.26
CA VAL A 307 23.92 9.02 -26.13
C VAL A 307 25.41 9.26 -25.92
N ALA A 308 26.22 8.20 -25.99
CA ALA A 308 27.66 8.35 -25.83
C ALA A 308 28.24 9.30 -26.87
N VAL A 309 27.75 9.22 -28.11
CA VAL A 309 28.20 10.14 -29.16
C VAL A 309 27.87 11.58 -28.77
N ALA A 310 26.64 11.83 -28.32
CA ALA A 310 26.24 13.18 -27.95
C ALA A 310 27.00 13.68 -26.72
N LEU A 311 27.28 12.80 -25.76
CA LEU A 311 28.00 13.22 -24.56
C LEU A 311 29.42 13.66 -24.89
N LYS A 312 30.08 12.97 -25.83
CA LYS A 312 31.40 13.40 -26.26
C LYS A 312 31.33 14.79 -26.92
N GLN A 313 30.31 15.02 -27.75
CA GLN A 313 30.11 16.35 -28.30
C GLN A 313 29.93 17.39 -27.19
N ALA A 314 29.21 17.03 -26.13
CA ALA A 314 28.92 17.97 -25.04
C ALA A 314 30.14 18.37 -24.24
N CYS A 315 31.26 17.66 -24.38
CA CYS A 315 32.51 17.98 -23.68
C CYS A 315 33.36 19.02 -24.41
N THR A 316 32.96 19.46 -25.61
CA THR A 316 33.85 20.23 -26.47
C THR A 316 33.69 21.74 -26.27
N PRO A 317 34.70 22.50 -26.72
CA PRO A 317 34.51 23.97 -26.80
C PRO A 317 33.34 24.36 -27.67
N MET A 318 33.11 23.63 -28.77
CA MET A 318 31.95 23.88 -29.62
C MET A 318 30.67 23.91 -28.79
N PHE A 319 30.50 22.91 -27.91
CA PHE A 319 29.26 22.82 -27.14
C PHE A 319 29.16 23.92 -26.11
N ARG A 320 30.29 24.33 -25.51
CA ARG A 320 30.22 25.46 -24.59
C ARG A 320 29.81 26.74 -25.31
N GLU A 321 30.34 26.98 -26.50
CA GLU A 321 29.92 28.16 -27.26
C GLU A 321 28.45 28.07 -27.66
N TYR A 322 27.99 26.89 -28.08
CA TYR A 322 26.57 26.69 -28.35
C TYR A 322 25.72 27.06 -27.14
N SER A 323 26.10 26.56 -25.96
CA SER A 323 25.29 26.78 -24.76
C SER A 323 25.29 28.24 -24.33
N LEU A 324 26.45 28.92 -24.43
CA LEU A 324 26.48 30.37 -24.20
C LEU A 324 25.54 31.09 -25.16
N GLN A 325 25.55 30.68 -26.44
CA GLN A 325 24.67 31.31 -27.41
C GLN A 325 23.20 31.07 -27.08
N VAL A 326 22.87 29.88 -26.56
CA VAL A 326 21.49 29.61 -26.13
C VAL A 326 21.06 30.65 -25.10
N LEU A 327 21.91 30.90 -24.10
CA LEU A 327 21.57 31.88 -23.07
C LEU A 327 21.43 33.28 -23.68
N LYS A 328 22.37 33.67 -24.54
CA LYS A 328 22.29 34.99 -25.16
C LYS A 328 21.03 35.14 -25.99
N ASN A 329 20.63 34.06 -26.68
CA ASN A 329 19.47 34.13 -27.56
C ASN A 329 18.17 34.22 -26.75
N ALA A 330 18.06 33.46 -25.66
CA ALA A 330 16.89 33.59 -24.80
C ALA A 330 16.78 35.00 -24.24
N ARG A 331 17.91 35.58 -23.81
CA ARG A 331 17.92 36.95 -23.30
C ARG A 331 17.52 37.95 -24.38
N ALA A 332 18.02 37.75 -25.62
CA ALA A 332 17.64 38.64 -26.70
C ALA A 332 16.15 38.54 -27.01
N MET A 333 15.61 37.32 -27.00
CA MET A 333 14.17 37.15 -27.18
C MET A 333 13.38 37.84 -26.07
N ALA A 334 13.78 37.64 -24.81
CA ALA A 334 13.09 38.28 -23.69
C ALA A 334 13.10 39.80 -23.84
N ASP A 335 14.28 40.37 -24.15
CA ASP A 335 14.39 41.82 -24.24
C ASP A 335 13.55 42.37 -25.40
N ALA A 336 13.53 41.66 -26.53
CA ALA A 336 12.72 42.10 -27.66
C ALA A 336 11.24 42.08 -27.32
N LEU A 337 10.78 41.07 -26.57
CA LEU A 337 9.40 41.04 -26.13
C LEU A 337 9.08 42.17 -25.16
N LEU A 338 9.97 42.42 -24.19
CA LEU A 338 9.76 43.52 -23.26
C LEU A 338 9.66 44.86 -23.99
N GLU A 339 10.51 45.06 -24.99
CA GLU A 339 10.51 46.32 -25.74
C GLU A 339 9.19 46.53 -26.46
N ARG A 340 8.51 45.45 -26.82
CA ARG A 340 7.21 45.52 -27.47
C ARG A 340 6.06 45.50 -26.47
N GLY A 341 6.34 45.61 -25.18
CA GLY A 341 5.30 45.72 -24.18
C GLY A 341 4.75 44.42 -23.65
N TYR A 342 5.36 43.28 -23.99
CA TYR A 342 4.95 42.02 -23.39
C TYR A 342 5.46 41.95 -21.95
N SER A 343 4.74 41.21 -21.12
CA SER A 343 5.21 40.92 -19.76
C SER A 343 5.83 39.53 -19.74
N LEU A 344 6.80 39.35 -18.85
CA LEU A 344 7.48 38.08 -18.66
C LEU A 344 7.26 37.59 -17.23
N VAL A 345 6.80 36.35 -17.09
CA VAL A 345 6.64 35.78 -15.75
C VAL A 345 8.00 35.72 -15.10
N SER A 346 8.06 36.13 -13.83
CA SER A 346 9.27 36.27 -13.03
C SER A 346 10.14 37.45 -13.46
N GLY A 347 9.75 38.19 -14.50
CA GLY A 347 10.39 39.43 -14.86
C GLY A 347 11.61 39.32 -15.74
N GLY A 348 11.92 38.14 -16.27
CA GLY A 348 13.12 37.96 -17.06
C GLY A 348 13.45 36.48 -17.17
N THR A 349 14.66 36.21 -17.62
CA THR A 349 15.15 34.84 -17.74
C THR A 349 16.63 34.76 -17.39
N ASP A 350 17.01 33.62 -16.81
CA ASP A 350 18.39 33.26 -16.57
C ASP A 350 18.79 31.97 -17.26
N ASN A 351 17.93 31.42 -18.12
CA ASN A 351 18.25 30.15 -18.77
C ASN A 351 17.86 30.15 -20.25
N HIS A 352 17.44 29.00 -20.76
CA HIS A 352 17.22 28.81 -22.19
C HIS A 352 15.82 29.19 -22.65
N LEU A 353 14.92 29.58 -21.75
CA LEU A 353 13.54 29.81 -22.15
C LEU A 353 13.01 31.12 -21.58
N VAL A 354 11.86 31.51 -22.11
CA VAL A 354 11.15 32.74 -21.74
C VAL A 354 9.69 32.38 -21.49
N LEU A 355 9.13 32.88 -20.39
CA LEU A 355 7.71 32.67 -20.06
C LEU A 355 7.00 34.00 -20.31
N VAL A 356 6.26 34.07 -21.42
CA VAL A 356 5.58 35.30 -21.80
C VAL A 356 4.19 35.30 -21.20
N ASP A 357 3.79 36.42 -20.63
CA ASP A 357 2.45 36.60 -20.11
C ASP A 357 1.71 37.49 -21.10
N LEU A 358 0.77 36.89 -21.84
CA LEU A 358 0.05 37.61 -22.88
C LEU A 358 -1.18 38.36 -22.36
N ARG A 359 -1.53 38.17 -21.08
CA ARG A 359 -2.77 38.76 -20.58
C ARG A 359 -2.83 40.27 -20.74
N PRO A 360 -1.76 41.03 -20.47
CA PRO A 360 -1.85 42.49 -20.69
C PRO A 360 -2.11 42.87 -22.14
N LYS A 361 -1.74 42.02 -23.09
CA LYS A 361 -2.02 42.29 -24.50
C LYS A 361 -3.43 41.91 -24.91
N GLY A 362 -4.14 41.15 -24.08
CA GLY A 362 -5.51 40.79 -24.37
C GLY A 362 -5.70 39.53 -25.18
N LEU A 363 -4.70 38.66 -25.26
CA LEU A 363 -4.82 37.43 -26.05
C LEU A 363 -4.23 36.27 -25.26
N ASP A 364 -5.02 35.22 -25.07
CA ASP A 364 -4.60 34.08 -24.26
C ASP A 364 -3.66 33.15 -25.06
N GLY A 365 -3.00 32.25 -24.33
CA GLY A 365 -2.00 31.39 -24.94
C GLY A 365 -2.56 30.30 -25.83
N ALA A 366 -3.80 29.87 -25.60
CA ALA A 366 -4.40 28.89 -26.49
C ALA A 366 -4.68 29.49 -27.86
N ARG A 367 -5.23 30.70 -27.88
CA ARG A 367 -5.43 31.41 -29.15
C ARG A 367 -4.10 31.69 -29.83
N ALA A 368 -3.11 32.18 -29.07
CA ALA A 368 -1.82 32.55 -29.65
C ALA A 368 -1.09 31.33 -30.21
N GLU A 369 -1.06 30.22 -29.47
CA GLU A 369 -0.30 29.07 -29.94
C GLU A 369 -0.85 28.56 -31.26
N ARG A 370 -2.18 28.63 -31.43
CA ARG A 370 -2.78 28.12 -32.66
C ARG A 370 -2.49 29.03 -33.85
N VAL A 371 -2.59 30.35 -33.67
CA VAL A 371 -2.19 31.27 -34.75
C VAL A 371 -0.75 31.00 -35.15
N LEU A 372 0.16 30.92 -34.18
CA LEU A 372 1.58 30.67 -34.45
C LEU A 372 1.78 29.37 -35.21
N GLU A 373 1.11 28.29 -34.76
CA GLU A 373 1.21 27.01 -35.46
C GLU A 373 0.87 27.14 -36.94
N LEU A 374 -0.20 27.87 -37.27
CA LEU A 374 -0.61 28.02 -38.66
C LEU A 374 0.35 28.84 -39.50
N VAL A 375 1.28 29.56 -38.89
CA VAL A 375 2.33 30.25 -39.63
C VAL A 375 3.69 29.58 -39.42
N SER A 376 3.69 28.30 -39.02
CA SER A 376 4.90 27.47 -38.93
C SER A 376 5.81 27.85 -37.77
N ILE A 377 5.25 28.44 -36.73
CA ILE A 377 5.99 28.74 -35.51
C ILE A 377 5.39 27.88 -34.41
N THR A 378 6.20 26.99 -33.84
CA THR A 378 5.73 26.10 -32.79
C THR A 378 6.18 26.60 -31.43
N ALA A 379 5.20 26.97 -30.60
CA ALA A 379 5.39 27.38 -29.21
C ALA A 379 4.31 26.67 -28.41
N ASN A 380 4.31 26.80 -27.10
CA ASN A 380 3.22 26.16 -26.37
C ASN A 380 2.59 27.12 -25.37
N LYS A 381 1.27 27.01 -25.25
CA LYS A 381 0.57 27.77 -24.23
C LYS A 381 1.09 27.38 -22.85
N ASN A 382 1.03 28.33 -21.93
CA ASN A 382 1.66 28.17 -20.62
C ASN A 382 0.79 28.85 -19.57
N THR A 383 0.52 28.14 -18.48
CA THR A 383 -0.22 28.71 -17.38
C THR A 383 0.63 29.77 -16.67
N CYS A 384 -0.01 30.91 -16.35
CA CYS A 384 0.61 32.02 -15.65
C CYS A 384 0.00 32.16 -14.25
N PRO A 385 0.75 32.73 -13.30
CA PRO A 385 0.19 32.96 -11.97
C PRO A 385 -1.08 33.81 -12.06
N GLY A 386 -2.12 33.36 -11.37
CA GLY A 386 -3.39 34.06 -11.38
C GLY A 386 -4.37 33.62 -12.45
N ASP A 387 -3.94 32.79 -13.40
CA ASP A 387 -4.86 32.31 -14.43
C ASP A 387 -6.08 31.68 -13.78
N ARG A 388 -7.24 31.87 -14.42
CA ARG A 388 -8.48 31.28 -13.94
C ARG A 388 -8.92 30.05 -14.71
N SER A 389 -8.36 29.81 -15.89
CA SER A 389 -8.78 28.69 -16.72
C SER A 389 -7.57 28.06 -17.39
N ALA A 390 -7.48 26.73 -17.32
CA ALA A 390 -6.46 26.00 -18.05
C ALA A 390 -6.79 25.84 -19.52
N ILE A 391 -8.05 26.09 -19.92
CA ILE A 391 -8.40 26.01 -21.33
C ILE A 391 -7.87 27.21 -22.09
N THR A 392 -7.79 28.37 -21.45
CA THR A 392 -7.22 29.58 -22.03
C THR A 392 -6.17 30.13 -21.09
N PRO A 393 -5.03 29.44 -20.97
CA PRO A 393 -3.95 29.94 -20.10
C PRO A 393 -3.44 31.29 -20.60
N GLY A 394 -2.74 31.98 -19.71
CA GLY A 394 -2.41 33.36 -20.00
C GLY A 394 -1.16 33.60 -20.81
N GLY A 395 -0.34 32.58 -21.04
CA GLY A 395 1.01 32.82 -21.52
C GLY A 395 1.45 31.84 -22.60
N LEU A 396 2.70 32.02 -22.99
CA LEU A 396 3.39 31.13 -23.90
C LEU A 396 4.78 30.86 -23.34
N ARG A 397 5.27 29.65 -23.59
CA ARG A 397 6.65 29.29 -23.30
CA ARG A 397 6.65 29.30 -23.30
C ARG A 397 7.43 29.27 -24.61
N LEU A 398 8.56 29.98 -24.64
CA LEU A 398 9.40 30.08 -25.83
C LEU A 398 10.82 29.67 -25.48
N GLY A 399 11.44 28.82 -26.29
CA GLY A 399 12.77 28.34 -26.01
C GLY A 399 13.77 28.68 -27.10
N ALA A 400 15.03 28.78 -26.72
CA ALA A 400 16.13 29.06 -27.64
C ALA A 400 16.94 27.85 -28.13
N PRO A 401 16.93 26.67 -27.47
CA PRO A 401 17.90 25.62 -27.90
C PRO A 401 17.81 25.19 -29.36
N ALA A 402 16.61 24.94 -29.86
CA ALA A 402 16.47 24.32 -31.19
C ALA A 402 16.99 25.24 -32.29
N LEU A 403 16.56 26.50 -32.30
CA LEU A 403 17.01 27.40 -33.35
C LEU A 403 18.48 27.77 -33.17
N THR A 404 18.97 27.81 -31.93
CA THR A 404 20.40 28.04 -31.73
C THR A 404 21.22 26.94 -32.41
N SER A 405 20.69 25.71 -32.44
CA SER A 405 21.36 24.61 -33.14
C SER A 405 21.38 24.80 -34.64
N ARG A 406 20.56 25.71 -35.17
CA ARG A 406 20.52 26.08 -36.58
C ARG A 406 21.31 27.36 -36.87
N GLN A 407 22.21 27.74 -35.97
CA GLN A 407 23.09 28.91 -36.11
C GLN A 407 22.39 30.25 -35.93
N PHE A 408 21.20 30.26 -35.32
CA PHE A 408 20.58 31.53 -34.98
C PHE A 408 21.40 32.26 -33.94
N ARG A 409 21.51 33.58 -34.11
CA ARG A 409 22.11 34.46 -33.12
C ARG A 409 21.08 35.52 -32.70
N GLU A 410 21.54 36.52 -31.96
CA GLU A 410 20.60 37.44 -31.31
C GLU A 410 19.72 38.19 -32.31
N ASP A 411 20.32 38.69 -33.39
CA ASP A 411 19.52 39.40 -34.38
C ASP A 411 18.46 38.49 -34.99
N ASP A 412 18.79 37.22 -35.17
CA ASP A 412 17.82 36.29 -35.73
C ASP A 412 16.66 36.06 -34.77
N PHE A 413 16.93 35.99 -33.46
CA PHE A 413 15.85 35.90 -32.49
C PHE A 413 15.01 37.18 -32.45
N ARG A 414 15.60 38.34 -32.72
CA ARG A 414 14.78 39.54 -32.84
C ARG A 414 13.82 39.44 -34.01
N ARG A 415 14.28 38.86 -35.14
CA ARG A 415 13.37 38.62 -36.26
C ARG A 415 12.27 37.64 -35.86
N VAL A 416 12.61 36.60 -35.09
CA VAL A 416 11.59 35.67 -34.60
C VAL A 416 10.52 36.42 -33.81
N VAL A 417 10.93 37.33 -32.94
CA VAL A 417 9.96 38.09 -32.15
C VAL A 417 9.11 38.99 -33.05
N ASP A 418 9.69 39.58 -34.10
CA ASP A 418 8.89 40.32 -35.07
C ASP A 418 7.76 39.46 -35.62
N PHE A 419 8.07 38.22 -36.02
CA PHE A 419 7.05 37.32 -36.56
C PHE A 419 6.01 36.96 -35.50
N ILE A 420 6.46 36.65 -34.28
CA ILE A 420 5.52 36.34 -33.20
C ILE A 420 4.55 37.49 -32.99
N ASP A 421 5.06 38.72 -32.96
CA ASP A 421 4.21 39.88 -32.72
C ASP A 421 3.17 40.05 -33.83
N GLU A 422 3.57 39.80 -35.09
CA GLU A 422 2.59 39.80 -36.17
C GLU A 422 1.50 38.78 -35.92
N GLY A 423 1.89 37.57 -35.49
CA GLY A 423 0.90 36.54 -35.20
C GLY A 423 -0.03 36.94 -34.07
N VAL A 424 0.50 37.54 -33.01
CA VAL A 424 -0.34 37.99 -31.91
C VAL A 424 -1.34 39.02 -32.41
N ASN A 425 -0.91 39.93 -33.29
CA ASN A 425 -1.83 40.93 -33.83
C ASN A 425 -2.94 40.29 -34.65
N ILE A 426 -2.63 39.29 -35.46
CA ILE A 426 -3.67 38.55 -36.16
C ILE A 426 -4.64 37.93 -35.17
N GLY A 427 -4.10 37.31 -34.12
CA GLY A 427 -4.95 36.71 -33.11
C GLY A 427 -5.87 37.72 -32.44
N LEU A 428 -5.35 38.92 -32.18
CA LEU A 428 -6.20 39.95 -31.57
C LEU A 428 -7.32 40.37 -32.50
N GLU A 429 -7.04 40.47 -33.81
CA GLU A 429 -8.09 40.82 -34.75
C GLU A 429 -9.16 39.74 -34.81
N VAL A 430 -8.74 38.47 -34.88
CA VAL A 430 -9.70 37.38 -34.93
C VAL A 430 -10.52 37.31 -33.65
N LYS A 431 -9.86 37.57 -32.51
CA LYS A 431 -10.57 37.56 -31.24
C LYS A 431 -11.69 38.59 -31.20
N SER A 432 -11.46 39.75 -31.82
CA SER A 432 -12.50 40.77 -31.85
C SER A 432 -13.66 40.41 -32.76
N LYS A 433 -13.52 39.38 -33.59
CA LYS A 433 -14.55 38.97 -34.54
C LYS A 433 -15.21 37.65 -34.18
N THR A 434 -14.79 37.00 -33.09
CA THR A 434 -15.28 35.67 -32.76
C THR A 434 -15.58 35.60 -31.27
N ALA A 435 -16.37 34.59 -30.90
CA ALA A 435 -16.81 34.45 -29.51
C ALA A 435 -15.99 33.40 -28.77
N LYS A 436 -16.33 32.12 -28.95
CA LYS A 436 -15.69 31.05 -28.21
C LYS A 436 -14.39 30.63 -28.90
N LEU A 437 -13.60 29.83 -28.16
CA LEU A 437 -12.35 29.32 -28.72
C LEU A 437 -12.58 28.53 -29.99
N GLN A 438 -13.65 27.74 -30.04
CA GLN A 438 -13.94 26.98 -31.25
C GLN A 438 -14.27 27.90 -32.42
N ASP A 439 -14.94 29.02 -32.15
CA ASP A 439 -15.22 29.99 -33.22
C ASP A 439 -13.94 30.65 -33.70
N PHE A 440 -13.06 31.02 -32.76
CA PHE A 440 -11.75 31.56 -33.10
C PHE A 440 -10.99 30.59 -34.01
N LYS A 441 -10.90 29.32 -33.62
CA LYS A 441 -10.13 28.35 -34.38
C LYS A 441 -10.73 28.14 -35.77
N SER A 442 -12.06 28.09 -35.87
CA SER A 442 -12.71 27.94 -37.17
C SER A 442 -12.41 29.14 -38.07
N PHE A 443 -12.47 30.34 -37.50
CA PHE A 443 -12.26 31.56 -38.28
C PHE A 443 -10.89 31.55 -38.95
N LEU A 444 -9.88 31.04 -38.25
CA LEU A 444 -8.52 31.01 -38.80
C LEU A 444 -8.47 30.21 -40.10
N LEU A 445 -9.31 29.19 -40.24
CA LEU A 445 -9.34 28.34 -41.41
C LEU A 445 -10.34 28.78 -42.45
N LYS A 446 -11.49 29.34 -42.03
CA LYS A 446 -12.63 29.53 -42.92
C LYS A 446 -12.82 30.97 -43.39
N ASP A 447 -12.27 31.96 -42.69
CA ASP A 447 -12.41 33.35 -43.12
C ASP A 447 -11.36 33.64 -44.18
N SER A 448 -11.80 34.08 -45.36
CA SER A 448 -10.85 34.23 -46.47
C SER A 448 -9.79 35.28 -46.17
N GLU A 449 -10.20 36.44 -45.64
CA GLU A 449 -9.21 37.48 -45.33
C GLU A 449 -8.19 36.98 -44.32
N THR A 450 -8.65 36.31 -43.26
CA THR A 450 -7.74 35.80 -42.25
C THR A 450 -6.82 34.73 -42.83
N SER A 451 -7.37 33.80 -43.61
CA SER A 451 -6.53 32.74 -44.18
C SER A 451 -5.47 33.32 -45.12
N GLN A 452 -5.81 34.39 -45.86
CA GLN A 452 -4.82 35.03 -46.72
C GLN A 452 -3.72 35.70 -45.89
N ARG A 453 -4.10 36.37 -44.81
CA ARG A 453 -3.10 36.97 -43.92
C ARG A 453 -2.19 35.91 -43.31
N LEU A 454 -2.75 34.79 -42.89
CA LEU A 454 -1.93 33.71 -42.33
C LEU A 454 -1.00 33.14 -43.39
N ALA A 455 -1.51 32.93 -44.61
CA ALA A 455 -0.67 32.37 -45.67
C ALA A 455 0.50 33.29 -45.99
N ASN A 456 0.26 34.60 -46.00
CA ASN A 456 1.34 35.55 -46.29
C ASN A 456 2.40 35.51 -45.21
N LEU A 457 1.99 35.49 -43.94
CA LEU A 457 2.95 35.42 -42.86
C LEU A 457 3.68 34.08 -42.84
N ARG A 458 2.95 32.97 -43.09
CA ARG A 458 3.58 31.66 -43.16
C ARG A 458 4.66 31.64 -44.25
N GLN A 459 4.39 32.24 -45.40
CA GLN A 459 5.39 32.23 -46.46
C GLN A 459 6.66 32.96 -46.03
N ARG A 460 6.51 34.10 -45.35
CA ARG A 460 7.69 34.84 -44.90
C ARG A 460 8.44 34.09 -43.80
N VAL A 461 7.72 33.44 -42.89
CA VAL A 461 8.38 32.65 -41.86
C VAL A 461 9.20 31.53 -42.50
N GLU A 462 8.60 30.81 -43.43
CA GLU A 462 9.26 29.64 -44.01
C GLU A 462 10.44 30.04 -44.88
N GLN A 463 10.32 31.14 -45.61
CA GLN A 463 11.44 31.64 -46.39
C GLN A 463 12.62 32.00 -45.48
N PHE A 464 12.32 32.62 -44.34
CA PHE A 464 13.34 32.95 -43.36
C PHE A 464 13.97 31.68 -42.76
N ALA A 465 13.13 30.74 -42.30
CA ALA A 465 13.65 29.55 -41.61
C ALA A 465 14.46 28.64 -42.52
N ARG A 466 14.01 28.47 -43.77
CA ARG A 466 14.68 27.53 -44.66
C ARG A 466 16.13 27.92 -44.93
N ALA A 467 16.47 29.20 -44.81
CA ALA A 467 17.83 29.66 -45.10
C ALA A 467 18.85 29.23 -44.07
N PHE A 468 18.42 28.75 -42.91
CA PHE A 468 19.38 28.34 -41.91
C PHE A 468 19.68 26.85 -42.02
N PRO A 469 20.88 26.42 -41.63
CA PRO A 469 21.23 25.00 -41.74
C PRO A 469 20.52 24.18 -40.69
N MET A 470 20.66 22.87 -40.83
CA MET A 470 19.94 21.91 -39.99
C MET A 470 20.80 20.69 -39.68
N PRO A 471 21.04 20.37 -38.41
CA PRO A 471 21.76 19.12 -38.09
C PRO A 471 20.99 17.89 -38.54
N GLY A 472 21.73 16.82 -38.83
CA GLY A 472 21.16 15.53 -39.17
C GLY A 472 21.44 15.09 -40.59
N PHE A 473 20.63 14.15 -41.07
CA PHE A 473 20.67 13.73 -42.46
C PHE A 473 20.10 14.82 -43.37
N ASP A 474 20.33 14.67 -44.67
CA ASP A 474 19.89 15.71 -45.61
C ASP A 474 18.38 15.74 -45.74
N GLU A 475 17.74 14.58 -45.86
CA GLU A 475 16.33 14.54 -46.24
C GLU A 475 15.45 13.75 -45.28
N HIS A 476 15.98 13.22 -44.20
CA HIS A 476 15.17 12.39 -43.31
C HIS A 476 15.70 12.45 -41.90
N GLN B 7 46.35 27.31 -38.46
CA GLN B 7 45.20 26.47 -38.16
C GLN B 7 44.55 25.99 -39.45
N THR B 8 44.64 24.70 -39.71
CA THR B 8 44.19 24.15 -40.99
C THR B 8 43.38 22.88 -40.73
N GLY B 9 42.79 22.37 -41.80
CA GLY B 9 42.10 21.09 -41.74
C GLY B 9 40.94 21.15 -40.77
N GLU B 10 40.87 20.16 -39.88
CA GLU B 10 39.78 20.06 -38.93
C GLU B 10 39.74 21.25 -37.97
N ALA B 11 40.88 21.91 -37.74
CA ALA B 11 40.92 23.13 -36.93
C ALA B 11 40.37 24.33 -37.67
N ASN B 12 39.99 24.17 -38.94
CA ASN B 12 39.39 25.23 -39.75
C ASN B 12 38.15 24.66 -40.45
N ARG B 13 37.21 24.16 -39.66
CA ARG B 13 35.96 23.60 -40.19
C ARG B 13 34.92 23.65 -39.08
N GLY B 14 33.86 24.44 -39.29
CA GLY B 14 32.84 24.60 -38.26
C GLY B 14 31.94 23.38 -38.15
N TRP B 15 31.48 23.13 -36.93
CA TRP B 15 30.60 21.99 -36.64
C TRP B 15 29.25 22.18 -37.31
N THR B 16 28.74 21.11 -37.92
CA THR B 16 27.45 21.15 -38.59
C THR B 16 26.42 20.21 -38.00
N GLY B 17 26.83 19.20 -37.22
CA GLY B 17 25.90 18.15 -36.88
C GLY B 17 25.46 17.32 -38.07
N GLN B 18 26.16 17.45 -39.20
CA GLN B 18 25.96 16.61 -40.36
C GLN B 18 27.14 15.71 -40.64
N GLU B 19 28.18 15.78 -39.80
CA GLU B 19 29.34 14.91 -39.96
C GLU B 19 28.96 13.45 -39.80
N SER B 20 29.68 12.59 -40.52
CA SER B 20 29.49 11.14 -40.36
C SER B 20 30.12 10.65 -39.06
N LEU B 21 29.46 9.67 -38.43
CA LEU B 21 30.00 9.05 -37.22
C LEU B 21 31.43 8.56 -37.41
N SER B 22 31.72 7.95 -38.56
CA SER B 22 33.06 7.40 -38.76
C SER B 22 34.14 8.49 -38.71
N ASP B 23 33.80 9.72 -39.07
CA ASP B 23 34.75 10.83 -38.99
C ASP B 23 34.71 11.52 -37.64
N SER B 24 33.53 11.72 -37.07
CA SER B 24 33.42 12.57 -35.89
C SER B 24 33.72 11.83 -34.59
N ASP B 25 33.57 10.50 -34.56
CA ASP B 25 33.76 9.72 -33.35
C ASP B 25 34.36 8.38 -33.73
N PRO B 26 35.63 8.38 -34.14
CA PRO B 26 36.27 7.11 -34.54
C PRO B 26 36.22 6.04 -33.46
N GLU B 27 36.31 6.43 -32.18
CA GLU B 27 36.25 5.43 -31.11
C GLU B 27 34.92 4.68 -31.13
N MET B 28 33.81 5.42 -31.25
CA MET B 28 32.52 4.76 -31.31
C MET B 28 32.34 3.99 -32.61
N TRP B 29 32.80 4.54 -33.73
CA TRP B 29 32.66 3.84 -34.99
C TRP B 29 33.34 2.47 -34.95
N GLU B 30 34.54 2.42 -34.35
CA GLU B 30 35.24 1.14 -34.23
C GLU B 30 34.44 0.14 -33.38
N LEU B 31 33.82 0.63 -32.29
CA LEU B 31 33.00 -0.25 -31.46
C LEU B 31 31.79 -0.79 -32.23
N LEU B 32 31.11 0.07 -33.00
CA LEU B 32 29.99 -0.43 -33.79
C LEU B 32 30.43 -1.51 -34.77
N GLN B 33 31.55 -1.30 -35.46
CA GLN B 33 32.01 -2.29 -36.41
C GLN B 33 32.40 -3.59 -35.70
N ARG B 34 32.98 -3.49 -34.51
CA ARG B 34 33.31 -4.70 -33.76
C ARG B 34 32.06 -5.48 -33.37
N GLU B 35 30.99 -4.79 -32.99
CA GLU B 35 29.74 -5.49 -32.67
C GLU B 35 29.13 -6.13 -33.92
N LYS B 36 29.16 -5.44 -35.06
CA LYS B 36 28.68 -6.03 -36.30
C LYS B 36 29.47 -7.28 -36.65
N ASP B 37 30.80 -7.23 -36.51
CA ASP B 37 31.61 -8.41 -36.83
C ASP B 37 31.28 -9.56 -35.91
N ARG B 38 31.08 -9.28 -34.61
CA ARG B 38 30.69 -10.33 -33.68
C ARG B 38 29.36 -10.95 -34.07
N GLN B 39 28.37 -10.14 -34.46
CA GLN B 39 27.09 -10.67 -34.91
C GLN B 39 27.25 -11.56 -36.13
N CYS B 40 28.09 -11.16 -37.09
CA CYS B 40 28.20 -11.91 -38.34
C CYS B 40 28.97 -13.21 -38.17
N ARG B 41 29.94 -13.25 -37.26
CA ARG B 41 30.79 -14.43 -37.15
C ARG B 41 30.31 -15.45 -36.12
N GLY B 42 29.24 -15.16 -35.38
CA GLY B 42 28.76 -16.08 -34.38
C GLY B 42 27.53 -16.86 -34.81
N LEU B 43 27.26 -17.94 -34.08
CA LEU B 43 26.02 -18.68 -34.20
C LEU B 43 25.10 -18.21 -33.07
N GLU B 44 24.14 -17.35 -33.42
CA GLU B 44 23.23 -16.75 -32.44
C GLU B 44 22.07 -17.71 -32.18
N LEU B 45 22.07 -18.35 -31.00
CA LEU B 45 21.01 -19.26 -30.62
C LEU B 45 20.18 -18.74 -29.46
N ILE B 46 20.31 -17.47 -29.10
CA ILE B 46 19.43 -16.91 -28.08
C ILE B 46 18.05 -16.71 -28.69
N ALA B 47 17.03 -17.33 -28.08
CA ALA B 47 15.72 -17.42 -28.71
C ALA B 47 15.02 -16.07 -28.83
N SER B 48 15.43 -15.08 -28.04
CA SER B 48 14.85 -13.74 -28.10
C SER B 48 15.60 -12.80 -29.02
N GLU B 49 16.63 -13.27 -29.73
CA GLU B 49 17.43 -12.43 -30.59
C GLU B 49 16.98 -12.51 -32.04
N ASN B 50 17.20 -11.43 -32.77
CA ASN B 50 16.96 -11.42 -34.21
C ASN B 50 17.83 -10.33 -34.82
N PHE B 51 17.74 -10.18 -36.14
CA PHE B 51 18.53 -9.19 -36.87
C PHE B 51 17.58 -8.29 -37.64
N CYS B 52 17.57 -7.01 -37.28
CA CYS B 52 16.64 -6.04 -37.84
C CYS B 52 17.06 -5.60 -39.25
N SER B 53 16.07 -5.35 -40.10
CA SER B 53 16.33 -4.94 -41.47
C SER B 53 16.95 -3.54 -41.53
N ARG B 54 17.73 -3.30 -42.59
CA ARG B 54 18.24 -1.96 -42.85
C ARG B 54 17.13 -0.93 -42.94
N ALA B 55 16.01 -1.29 -43.60
CA ALA B 55 14.94 -0.32 -43.80
C ALA B 55 14.39 0.17 -42.47
N ALA B 56 14.17 -0.74 -41.52
CA ALA B 56 13.67 -0.32 -40.22
C ALA B 56 14.72 0.49 -39.47
N LEU B 57 15.99 0.09 -39.57
CA LEU B 57 17.05 0.85 -38.91
C LEU B 57 17.18 2.25 -39.47
N GLU B 58 16.94 2.44 -40.77
CA GLU B 58 17.01 3.78 -41.35
C GLU B 58 15.92 4.68 -40.79
N ALA B 59 14.73 4.12 -40.52
CA ALA B 59 13.70 4.92 -39.85
C ALA B 59 14.05 5.17 -38.38
N LEU B 60 14.69 4.21 -37.73
CA LEU B 60 15.04 4.33 -36.32
C LEU B 60 16.06 5.45 -36.09
N GLY B 61 17.01 5.63 -37.01
CA GLY B 61 17.98 6.69 -36.87
C GLY B 61 17.65 7.88 -37.73
N SER B 62 16.51 8.54 -37.46
CA SER B 62 15.99 9.58 -38.34
C SER B 62 15.61 10.82 -37.53
N CYS B 63 15.19 11.86 -38.27
CA CYS B 63 14.77 13.13 -37.65
C CYS B 63 13.53 12.98 -36.79
N LEU B 64 12.84 11.84 -36.84
CA LEU B 64 11.71 11.65 -35.93
C LEU B 64 12.13 11.68 -34.47
N ASN B 65 13.41 11.41 -34.18
CA ASN B 65 13.95 11.62 -32.83
C ASN B 65 13.71 13.03 -32.32
N ASN B 66 13.58 14.01 -33.23
CA ASN B 66 13.57 15.42 -32.85
C ASN B 66 12.17 15.95 -32.49
N LYS B 67 11.13 15.14 -32.46
CA LYS B 67 9.77 15.66 -32.26
C LYS B 67 9.19 15.18 -30.95
N TYR B 68 8.83 16.13 -30.07
CA TYR B 68 8.03 15.87 -28.88
C TYR B 68 6.57 15.81 -29.26
N SER B 69 5.90 14.70 -28.94
CA SER B 69 4.49 14.54 -29.31
C SER B 69 3.71 13.87 -28.19
N GLU B 70 3.90 14.33 -26.95
CA GLU B 70 3.11 13.82 -25.84
C GLU B 70 1.62 13.89 -26.17
N GLY B 71 0.90 12.85 -25.78
CA GLY B 71 -0.50 12.74 -26.13
C GLY B 71 -0.73 11.69 -27.19
N TYR B 72 -1.80 11.84 -27.96
CA TYR B 72 -2.19 10.87 -28.98
C TYR B 72 -2.59 11.63 -30.24
N PRO B 73 -2.64 10.95 -31.38
CA PRO B 73 -2.99 11.63 -32.64
C PRO B 73 -4.25 12.46 -32.50
N GLY B 74 -4.18 13.71 -32.96
CA GLY B 74 -5.29 14.63 -32.85
C GLY B 74 -5.57 15.15 -31.45
N LYS B 75 -4.80 14.71 -30.45
CA LYS B 75 -5.00 15.10 -29.05
C LYS B 75 -3.61 15.24 -28.42
N ARG B 76 -2.80 16.12 -28.98
CA ARG B 76 -1.44 16.36 -28.53
C ARG B 76 -1.38 17.60 -27.66
N TYR B 77 -0.34 17.65 -26.83
CA TYR B 77 -0.10 18.85 -26.04
C TYR B 77 0.47 19.96 -26.89
N TYR B 78 1.30 19.63 -27.89
CA TYR B 78 2.00 20.61 -28.70
C TYR B 78 1.54 20.52 -30.15
N GLY B 79 1.63 21.64 -30.86
CA GLY B 79 1.34 21.66 -32.28
C GLY B 79 2.48 21.11 -33.13
N GLY B 80 2.30 21.21 -34.44
CA GLY B 80 3.29 20.76 -35.39
C GLY B 80 3.38 19.26 -35.52
N ALA B 81 2.34 18.55 -35.13
CA ALA B 81 2.34 17.09 -35.06
C ALA B 81 1.67 16.42 -36.25
N GLU B 82 1.38 17.17 -37.32
CA GLU B 82 0.58 16.58 -38.39
C GLU B 82 1.23 15.34 -39.00
N VAL B 83 2.56 15.37 -39.19
CA VAL B 83 3.21 14.21 -39.79
C VAL B 83 3.37 13.08 -38.79
N VAL B 84 3.78 13.38 -37.55
CA VAL B 84 3.90 12.31 -36.57
C VAL B 84 2.55 11.68 -36.27
N ASP B 85 1.46 12.46 -36.34
CA ASP B 85 0.13 11.87 -36.22
C ASP B 85 -0.12 10.84 -37.31
N GLU B 86 0.20 11.18 -38.56
CA GLU B 86 0.03 10.22 -39.66
C GLU B 86 0.88 8.98 -39.45
N ILE B 87 2.11 9.14 -38.93
CA ILE B 87 2.99 8.00 -38.70
C ILE B 87 2.44 7.10 -37.59
N GLU B 88 1.99 7.69 -36.48
CA GLU B 88 1.47 6.88 -35.38
C GLU B 88 0.19 6.15 -35.80
N LEU B 89 -0.72 6.84 -36.51
CA LEU B 89 -1.91 6.16 -37.03
C LEU B 89 -1.55 5.06 -38.02
N LEU B 90 -0.58 5.30 -38.90
CA LEU B 90 -0.17 4.26 -39.83
C LEU B 90 0.39 3.05 -39.09
N CYS B 91 1.19 3.29 -38.05
CA CYS B 91 1.72 2.19 -37.26
C CYS B 91 0.60 1.39 -36.62
N GLN B 92 -0.41 2.09 -36.08
CA GLN B 92 -1.56 1.40 -35.49
C GLN B 92 -2.25 0.53 -36.53
N ARG B 93 -2.53 1.09 -37.71
CA ARG B 93 -3.21 0.33 -38.76
C ARG B 93 -2.39 -0.89 -39.15
N ARG B 94 -1.08 -0.73 -39.28
CA ARG B 94 -0.24 -1.85 -39.69
C ARG B 94 -0.16 -2.92 -38.61
N ALA B 95 -0.20 -2.52 -37.33
CA ALA B 95 -0.21 -3.49 -36.24
C ALA B 95 -1.48 -4.32 -36.27
N LEU B 96 -2.63 -3.67 -36.45
CA LEU B 96 -3.88 -4.40 -36.54
C LEU B 96 -3.90 -5.32 -37.77
N GLU B 97 -3.38 -4.83 -38.90
CA GLU B 97 -3.34 -5.65 -40.10
C GLU B 97 -2.45 -6.88 -39.90
N ALA B 98 -1.28 -6.70 -39.28
CA ALA B 98 -0.35 -7.81 -39.11
C ALA B 98 -0.96 -8.94 -38.30
N PHE B 99 -1.89 -8.61 -37.39
CA PHE B 99 -2.52 -9.60 -36.52
C PHE B 99 -3.96 -9.91 -36.91
N ASP B 100 -4.38 -9.47 -38.10
CA ASP B 100 -5.68 -9.81 -38.68
C ASP B 100 -6.84 -9.38 -37.78
N LEU B 101 -6.75 -8.15 -37.28
CA LEU B 101 -7.69 -7.63 -36.29
C LEU B 101 -8.62 -6.59 -36.90
N ASP B 102 -9.90 -6.70 -36.60
CA ASP B 102 -10.90 -5.72 -37.04
C ASP B 102 -10.77 -4.47 -36.19
N PRO B 103 -10.50 -3.30 -36.77
CA PRO B 103 -10.33 -2.09 -35.96
C PRO B 103 -11.58 -1.68 -35.19
N ALA B 104 -12.75 -2.21 -35.54
CA ALA B 104 -13.96 -1.96 -34.76
C ALA B 104 -13.98 -2.77 -33.48
N GLN B 105 -13.15 -3.81 -33.39
CA GLN B 105 -13.11 -4.70 -32.24
C GLN B 105 -11.82 -4.62 -31.44
N TRP B 106 -10.75 -4.06 -32.03
CA TRP B 106 -9.43 -4.02 -31.41
C TRP B 106 -8.81 -2.66 -31.63
N GLY B 107 -8.14 -2.14 -30.60
CA GLY B 107 -7.25 -1.01 -30.73
C GLY B 107 -5.84 -1.39 -30.30
N VAL B 108 -4.90 -0.49 -30.56
CA VAL B 108 -3.51 -0.75 -30.21
C VAL B 108 -2.83 0.56 -29.81
N ASN B 109 -2.00 0.47 -28.79
CA ASN B 109 -1.14 1.57 -28.36
C ASN B 109 0.28 1.24 -28.78
N VAL B 110 0.87 2.13 -29.58
CA VAL B 110 2.18 1.87 -30.19
C VAL B 110 3.29 2.63 -29.50
N GLN B 111 3.00 3.29 -28.37
CA GLN B 111 3.96 4.10 -27.63
C GLN B 111 4.84 3.37 -26.59
N PRO B 112 4.51 2.17 -26.10
CA PRO B 112 5.37 1.60 -25.04
C PRO B 112 6.83 1.53 -25.47
N TYR B 113 7.73 1.91 -24.55
CA TYR B 113 9.15 1.99 -24.90
C TYR B 113 9.79 0.62 -25.15
N SER B 114 9.26 -0.44 -24.55
CA SER B 114 9.79 -1.79 -24.70
C SER B 114 8.74 -2.76 -24.19
N GLY B 115 9.08 -4.06 -24.11
CA GLY B 115 8.12 -5.03 -23.64
C GLY B 115 7.77 -4.84 -22.17
N SER B 116 8.78 -4.58 -21.34
CA SER B 116 8.51 -4.39 -19.92
C SER B 116 7.66 -3.15 -19.66
N PRO B 117 7.91 -2.00 -20.28
CA PRO B 117 6.97 -0.87 -20.14
C PRO B 117 5.55 -1.19 -20.59
N ALA B 118 5.37 -2.03 -21.62
CA ALA B 118 4.03 -2.37 -22.06
C ALA B 118 3.26 -3.10 -20.96
N ASN B 119 3.89 -4.11 -20.36
CA ASN B 119 3.23 -4.84 -19.28
C ASN B 119 2.92 -3.93 -18.08
N LEU B 120 3.86 -3.08 -17.68
CA LEU B 120 3.61 -2.22 -16.53
C LEU B 120 2.42 -1.30 -16.79
N ALA B 121 2.29 -0.81 -18.03
CA ALA B 121 1.16 0.04 -18.36
C ALA B 121 -0.17 -0.71 -18.27
N VAL B 122 -0.20 -1.98 -18.70
CA VAL B 122 -1.43 -2.76 -18.56
C VAL B 122 -1.82 -2.89 -17.09
N TYR B 123 -0.87 -3.26 -16.23
CA TYR B 123 -1.18 -3.41 -14.81
C TYR B 123 -1.67 -2.08 -14.23
N THR B 124 -1.00 -0.99 -14.58
CA THR B 124 -1.38 0.32 -14.04
C THR B 124 -2.75 0.74 -14.55
N ALA B 125 -3.08 0.37 -15.78
CA ALA B 125 -4.37 0.72 -16.36
C ALA B 125 -5.51 -0.02 -15.67
N LEU B 126 -5.33 -1.31 -15.38
CA LEU B 126 -6.44 -2.17 -15.01
C LEU B 126 -6.51 -2.53 -13.54
N LEU B 127 -5.43 -2.31 -12.78
CA LEU B 127 -5.34 -2.77 -11.41
C LEU B 127 -5.05 -1.60 -10.48
N GLN B 128 -5.45 -1.74 -9.24
CA GLN B 128 -5.01 -0.84 -8.19
C GLN B 128 -3.72 -1.35 -7.58
N PRO B 129 -2.92 -0.49 -6.95
CA PRO B 129 -1.75 -0.98 -6.24
C PRO B 129 -2.13 -2.13 -5.30
N HIS B 130 -1.29 -3.17 -5.28
CA HIS B 130 -1.46 -4.35 -4.44
C HIS B 130 -2.54 -5.31 -4.94
N ASP B 131 -3.19 -5.04 -6.07
CA ASP B 131 -4.08 -6.03 -6.67
C ASP B 131 -3.28 -7.25 -7.14
N ARG B 132 -3.98 -8.37 -7.30
CA ARG B 132 -3.34 -9.67 -7.47
C ARG B 132 -3.18 -10.08 -8.93
N ILE B 133 -2.01 -10.63 -9.25
CA ILE B 133 -1.72 -11.13 -10.58
CA ILE B 133 -1.64 -11.10 -10.58
C ILE B 133 -1.07 -12.51 -10.44
N MET B 134 -1.30 -13.36 -11.45
CA MET B 134 -0.64 -14.66 -11.52
C MET B 134 0.05 -14.82 -12.87
N GLY B 135 1.32 -15.25 -12.84
CA GLY B 135 2.04 -15.58 -14.05
C GLY B 135 2.84 -16.85 -13.86
N LEU B 136 3.35 -17.39 -14.97
CA LEU B 136 4.18 -18.58 -14.89
C LEU B 136 5.48 -18.24 -14.16
N ASP B 137 5.87 -19.10 -13.22
CA ASP B 137 7.06 -18.83 -12.41
C ASP B 137 8.30 -18.69 -13.29
N LEU B 138 9.20 -17.81 -12.90
CA LEU B 138 10.40 -17.57 -13.72
C LEU B 138 11.18 -18.84 -14.00
N PRO B 139 11.56 -19.64 -13.01
CA PRO B 139 12.29 -20.88 -13.31
C PRO B 139 11.50 -21.85 -14.15
N ASP B 140 10.18 -21.71 -14.22
CA ASP B 140 9.32 -22.59 -14.99
C ASP B 140 9.08 -22.07 -16.40
N GLY B 141 9.62 -20.91 -16.74
CA GLY B 141 9.52 -20.40 -18.09
C GLY B 141 8.76 -19.10 -18.26
N GLY B 142 8.33 -18.43 -17.18
CA GLY B 142 7.71 -17.14 -17.27
C GLY B 142 8.74 -16.03 -17.43
N HIS B 143 8.25 -14.80 -17.44
CA HIS B 143 9.10 -13.61 -17.56
C HIS B 143 9.10 -12.83 -16.24
N LEU B 144 10.20 -12.12 -15.98
CA LEU B 144 10.30 -11.27 -14.80
C LEU B 144 9.07 -10.39 -14.63
N THR B 145 8.60 -9.78 -15.71
CA THR B 145 7.52 -8.79 -15.60
C THR B 145 6.17 -9.42 -15.32
N HIS B 146 6.10 -10.73 -15.16
CA HIS B 146 4.87 -11.40 -14.78
C HIS B 146 4.76 -11.54 -13.28
N GLY B 147 5.66 -10.93 -12.54
CA GLY B 147 5.48 -10.80 -11.11
C GLY B 147 6.45 -11.54 -10.25
N TYR B 148 7.71 -11.62 -10.64
CA TYR B 148 8.66 -12.49 -9.96
C TYR B 148 9.17 -11.92 -8.65
N MET B 149 9.09 -12.70 -7.60
CA MET B 149 9.86 -12.47 -6.38
C MET B 149 10.46 -13.80 -5.92
N SER B 150 11.58 -13.73 -5.21
CA SER B 150 12.22 -14.92 -4.70
C SER B 150 11.79 -15.16 -3.26
N ASP B 151 12.22 -16.30 -2.71
CA ASP B 151 12.01 -16.53 -1.30
C ASP B 151 12.67 -15.45 -0.45
N VAL B 152 13.55 -14.63 -1.04
CA VAL B 152 14.38 -13.72 -0.28
C VAL B 152 14.00 -12.25 -0.44
N LYS B 153 13.43 -11.86 -1.59
CA LYS B 153 12.99 -10.46 -1.70
C LYS B 153 12.27 -10.24 -3.02
N ARG B 154 11.67 -9.06 -3.14
CA ARG B 154 10.85 -8.72 -4.29
C ARG B 154 11.76 -8.23 -5.41
N ILE B 155 11.69 -8.90 -6.57
CA ILE B 155 12.65 -8.68 -7.64
C ILE B 155 12.07 -7.75 -8.70
N SER B 156 11.01 -8.20 -9.37
CA SER B 156 10.34 -7.36 -10.35
C SER B 156 9.51 -6.28 -9.67
N ALA B 157 9.47 -5.08 -10.28
CA ALA B 157 8.56 -4.05 -9.80
C ALA B 157 7.12 -4.53 -9.85
N THR B 158 6.82 -5.51 -10.70
CA THR B 158 5.46 -6.03 -10.73
CA THR B 158 5.47 -6.07 -10.74
C THR B 158 5.08 -6.69 -9.40
N SER B 159 6.07 -7.24 -8.68
CA SER B 159 5.83 -7.84 -7.37
CA SER B 159 5.83 -7.83 -7.36
C SER B 159 5.92 -6.83 -6.23
N ILE B 160 6.34 -5.60 -6.50
CA ILE B 160 6.39 -4.54 -5.50
C ILE B 160 5.10 -3.74 -5.49
N PHE B 161 4.68 -3.26 -6.66
CA PHE B 161 3.49 -2.45 -6.79
C PHE B 161 2.22 -3.28 -6.84
N PHE B 162 2.34 -4.58 -7.16
CA PHE B 162 1.21 -5.50 -7.22
C PHE B 162 1.58 -6.77 -6.45
N GLU B 163 0.59 -7.61 -6.19
CA GLU B 163 0.77 -8.83 -5.41
C GLU B 163 0.69 -10.02 -6.34
N SER B 164 1.83 -10.68 -6.56
CA SER B 164 1.90 -11.76 -7.52
C SER B 164 2.00 -13.12 -6.82
N MET B 165 1.46 -14.15 -7.48
CA MET B 165 1.66 -15.53 -7.05
C MET B 165 1.85 -16.33 -8.33
N PRO B 166 2.90 -17.15 -8.42
CA PRO B 166 3.15 -17.88 -9.66
C PRO B 166 2.26 -19.10 -9.82
N TYR B 167 2.10 -19.51 -11.08
CA TYR B 167 1.69 -20.87 -11.39
C TYR B 167 2.86 -21.64 -12.01
N LYS B 168 2.71 -22.95 -12.12
CA LYS B 168 3.84 -23.84 -12.28
C LYS B 168 3.63 -24.82 -13.44
N LEU B 169 4.75 -25.32 -13.95
CA LEU B 169 4.72 -26.49 -14.82
C LEU B 169 4.33 -27.74 -14.03
N ASN B 170 3.75 -28.70 -14.74
CA ASN B 170 3.74 -30.07 -14.26
C ASN B 170 5.15 -30.62 -14.45
N PRO B 171 5.89 -30.93 -13.37
CA PRO B 171 7.29 -31.32 -13.55
C PRO B 171 7.47 -32.59 -14.35
N LYS B 172 6.46 -33.45 -14.38
CA LYS B 172 6.61 -34.72 -15.08
C LYS B 172 6.43 -34.58 -16.58
N THR B 173 5.60 -33.63 -17.05
CA THR B 173 5.33 -33.47 -18.47
C THR B 173 6.04 -32.27 -19.07
N GLY B 174 6.53 -31.33 -18.25
CA GLY B 174 7.09 -30.11 -18.78
C GLY B 174 6.08 -29.13 -19.32
N LEU B 175 4.80 -29.38 -19.13
CA LEU B 175 3.74 -28.52 -19.64
C LEU B 175 3.14 -27.70 -18.50
N ILE B 176 2.57 -26.54 -18.84
CA ILE B 176 1.85 -25.74 -17.85
C ILE B 176 0.80 -26.61 -17.17
N ASP B 177 0.75 -26.56 -15.84
CA ASP B 177 -0.24 -27.36 -15.09
C ASP B 177 -1.52 -26.56 -15.00
N TYR B 178 -2.38 -26.69 -16.02
CA TYR B 178 -3.63 -25.94 -16.05
C TYR B 178 -4.55 -26.34 -14.90
N ASN B 179 -4.55 -27.61 -14.51
CA ASN B 179 -5.38 -28.05 -13.39
C ASN B 179 -5.00 -27.32 -12.11
N GLN B 180 -3.68 -27.22 -11.84
CA GLN B 180 -3.28 -26.57 -10.60
C GLN B 180 -3.49 -25.07 -10.67
N LEU B 181 -3.34 -24.48 -11.85
CA LEU B 181 -3.65 -23.06 -12.00
C LEU B 181 -5.11 -22.78 -11.65
N ALA B 182 -6.02 -23.61 -12.14
CA ALA B 182 -7.44 -23.42 -11.81
C ALA B 182 -7.67 -23.54 -10.32
N LEU B 183 -7.05 -24.55 -9.69
CA LEU B 183 -7.22 -24.77 -8.26
C LEU B 183 -6.71 -23.58 -7.46
N THR B 184 -5.50 -23.10 -7.76
CA THR B 184 -4.93 -22.02 -6.97
C THR B 184 -5.55 -20.66 -7.29
N ALA B 185 -6.00 -20.44 -8.53
CA ALA B 185 -6.67 -19.17 -8.84
C ALA B 185 -7.96 -19.01 -8.04
N ARG B 186 -8.65 -20.11 -7.74
CA ARG B 186 -9.85 -20.04 -6.92
C ARG B 186 -9.53 -19.58 -5.51
N LEU B 187 -8.35 -19.93 -5.00
CA LEU B 187 -7.96 -19.55 -3.64
C LEU B 187 -7.37 -18.14 -3.59
N PHE B 188 -6.51 -17.79 -4.56
CA PHE B 188 -5.79 -16.53 -4.56
C PHE B 188 -6.62 -15.38 -5.12
N ARG B 189 -7.58 -15.68 -5.99
CA ARG B 189 -8.48 -14.67 -6.55
C ARG B 189 -7.74 -13.56 -7.28
N PRO B 190 -6.93 -13.89 -8.29
CA PRO B 190 -6.22 -12.83 -9.03
C PRO B 190 -7.19 -11.95 -9.80
N ARG B 191 -6.80 -10.68 -9.97
CA ARG B 191 -7.52 -9.79 -10.85
C ARG B 191 -7.04 -9.90 -12.30
N LEU B 192 -5.87 -10.46 -12.53
CA LEU B 192 -5.31 -10.58 -13.88
C LEU B 192 -4.41 -11.81 -13.88
N ILE B 193 -4.54 -12.63 -14.93
CA ILE B 193 -3.67 -13.78 -15.16
C ILE B 193 -2.95 -13.57 -16.48
N ILE B 194 -1.64 -13.85 -16.49
CA ILE B 194 -0.81 -13.66 -17.69
C ILE B 194 -0.53 -15.00 -18.33
N ALA B 195 -0.86 -15.11 -19.62
CA ALA B 195 -0.53 -16.26 -20.45
C ALA B 195 0.58 -15.83 -21.41
N GLY B 196 1.79 -16.27 -21.13
CA GLY B 196 2.91 -15.90 -21.99
C GLY B 196 4.22 -16.36 -21.38
N THR B 197 5.19 -16.71 -22.22
CA THR B 197 6.39 -17.37 -21.73
C THR B 197 7.65 -16.76 -22.33
N SER B 198 8.77 -17.06 -21.66
CA SER B 198 10.10 -16.74 -22.14
C SER B 198 10.95 -17.97 -22.40
N ALA B 199 10.62 -19.12 -21.79
CA ALA B 199 11.34 -20.37 -22.01
C ALA B 199 10.36 -21.54 -21.97
N TYR B 200 9.55 -21.67 -23.02
CA TYR B 200 8.55 -22.72 -23.14
C TYR B 200 8.50 -23.11 -24.60
N ALA B 201 8.55 -24.41 -24.88
CA ALA B 201 8.64 -24.93 -26.23
C ALA B 201 7.30 -25.40 -26.78
N ARG B 202 6.21 -25.25 -26.03
CA ARG B 202 4.92 -25.76 -26.47
C ARG B 202 3.93 -24.61 -26.60
N LEU B 203 2.76 -24.92 -27.17
CA LEU B 203 1.72 -23.92 -27.40
C LEU B 203 0.85 -23.77 -26.15
N ILE B 204 0.53 -22.52 -25.80
CA ILE B 204 -0.30 -22.26 -24.62
C ILE B 204 -1.76 -22.53 -24.95
N ASP B 205 -2.47 -23.19 -24.04
CA ASP B 205 -3.90 -23.46 -24.23
C ASP B 205 -4.66 -22.20 -23.81
N TYR B 206 -4.76 -21.25 -24.75
CA TYR B 206 -5.40 -19.97 -24.41
C TYR B 206 -6.86 -20.14 -24.08
N ALA B 207 -7.55 -21.11 -24.69
CA ALA B 207 -8.95 -21.35 -24.34
C ALA B 207 -9.09 -21.76 -22.89
N ARG B 208 -8.22 -22.65 -22.41
CA ARG B 208 -8.25 -23.04 -21.00
C ARG B 208 -7.91 -21.86 -20.10
N MET B 209 -6.94 -21.03 -20.48
CA MET B 209 -6.63 -19.85 -19.68
C MET B 209 -7.84 -18.94 -19.56
N ARG B 210 -8.57 -18.75 -20.65
CA ARG B 210 -9.76 -17.92 -20.61
C ARG B 210 -10.85 -18.54 -19.75
N GLU B 211 -10.98 -19.88 -19.80
CA GLU B 211 -11.92 -20.55 -18.91
C GLU B 211 -11.63 -20.23 -17.45
N VAL B 212 -10.36 -20.34 -17.05
CA VAL B 212 -9.98 -20.03 -15.67
C VAL B 212 -10.32 -18.57 -15.35
N CYS B 213 -9.93 -17.66 -16.24
CA CYS B 213 -10.18 -16.24 -15.98
C CYS B 213 -11.66 -15.94 -15.88
N ASP B 214 -12.47 -16.54 -16.75
CA ASP B 214 -13.91 -16.32 -16.69
C ASP B 214 -14.48 -16.82 -15.36
N GLU B 215 -14.00 -17.98 -14.90
CA GLU B 215 -14.51 -18.53 -13.64
C GLU B 215 -14.21 -17.62 -12.46
N VAL B 216 -12.98 -17.14 -12.35
CA VAL B 216 -12.56 -16.33 -11.20
C VAL B 216 -12.73 -14.83 -11.43
N LYS B 217 -13.24 -14.42 -12.59
CA LYS B 217 -13.47 -13.01 -12.91
C LYS B 217 -12.17 -12.21 -12.93
N ALA B 218 -11.16 -12.78 -13.59
CA ALA B 218 -9.89 -12.10 -13.83
C ALA B 218 -9.77 -11.73 -15.31
N HIS B 219 -9.03 -10.66 -15.57
CA HIS B 219 -8.63 -10.33 -16.94
C HIS B 219 -7.57 -11.33 -17.41
N LEU B 220 -7.66 -11.72 -18.68
CA LEU B 220 -6.62 -12.53 -19.30
C LEU B 220 -5.72 -11.61 -20.14
N LEU B 221 -4.45 -11.54 -19.77
CA LEU B 221 -3.43 -10.86 -20.58
C LEU B 221 -2.58 -11.92 -21.25
N ALA B 222 -2.48 -11.86 -22.58
CA ALA B 222 -1.53 -12.69 -23.31
C ALA B 222 -0.30 -11.83 -23.59
N ASP B 223 0.85 -12.26 -23.08
CA ASP B 223 2.12 -11.58 -23.36
C ASP B 223 2.84 -12.45 -24.38
N MET B 224 2.71 -12.09 -25.65
CA MET B 224 3.17 -12.94 -26.75
C MET B 224 4.55 -12.52 -27.28
N ALA B 225 5.33 -11.78 -26.49
CA ALA B 225 6.60 -11.24 -26.98
C ALA B 225 7.45 -12.27 -27.71
N HIS B 226 7.58 -13.48 -27.16
CA HIS B 226 8.51 -14.44 -27.77
C HIS B 226 8.00 -14.96 -29.12
N ILE B 227 6.68 -15.02 -29.29
CA ILE B 227 6.06 -15.74 -30.39
C ILE B 227 5.31 -14.82 -31.35
N SER B 228 5.43 -13.50 -31.18
CA SER B 228 4.53 -12.60 -31.91
C SER B 228 4.65 -12.75 -33.43
N GLY B 229 5.87 -12.95 -33.95
CA GLY B 229 6.01 -13.14 -35.38
C GLY B 229 5.32 -14.39 -35.87
N LEU B 230 5.41 -15.47 -35.09
CA LEU B 230 4.75 -16.72 -35.45
C LEU B 230 3.24 -16.54 -35.47
N VAL B 231 2.72 -15.75 -34.52
CA VAL B 231 1.29 -15.44 -34.48
C VAL B 231 0.89 -14.62 -35.70
N ALA B 232 1.66 -13.56 -36.01
CA ALA B 232 1.34 -12.73 -37.16
C ALA B 232 1.30 -13.54 -38.44
N ALA B 233 2.26 -14.46 -38.60
CA ALA B 233 2.35 -15.30 -39.80
C ALA B 233 1.29 -16.40 -39.84
N LYS B 234 0.53 -16.58 -38.76
CA LYS B 234 -0.52 -17.59 -38.68
C LYS B 234 0.06 -19.00 -38.78
N VAL B 235 1.29 -19.19 -38.28
CA VAL B 235 1.88 -20.52 -38.24
C VAL B 235 1.64 -21.24 -36.91
N ILE B 236 1.19 -20.54 -35.88
CA ILE B 236 0.69 -21.14 -34.63
C ILE B 236 -0.62 -20.46 -34.28
N PRO B 237 -1.42 -21.03 -33.37
CA PRO B 237 -2.70 -20.38 -33.02
C PRO B 237 -2.52 -19.03 -32.34
N SER B 238 -3.52 -18.16 -32.51
CA SER B 238 -3.44 -16.77 -32.08
C SER B 238 -4.04 -16.58 -30.69
N PRO B 239 -3.35 -15.89 -29.78
CA PRO B 239 -3.97 -15.56 -28.49
C PRO B 239 -5.13 -14.59 -28.62
N PHE B 240 -5.23 -13.85 -29.72
CA PHE B 240 -6.31 -12.89 -29.88
C PHE B 240 -7.68 -13.55 -29.94
N LYS B 241 -7.74 -14.86 -30.20
CA LYS B 241 -9.02 -15.56 -30.17
C LYS B 241 -9.61 -15.65 -28.77
N HIS B 242 -8.79 -15.51 -27.73
CA HIS B 242 -9.23 -15.77 -26.36
C HIS B 242 -8.85 -14.72 -25.34
N ALA B 243 -7.86 -13.86 -25.62
CA ALA B 243 -7.43 -12.84 -24.69
C ALA B 243 -8.06 -11.50 -25.07
N ASP B 244 -8.34 -10.69 -24.07
CA ASP B 244 -8.85 -9.35 -24.33
C ASP B 244 -7.79 -8.26 -24.28
N ILE B 245 -6.60 -8.56 -23.75
CA ILE B 245 -5.44 -7.67 -23.83
C ILE B 245 -4.27 -8.52 -24.30
N VAL B 246 -3.46 -7.98 -25.20
CA VAL B 246 -2.27 -8.67 -25.68
C VAL B 246 -1.11 -7.68 -25.69
N THR B 247 -0.01 -8.05 -25.04
CA THR B 247 1.21 -7.26 -25.12
C THR B 247 2.27 -8.00 -25.92
N THR B 248 3.23 -7.24 -26.45
CA THR B 248 4.36 -7.82 -27.14
C THR B 248 5.47 -6.80 -27.26
N THR B 249 6.69 -7.31 -27.39
CA THR B 249 7.80 -6.57 -27.96
C THR B 249 7.62 -6.46 -29.48
N THR B 250 8.34 -5.53 -30.08
CA THR B 250 8.35 -5.39 -31.53
C THR B 250 9.62 -5.97 -32.15
N HIS B 251 10.60 -6.34 -31.33
CA HIS B 251 11.78 -7.04 -31.76
C HIS B 251 11.52 -8.56 -31.69
N1 LLP B 252 7.69 -10.39 -21.83
C2 LLP B 252 8.13 -11.42 -22.51
C2' LLP B 252 7.32 -12.67 -22.53
C3 LLP B 252 9.34 -11.38 -23.22
O3 LLP B 252 9.69 -12.48 -23.87
C4 LLP B 252 10.12 -10.21 -23.18
C4' LLP B 252 11.34 -10.16 -23.97
C5 LLP B 252 9.60 -9.12 -22.45
C6 LLP B 252 8.42 -9.28 -21.79
C5' LLP B 252 10.26 -7.79 -22.23
OP4 LLP B 252 10.74 -7.11 -23.34
P LLP B 252 11.92 -5.90 -23.05
OP1 LLP B 252 11.88 -5.16 -24.39
OP2 LLP B 252 11.45 -5.10 -21.85
OP3 LLP B 252 13.22 -6.66 -22.78
N LLP B 252 12.51 -9.36 -31.30
CA LLP B 252 12.32 -10.82 -31.26
CB LLP B 252 11.46 -11.23 -30.04
CG LLP B 252 12.03 -10.64 -28.73
CD LLP B 252 11.49 -11.24 -27.44
CE LLP B 252 12.25 -10.79 -26.18
NZ LLP B 252 11.29 -10.79 -25.09
C LLP B 252 11.77 -11.36 -32.59
O LLP B 252 12.25 -10.97 -33.65
H2'1 LLP B 252 7.57 -13.22 -23.29
H2'2 LLP B 252 6.38 -12.45 -22.60
H2'3 LLP B 252 7.47 -13.18 -21.72
HO3 LLP B 252 9.55 -12.32 -24.70
H4'1 LLP B 252 12.10 -9.70 -23.68
H6 LLP B 252 8.06 -8.59 -21.29
H5'1 LLP B 252 10.98 -7.95 -21.60
H5'2 LLP B 252 9.61 -7.24 -21.76
N THR B 253 10.76 -12.24 -32.57
CA THR B 253 10.30 -12.86 -33.82
C THR B 253 9.63 -11.90 -34.81
N LEU B 254 9.24 -10.70 -34.36
CA LEU B 254 8.70 -9.69 -35.27
C LEU B 254 9.80 -8.94 -36.01
N ARG B 255 11.04 -9.01 -35.54
CA ARG B 255 12.20 -8.56 -36.30
C ARG B 255 12.23 -7.03 -36.50
N GLY B 256 11.67 -6.27 -35.55
CA GLY B 256 11.66 -4.83 -35.64
C GLY B 256 12.69 -4.17 -34.73
N ALA B 257 12.61 -2.85 -34.65
CA ALA B 257 13.36 -2.12 -33.65
C ALA B 257 12.80 -2.44 -32.27
N ARG B 258 13.60 -2.19 -31.23
CA ARG B 258 13.16 -2.46 -29.85
C ARG B 258 12.07 -1.48 -29.43
N SER B 259 10.92 -2.03 -29.05
CA SER B 259 9.77 -1.23 -28.64
C SER B 259 8.70 -2.19 -28.15
N GLY B 260 7.51 -1.67 -27.83
CA GLY B 260 6.43 -2.51 -27.35
C GLY B 260 5.10 -2.10 -27.94
N LEU B 261 4.12 -3.00 -27.79
CA LEU B 261 2.75 -2.75 -28.23
C LEU B 261 1.78 -3.28 -27.18
N ILE B 262 0.65 -2.59 -27.04
CA ILE B 262 -0.48 -3.08 -26.24
C ILE B 262 -1.72 -3.10 -27.12
N PHE B 263 -2.29 -4.29 -27.35
CA PHE B 263 -3.55 -4.45 -28.05
C PHE B 263 -4.67 -4.67 -27.04
N TYR B 264 -5.86 -4.15 -27.34
CA TYR B 264 -6.97 -4.27 -26.40
C TYR B 264 -8.29 -4.33 -27.17
N ARG B 265 -9.24 -5.09 -26.63
CA ARG B 265 -10.58 -5.08 -27.20
C ARG B 265 -11.24 -3.73 -27.01
N LYS B 266 -12.06 -3.35 -27.99
CA LYS B 266 -12.83 -2.12 -27.90
C LYS B 266 -14.17 -2.34 -28.59
N GLY B 267 -15.04 -1.34 -28.47
CA GLY B 267 -16.36 -1.45 -29.05
C GLY B 267 -17.32 -2.24 -28.18
N VAL B 268 -18.30 -2.86 -28.83
CA VAL B 268 -19.38 -3.52 -28.11
C VAL B 268 -18.88 -4.82 -27.50
N LYS B 269 -19.10 -4.98 -26.19
CA LYS B 269 -18.82 -6.24 -25.51
C LYS B 269 -20.13 -7.02 -25.37
N ILE B 279 -23.43 -2.37 -24.27
CA ILE B 279 -22.41 -2.48 -23.24
C ILE B 279 -21.04 -2.54 -23.87
N PRO B 280 -20.23 -1.50 -23.66
CA PRO B 280 -18.93 -1.43 -24.32
C PRO B 280 -17.79 -1.96 -23.45
N TYR B 281 -16.71 -2.35 -24.12
CA TYR B 281 -15.46 -2.58 -23.43
C TYR B 281 -14.95 -1.26 -22.85
N THR B 282 -14.15 -1.37 -21.80
CA THR B 282 -13.64 -0.19 -21.10
C THR B 282 -12.11 -0.23 -20.97
N PHE B 283 -11.43 -0.94 -21.88
CA PHE B 283 -9.98 -1.03 -21.80
C PHE B 283 -9.30 0.19 -22.42
N GLU B 284 -9.82 0.68 -23.54
CA GLU B 284 -9.09 1.62 -24.39
C GLU B 284 -8.63 2.86 -23.62
N ASP B 285 -9.57 3.56 -23.00
CA ASP B 285 -9.19 4.82 -22.34
C ASP B 285 -8.23 4.59 -21.17
N ARG B 286 -8.44 3.51 -20.41
CA ARG B 286 -7.56 3.22 -19.28
C ARG B 286 -6.16 2.87 -19.74
N ILE B 287 -6.04 2.04 -20.79
CA ILE B 287 -4.72 1.65 -21.30
CA ILE B 287 -4.72 1.66 -21.29
C ILE B 287 -3.99 2.88 -21.84
N ASN B 288 -4.66 3.67 -22.66
CA ASN B 288 -4.00 4.83 -23.26
C ASN B 288 -3.57 5.82 -22.17
N PHE B 289 -4.43 6.03 -21.16
CA PHE B 289 -4.09 6.98 -20.10
C PHE B 289 -2.92 6.47 -19.27
N ALA B 290 -2.84 5.15 -19.03
CA ALA B 290 -1.72 4.61 -18.26
C ALA B 290 -0.39 4.84 -18.97
N VAL B 291 -0.35 4.63 -20.30
CA VAL B 291 0.88 4.88 -21.03
C VAL B 291 1.26 6.35 -20.94
N PHE B 292 0.30 7.23 -21.20
CA PHE B 292 0.53 8.66 -21.06
C PHE B 292 -0.82 9.30 -20.74
N PRO B 293 -0.90 10.14 -19.68
CA PRO B 293 0.21 10.75 -18.92
C PRO B 293 0.76 9.94 -17.74
N SER B 294 0.26 8.74 -17.42
CA SER B 294 0.63 8.16 -16.13
C SER B 294 2.10 7.74 -16.08
N LEU B 295 2.58 6.97 -17.05
CA LEU B 295 3.88 6.33 -16.94
C LEU B 295 4.98 6.97 -17.79
N GLN B 296 4.72 7.18 -19.07
CA GLN B 296 5.75 7.59 -20.00
C GLN B 296 5.73 9.09 -20.22
N GLY B 297 6.75 9.58 -20.92
CA GLY B 297 6.78 10.96 -21.41
C GLY B 297 6.57 11.02 -22.90
N GLY B 298 7.44 11.75 -23.60
CA GLY B 298 7.32 11.85 -25.04
C GLY B 298 7.52 10.49 -25.69
N PRO B 299 6.68 10.15 -26.67
CA PRO B 299 6.91 8.92 -27.44
C PRO B 299 8.23 9.01 -28.20
N HIS B 300 8.75 7.84 -28.55
CA HIS B 300 9.94 7.76 -29.39
C HIS B 300 9.47 7.53 -30.81
N ASN B 301 9.25 8.62 -31.55
CA ASN B 301 8.64 8.54 -32.86
C ASN B 301 9.51 7.81 -33.86
N HIS B 302 10.83 7.88 -33.71
CA HIS B 302 11.72 7.11 -34.57
C HIS B 302 11.50 5.61 -34.38
N ALA B 303 11.28 5.16 -33.14
CA ALA B 303 10.97 3.76 -32.89
C ALA B 303 9.61 3.39 -33.45
N ILE B 304 8.60 4.25 -33.27
CA ILE B 304 7.28 4.01 -33.84
C ILE B 304 7.37 3.81 -35.35
N ALA B 305 8.13 4.68 -36.03
CA ALA B 305 8.27 4.53 -37.48
C ALA B 305 8.98 3.23 -37.83
N ALA B 306 10.06 2.89 -37.14
CA ALA B 306 10.78 1.64 -37.41
C ALA B 306 9.88 0.43 -37.19
N VAL B 307 9.06 0.47 -36.12
CA VAL B 307 8.10 -0.60 -35.87
C VAL B 307 7.11 -0.71 -37.03
N ALA B 308 6.60 0.43 -37.51
CA ALA B 308 5.69 0.41 -38.65
C ALA B 308 6.31 -0.27 -39.87
N VAL B 309 7.60 0.00 -40.12
CA VAL B 309 8.29 -0.64 -41.24
C VAL B 309 8.29 -2.16 -41.07
N ALA B 310 8.64 -2.62 -39.85
CA ALA B 310 8.70 -4.05 -39.58
C ALA B 310 7.32 -4.69 -39.63
N LEU B 311 6.29 -3.98 -39.17
CA LEU B 311 4.93 -4.55 -39.20
C LEU B 311 4.45 -4.74 -40.64
N LYS B 312 4.78 -3.81 -41.53
CA LYS B 312 4.47 -4.01 -42.95
C LYS B 312 5.18 -5.25 -43.50
N GLN B 313 6.46 -5.43 -43.14
CA GLN B 313 7.16 -6.64 -43.55
C GLN B 313 6.45 -7.88 -43.03
N ALA B 314 5.92 -7.82 -41.81
CA ALA B 314 5.28 -8.97 -41.18
C ALA B 314 3.98 -9.37 -41.86
N CYS B 315 3.42 -8.52 -42.73
CA CYS B 315 2.19 -8.82 -43.45
C CYS B 315 2.42 -9.58 -44.75
N THR B 316 3.68 -9.81 -45.15
CA THR B 316 3.96 -10.31 -46.49
C THR B 316 4.05 -11.82 -46.55
N PRO B 317 3.92 -12.39 -47.74
CA PRO B 317 4.24 -13.82 -47.91
C PRO B 317 5.65 -14.18 -47.51
N MET B 318 6.61 -13.29 -47.77
CA MET B 318 7.99 -13.51 -47.33
C MET B 318 8.03 -13.82 -45.85
N PHE B 319 7.27 -13.07 -45.04
CA PHE B 319 7.35 -13.24 -43.59
C PHE B 319 6.67 -14.53 -43.15
N ARG B 320 5.61 -14.94 -43.84
CA ARG B 320 5.02 -16.24 -43.51
C ARG B 320 5.99 -17.37 -43.83
N GLU B 321 6.70 -17.28 -44.97
CA GLU B 321 7.69 -18.31 -45.27
C GLU B 321 8.82 -18.31 -44.24
N TYR B 322 9.28 -17.11 -43.85
CA TYR B 322 10.26 -17.00 -42.78
C TYR B 322 9.78 -17.71 -41.52
N SER B 323 8.54 -17.44 -41.10
CA SER B 323 8.03 -17.99 -39.85
C SER B 323 7.85 -19.50 -39.93
N LEU B 324 7.38 -20.01 -41.08
CA LEU B 324 7.33 -21.46 -41.27
C LEU B 324 8.73 -22.06 -41.19
N GLN B 325 9.72 -21.38 -41.77
CA GLN B 325 11.08 -21.90 -41.70
C GLN B 325 11.62 -21.90 -40.28
N VAL B 326 11.26 -20.89 -39.47
CA VAL B 326 11.64 -20.89 -38.06
C VAL B 326 11.13 -22.16 -37.38
N LEU B 327 9.86 -22.51 -37.61
CA LEU B 327 9.32 -23.74 -37.01
C LEU B 327 10.06 -24.96 -37.50
N LYS B 328 10.28 -25.06 -38.82
CA LYS B 328 10.97 -26.22 -39.37
C LYS B 328 12.39 -26.32 -38.83
N ASN B 329 13.06 -25.17 -38.66
CA ASN B 329 14.44 -25.20 -38.17
C ASN B 329 14.49 -25.61 -36.70
N ALA B 330 13.55 -25.13 -35.88
CA ALA B 330 13.52 -25.58 -34.48
C ALA B 330 13.28 -27.08 -34.40
N ARG B 331 12.38 -27.62 -35.22
CA ARG B 331 12.12 -29.05 -35.24
C ARG B 331 13.36 -29.82 -35.70
N ALA B 332 14.07 -29.30 -36.71
CA ALA B 332 15.27 -29.98 -37.19
C ALA B 332 16.36 -29.99 -36.11
N MET B 333 16.49 -28.87 -35.39
CA MET B 333 17.43 -28.81 -34.27
C MET B 333 17.06 -29.82 -33.20
N ALA B 334 15.76 -29.89 -32.85
CA ALA B 334 15.30 -30.85 -31.86
C ALA B 334 15.59 -32.29 -32.28
N ASP B 335 15.28 -32.63 -33.54
CA ASP B 335 15.52 -33.98 -34.03
C ASP B 335 17.01 -34.31 -34.00
N ALA B 336 17.85 -33.37 -34.44
CA ALA B 336 19.30 -33.62 -34.44
C ALA B 336 19.81 -33.86 -33.03
N LEU B 337 19.30 -33.11 -32.05
CA LEU B 337 19.70 -33.33 -30.67
C LEU B 337 19.26 -34.72 -30.18
N LEU B 338 18.01 -35.09 -30.47
CA LEU B 338 17.55 -36.42 -30.10
C LEU B 338 18.42 -37.50 -30.71
N GLU B 339 18.82 -37.33 -31.98
CA GLU B 339 19.64 -38.33 -32.65
C GLU B 339 21.02 -38.45 -32.02
N ARG B 340 21.50 -37.39 -31.38
CA ARG B 340 22.79 -37.41 -30.71
C ARG B 340 22.69 -37.75 -29.22
N GLY B 341 21.55 -38.24 -28.78
CA GLY B 341 21.43 -38.74 -27.42
C GLY B 341 20.95 -37.74 -26.40
N TYR B 342 20.59 -36.54 -26.80
CA TYR B 342 20.11 -35.54 -25.86
C TYR B 342 18.65 -35.77 -25.50
N SER B 343 18.26 -35.24 -24.34
CA SER B 343 16.88 -35.25 -23.89
C SER B 343 16.32 -33.84 -23.98
N LEU B 344 15.03 -33.74 -24.30
CA LEU B 344 14.37 -32.45 -24.46
C LEU B 344 13.24 -32.31 -23.45
N VAL B 345 13.16 -31.16 -22.78
CA VAL B 345 12.04 -30.90 -21.90
C VAL B 345 10.76 -30.82 -22.73
N SER B 346 9.72 -31.55 -22.29
CA SER B 346 8.47 -31.75 -23.01
C SER B 346 8.62 -32.63 -24.26
N GLY B 347 9.81 -33.14 -24.54
CA GLY B 347 9.98 -34.11 -25.60
C GLY B 347 10.08 -33.55 -27.01
N GLY B 348 10.12 -32.23 -27.18
CA GLY B 348 10.15 -31.67 -28.51
C GLY B 348 9.73 -30.21 -28.46
N THR B 349 9.40 -29.69 -29.63
CA THR B 349 9.01 -28.28 -29.75
C THR B 349 7.89 -28.11 -30.74
N ASP B 350 6.99 -27.16 -30.44
CA ASP B 350 5.98 -26.68 -31.38
C ASP B 350 6.18 -25.20 -31.72
N ASN B 351 7.32 -24.62 -31.35
CA ASN B 351 7.53 -23.21 -31.67
C ASN B 351 8.95 -22.95 -32.15
N HIS B 352 9.51 -21.79 -31.81
CA HIS B 352 10.79 -21.33 -32.31
C HIS B 352 11.99 -21.80 -31.50
N LEU B 353 11.79 -22.50 -30.37
CA LEU B 353 12.92 -22.81 -29.50
C LEU B 353 12.87 -24.25 -29.03
N VAL B 354 14.01 -24.71 -28.49
CA VAL B 354 14.19 -26.05 -27.97
C VAL B 354 14.76 -25.94 -26.57
N LEU B 355 14.23 -26.75 -25.65
CA LEU B 355 14.71 -26.80 -24.26
C LEU B 355 15.45 -28.13 -24.08
N VAL B 356 16.77 -28.08 -23.97
CA VAL B 356 17.58 -29.28 -23.82
C VAL B 356 17.80 -29.56 -22.35
N ASP B 357 17.64 -30.82 -21.95
CA ASP B 357 17.96 -31.28 -20.60
C ASP B 357 19.31 -31.99 -20.68
N LEU B 358 20.36 -31.33 -20.21
CA LEU B 358 21.71 -31.89 -20.29
C LEU B 358 22.03 -32.86 -19.15
N ARG B 359 21.14 -33.00 -18.17
CA ARG B 359 21.47 -33.80 -17.00
C ARG B 359 21.87 -35.23 -17.34
N PRO B 360 21.17 -35.94 -18.22
CA PRO B 360 21.61 -37.31 -18.54
C PRO B 360 22.97 -37.37 -19.22
N LYS B 361 23.37 -36.30 -19.91
CA LYS B 361 24.69 -36.23 -20.53
C LYS B 361 25.80 -35.97 -19.51
N GLY B 362 25.46 -35.50 -18.31
CA GLY B 362 26.46 -35.27 -17.29
C GLY B 362 27.10 -33.90 -17.29
N LEU B 363 26.47 -32.90 -17.90
CA LEU B 363 27.01 -31.56 -17.93
C LEU B 363 25.88 -30.56 -17.71
N ASP B 364 26.11 -29.60 -16.83
CA ASP B 364 25.06 -28.64 -16.54
C ASP B 364 25.09 -27.48 -17.54
N GLY B 365 24.02 -26.68 -17.51
CA GLY B 365 23.86 -25.60 -18.47
C GLY B 365 24.80 -24.42 -18.26
N ALA B 366 25.24 -24.18 -17.02
CA ALA B 366 26.21 -23.12 -16.79
C ALA B 366 27.55 -23.48 -17.44
N ARG B 367 28.01 -24.71 -17.23
CA ARG B 367 29.24 -25.15 -17.88
C ARG B 367 29.09 -25.12 -19.40
N ALA B 368 27.97 -25.67 -19.92
CA ALA B 368 27.78 -25.75 -21.35
C ALA B 368 27.72 -24.37 -21.99
N GLU B 369 26.94 -23.46 -21.39
CA GLU B 369 26.80 -22.14 -21.98
C GLU B 369 28.14 -21.43 -22.10
N ARG B 370 29.02 -21.62 -21.11
CA ARG B 370 30.31 -20.91 -21.15
C ARG B 370 31.23 -21.50 -22.23
N VAL B 371 31.29 -22.83 -22.35
CA VAL B 371 32.07 -23.42 -23.42
C VAL B 371 31.57 -22.92 -24.77
N LEU B 372 30.25 -22.93 -24.96
CA LEU B 372 29.70 -22.50 -26.24
C LEU B 372 30.06 -21.04 -26.53
N GLU B 373 29.94 -20.17 -25.52
CA GLU B 373 30.28 -18.76 -25.74
C GLU B 373 31.72 -18.60 -26.23
N LEU B 374 32.64 -19.37 -25.68
CA LEU B 374 34.04 -19.26 -26.06
C LEU B 374 34.32 -19.76 -27.47
N VAL B 375 33.40 -20.49 -28.08
CA VAL B 375 33.52 -20.87 -29.49
C VAL B 375 32.50 -20.11 -30.36
N SER B 376 32.02 -18.96 -29.87
CA SER B 376 31.18 -18.04 -30.64
C SER B 376 29.77 -18.58 -30.89
N ILE B 377 29.28 -19.45 -30.01
CA ILE B 377 27.89 -19.90 -30.05
C ILE B 377 27.21 -19.36 -28.80
N THR B 378 26.21 -18.51 -28.99
CA THR B 378 25.51 -17.91 -27.86
C THR B 378 24.20 -18.62 -27.61
N ALA B 379 24.07 -19.24 -26.43
CA ALA B 379 22.86 -19.90 -25.98
C ALA B 379 22.70 -19.54 -24.51
N ASN B 380 21.62 -19.98 -23.88
CA ASN B 380 21.46 -19.66 -22.47
C ASN B 380 21.19 -20.89 -21.63
N LYS B 381 21.85 -20.94 -20.47
CA LYS B 381 21.53 -21.95 -19.48
C LYS B 381 20.07 -21.81 -19.07
N ASN B 382 19.46 -22.93 -18.71
CA ASN B 382 18.01 -22.95 -18.51
C ASN B 382 17.69 -23.95 -17.41
N THR B 383 16.86 -23.52 -16.46
CA THR B 383 16.40 -24.41 -15.39
C THR B 383 15.51 -25.50 -15.97
N CYS B 384 15.74 -26.74 -15.53
CA CYS B 384 14.94 -27.89 -15.89
C CYS B 384 14.11 -28.37 -14.71
N PRO B 385 12.97 -29.01 -14.95
CA PRO B 385 12.19 -29.57 -13.85
C PRO B 385 13.03 -30.56 -13.05
N GLY B 386 12.98 -30.44 -11.72
CA GLY B 386 13.76 -31.28 -10.84
C GLY B 386 15.13 -30.75 -10.47
N ASP B 387 15.59 -29.68 -11.11
CA ASP B 387 16.91 -29.13 -10.80
C ASP B 387 17.06 -28.89 -9.31
N ARG B 388 18.28 -29.12 -8.81
CA ARG B 388 18.59 -28.96 -7.39
C ARG B 388 19.44 -27.74 -7.10
N SER B 389 19.75 -26.91 -8.10
CA SER B 389 20.57 -25.73 -7.87
C SER B 389 20.40 -24.76 -9.03
N ALA B 390 20.27 -23.48 -8.70
CA ALA B 390 20.16 -22.45 -9.74
C ALA B 390 21.53 -22.06 -10.30
N ILE B 391 22.59 -22.19 -9.50
CA ILE B 391 23.94 -21.93 -10.00
C ILE B 391 24.29 -22.91 -11.11
N THR B 392 23.72 -24.12 -11.05
CA THR B 392 24.04 -25.21 -11.96
C THR B 392 22.75 -25.72 -12.58
N PRO B 393 22.08 -24.89 -13.40
CA PRO B 393 20.83 -25.34 -14.02
C PRO B 393 21.12 -26.51 -14.94
N GLY B 394 20.10 -27.32 -15.16
CA GLY B 394 20.32 -28.55 -15.89
C GLY B 394 20.26 -28.49 -17.39
N GLY B 395 19.90 -27.36 -17.98
CA GLY B 395 19.52 -27.33 -19.38
C GLY B 395 20.09 -26.15 -20.15
N LEU B 396 19.73 -26.13 -21.43
CA LEU B 396 20.08 -25.06 -22.36
C LEU B 396 18.85 -24.73 -23.18
N ARG B 397 18.66 -23.45 -23.45
CA ARG B 397 17.59 -22.96 -24.33
C ARG B 397 18.24 -22.56 -25.65
N LEU B 398 17.72 -23.09 -26.76
CA LEU B 398 18.26 -22.84 -28.08
C LEU B 398 17.16 -22.34 -29.00
N GLY B 399 17.41 -21.24 -29.70
CA GLY B 399 16.38 -20.69 -30.57
C GLY B 399 16.74 -20.67 -32.03
N ALA B 400 15.72 -20.68 -32.90
CA ALA B 400 15.88 -20.67 -34.35
C ALA B 400 15.69 -19.30 -35.03
N PRO B 401 15.02 -18.29 -34.45
CA PRO B 401 14.71 -17.08 -35.24
C PRO B 401 15.90 -16.36 -35.84
N ALA B 402 16.97 -16.12 -35.07
CA ALA B 402 18.06 -15.26 -35.56
C ALA B 402 18.76 -15.88 -36.75
N LEU B 403 19.14 -17.16 -36.65
CA LEU B 403 19.84 -17.79 -37.75
C LEU B 403 18.93 -18.05 -38.94
N THR B 404 17.64 -18.28 -38.69
CA THR B 404 16.70 -18.37 -39.81
C THR B 404 16.69 -17.07 -40.61
N SER B 405 16.85 -15.92 -39.96
CA SER B 405 16.93 -14.64 -40.66
C SER B 405 18.17 -14.52 -41.53
N ARG B 406 19.18 -15.35 -41.27
CA ARG B 406 20.40 -15.43 -42.08
C ARG B 406 20.33 -16.54 -43.12
N GLN B 407 19.14 -17.03 -43.44
CA GLN B 407 18.90 -18.03 -44.48
C GLN B 407 19.40 -19.42 -44.11
N PHE B 408 19.54 -19.72 -42.82
CA PHE B 408 19.77 -21.09 -42.39
C PHE B 408 18.54 -21.92 -42.70
N ARG B 409 18.77 -23.14 -43.19
CA ARG B 409 17.73 -24.13 -43.40
C ARG B 409 17.99 -25.33 -42.49
N GLU B 410 17.20 -26.40 -42.69
CA GLU B 410 17.23 -27.50 -41.73
C GLU B 410 18.60 -28.15 -41.64
N ASP B 411 19.25 -28.39 -42.79
CA ASP B 411 20.58 -28.99 -42.77
C ASP B 411 21.59 -28.10 -42.07
N ASP B 412 21.43 -26.78 -42.19
CA ASP B 412 22.34 -25.88 -41.50
C ASP B 412 22.18 -26.00 -39.99
N PHE B 413 20.94 -26.12 -39.52
CA PHE B 413 20.73 -26.34 -38.08
C PHE B 413 21.28 -27.69 -37.62
N ARG B 414 21.25 -28.72 -38.48
CA ARG B 414 21.92 -29.97 -38.12
C ARG B 414 23.41 -29.75 -37.93
N ARG B 415 24.02 -28.92 -38.80
CA ARG B 415 25.44 -28.58 -38.63
C ARG B 415 25.67 -27.82 -37.33
N VAL B 416 24.75 -26.90 -36.99
CA VAL B 416 24.84 -26.19 -35.72
C VAL B 416 24.87 -27.17 -34.56
N VAL B 417 24.00 -28.18 -34.61
CA VAL B 417 23.95 -29.16 -33.52
C VAL B 417 25.25 -29.95 -33.43
N ASP B 418 25.88 -30.25 -34.58
CA ASP B 418 27.18 -30.91 -34.57
C ASP B 418 28.21 -30.07 -33.79
N PHE B 419 28.22 -28.76 -34.05
CA PHE B 419 29.13 -27.87 -33.33
C PHE B 419 28.81 -27.86 -31.83
N ILE B 420 27.53 -27.75 -31.49
CA ILE B 420 27.14 -27.76 -30.08
C ILE B 420 27.64 -29.03 -29.39
N ASP B 421 27.46 -30.17 -30.06
CA ASP B 421 27.86 -31.43 -29.48
C ASP B 421 29.37 -31.48 -29.23
N GLU B 422 30.17 -30.95 -30.16
CA GLU B 422 31.60 -30.83 -29.89
C GLU B 422 31.87 -29.99 -28.66
N GLY B 423 31.15 -28.87 -28.51
CA GLY B 423 31.34 -28.05 -27.33
C GLY B 423 30.97 -28.77 -26.05
N VAL B 424 29.86 -29.52 -26.08
CA VAL B 424 29.47 -30.30 -24.90
C VAL B 424 30.54 -31.31 -24.54
N ASN B 425 31.13 -31.96 -25.54
CA ASN B 425 32.18 -32.93 -25.28
C ASN B 425 33.42 -32.28 -24.67
N ILE B 426 33.77 -31.08 -25.12
CA ILE B 426 34.85 -30.33 -24.47
C ILE B 426 34.48 -30.03 -23.02
N GLY B 427 33.24 -29.62 -22.78
CA GLY B 427 32.81 -29.35 -21.42
C GLY B 427 32.92 -30.58 -20.53
N LEU B 428 32.55 -31.75 -21.06
CA LEU B 428 32.65 -32.99 -20.28
C LEU B 428 34.09 -33.30 -19.92
N GLU B 429 35.02 -33.10 -20.86
CA GLU B 429 36.42 -33.36 -20.57
C GLU B 429 36.94 -32.40 -19.51
N VAL B 430 36.60 -31.12 -19.62
CA VAL B 430 37.07 -30.16 -18.62
C VAL B 430 36.45 -30.47 -17.26
N LYS B 431 35.17 -30.85 -17.24
CA LYS B 431 34.53 -31.21 -15.97
C LYS B 431 35.27 -32.35 -15.29
N SER B 432 35.70 -33.36 -16.05
CA SER B 432 36.44 -34.47 -15.46
C SER B 432 37.77 -34.04 -14.86
N LYS B 433 38.25 -32.83 -15.19
CA LYS B 433 39.55 -32.35 -14.74
C LYS B 433 39.46 -31.24 -13.70
N THR B 434 38.26 -30.78 -13.36
CA THR B 434 38.11 -29.62 -12.49
C THR B 434 37.01 -29.90 -11.46
N ALA B 435 37.01 -29.10 -10.39
CA ALA B 435 36.09 -29.30 -9.28
C ALA B 435 34.90 -28.35 -9.35
N LYS B 436 35.08 -27.12 -8.88
CA LYS B 436 33.99 -26.16 -8.81
C LYS B 436 33.81 -25.44 -10.14
N LEU B 437 32.68 -24.76 -10.27
CA LEU B 437 32.39 -24.02 -11.51
C LEU B 437 33.49 -23.00 -11.81
N GLN B 438 33.99 -22.31 -10.78
CA GLN B 438 35.05 -21.33 -11.01
C GLN B 438 36.33 -22.00 -11.49
N ASP B 439 36.61 -23.22 -11.03
CA ASP B 439 37.76 -23.96 -11.53
C ASP B 439 37.56 -24.35 -12.98
N PHE B 440 36.36 -24.82 -13.32
CA PHE B 440 36.01 -25.13 -14.70
C PHE B 440 36.25 -23.92 -15.60
N LYS B 441 35.71 -22.76 -15.21
CA LYS B 441 35.83 -21.57 -16.04
C LYS B 441 37.28 -21.14 -16.21
N SER B 442 38.06 -21.18 -15.12
CA SER B 442 39.47 -20.81 -15.22
C SER B 442 40.24 -21.77 -16.13
N PHE B 443 39.93 -23.06 -16.05
CA PHE B 443 40.61 -24.06 -16.86
C PHE B 443 40.43 -23.78 -18.36
N LEU B 444 39.25 -23.31 -18.75
CA LEU B 444 38.98 -23.02 -20.16
C LEU B 444 39.95 -21.98 -20.71
N LEU B 445 40.40 -21.05 -19.87
CA LEU B 445 41.28 -19.98 -20.31
C LEU B 445 42.76 -20.31 -20.14
N LYS B 446 43.12 -21.06 -19.11
CA LYS B 446 44.52 -21.22 -18.72
C LYS B 446 45.15 -22.52 -19.19
N ASP B 447 44.38 -23.59 -19.38
CA ASP B 447 44.95 -24.86 -19.83
C ASP B 447 45.22 -24.77 -21.33
N SER B 448 46.48 -25.00 -21.71
CA SER B 448 46.88 -24.82 -23.10
C SER B 448 46.15 -25.79 -24.02
N GLU B 449 46.08 -27.06 -23.64
CA GLU B 449 45.39 -28.05 -24.46
C GLU B 449 43.93 -27.66 -24.67
N THR B 450 43.25 -27.27 -23.59
CA THR B 450 41.85 -26.88 -23.72
C THR B 450 41.70 -25.62 -24.56
N SER B 451 42.54 -24.61 -24.32
CA SER B 451 42.43 -23.37 -25.08
C SER B 451 42.66 -23.61 -26.57
N GLN B 452 43.59 -24.51 -26.90
CA GLN B 452 43.81 -24.84 -28.31
C GLN B 452 42.59 -25.51 -28.92
N ARG B 453 41.97 -26.44 -28.19
CA ARG B 453 40.77 -27.10 -28.69
C ARG B 453 39.63 -26.09 -28.88
N LEU B 454 39.48 -25.16 -27.93
CA LEU B 454 38.47 -24.12 -28.09
C LEU B 454 38.78 -23.21 -29.27
N ALA B 455 40.05 -22.83 -29.44
CA ALA B 455 40.41 -21.95 -30.56
C ALA B 455 40.12 -22.62 -31.89
N ASN B 456 40.37 -23.93 -31.97
CA ASN B 456 40.12 -24.66 -33.21
C ASN B 456 38.62 -24.71 -33.52
N LEU B 457 37.80 -25.06 -32.52
CA LEU B 457 36.36 -25.08 -32.73
C LEU B 457 35.83 -23.68 -33.05
N ARG B 458 36.33 -22.66 -32.35
CA ARG B 458 35.91 -21.29 -32.63
C ARG B 458 36.20 -20.90 -34.07
N GLN B 459 37.40 -21.24 -34.57
CA GLN B 459 37.75 -20.92 -35.94
C GLN B 459 36.76 -21.55 -36.92
N ARG B 460 36.37 -22.80 -36.66
CA ARG B 460 35.46 -23.49 -37.56
C ARG B 460 34.05 -22.94 -37.46
N VAL B 461 33.58 -22.63 -36.25
CA VAL B 461 32.27 -22.01 -36.09
C VAL B 461 32.21 -20.69 -36.87
N GLU B 462 33.24 -19.85 -36.70
CA GLU B 462 33.18 -18.51 -37.28
C GLU B 462 33.26 -18.54 -38.80
N GLN B 463 34.09 -19.42 -39.37
CA GLN B 463 34.11 -19.49 -40.84
C GLN B 463 32.78 -19.98 -41.38
N PHE B 464 32.15 -20.93 -40.69
CA PHE B 464 30.82 -21.39 -41.08
C PHE B 464 29.80 -20.25 -41.00
N ALA B 465 29.78 -19.53 -39.88
CA ALA B 465 28.77 -18.50 -39.68
C ALA B 465 28.95 -17.33 -40.64
N ARG B 466 30.19 -16.91 -40.89
CA ARG B 466 30.43 -15.75 -41.74
C ARG B 466 29.94 -15.95 -43.16
N ALA B 467 29.77 -17.21 -43.59
CA ALA B 467 29.35 -17.52 -44.95
C ALA B 467 27.91 -17.14 -45.23
N PHE B 468 27.09 -16.94 -44.18
CA PHE B 468 25.68 -16.69 -44.39
C PHE B 468 25.39 -15.20 -44.43
N PRO B 469 24.34 -14.79 -45.14
CA PRO B 469 24.00 -13.36 -45.23
C PRO B 469 23.52 -12.83 -43.88
N MET B 470 23.44 -11.51 -43.81
CA MET B 470 23.06 -10.81 -42.59
C MET B 470 22.19 -9.59 -42.88
N PRO B 471 20.98 -9.51 -42.32
CA PRO B 471 20.19 -8.28 -42.46
C PRO B 471 20.88 -7.06 -41.86
N GLY B 472 20.60 -5.89 -42.44
CA GLY B 472 21.08 -4.64 -41.89
C GLY B 472 22.02 -3.89 -42.80
N PHE B 473 22.76 -2.93 -42.26
CA PHE B 473 23.83 -2.26 -43.00
C PHE B 473 25.01 -3.22 -43.21
N ASP B 474 25.94 -2.82 -44.07
CA ASP B 474 27.06 -3.69 -44.40
C ASP B 474 28.00 -3.88 -43.23
N GLU B 475 28.32 -2.81 -42.50
CA GLU B 475 29.41 -2.85 -41.55
C GLU B 475 29.06 -2.33 -40.17
N HIS B 476 27.82 -1.92 -39.94
CA HIS B 476 27.46 -1.38 -38.64
C HIS B 476 25.99 -1.65 -38.33
N TRP C 15 -17.21 -26.34 43.82
CA TRP C 15 -17.23 -25.07 43.09
C TRP C 15 -18.61 -24.75 42.56
N THR C 16 -19.06 -23.52 42.79
CA THR C 16 -20.32 -23.05 42.23
C THR C 16 -20.18 -21.88 41.27
N GLY C 17 -19.05 -21.17 41.27
CA GLY C 17 -19.01 -19.93 40.55
C GLY C 17 -19.91 -18.86 41.12
N GLN C 18 -20.40 -19.07 42.35
CA GLN C 18 -21.18 -18.08 43.08
C GLN C 18 -20.44 -17.56 44.31
N GLU C 19 -19.24 -18.05 44.55
CA GLU C 19 -18.44 -17.58 45.67
C GLU C 19 -18.10 -16.10 45.50
N SER C 20 -17.99 -15.39 46.63
CA SER C 20 -17.60 -13.99 46.59
C SER C 20 -16.10 -13.87 46.35
N LEU C 21 -15.72 -12.82 45.62
CA LEU C 21 -14.30 -12.53 45.39
C LEU C 21 -13.51 -12.48 46.69
N SER C 22 -14.09 -11.84 47.73
CA SER C 22 -13.36 -11.71 48.99
C SER C 22 -13.02 -13.08 49.60
N ASP C 23 -13.86 -14.09 49.37
CA ASP C 23 -13.56 -15.43 49.87
C ASP C 23 -12.66 -16.22 48.93
N SER C 24 -12.88 -16.11 47.63
CA SER C 24 -12.27 -17.02 46.68
C SER C 24 -10.90 -16.56 46.18
N ASP C 25 -10.63 -15.25 46.23
CA ASP C 25 -9.36 -14.70 45.73
C ASP C 25 -8.95 -13.55 46.64
N PRO C 26 -8.59 -13.85 47.88
CA PRO C 26 -8.21 -12.77 48.80
C PRO C 26 -7.09 -11.89 48.27
N GLU C 27 -6.15 -12.44 47.50
CA GLU C 27 -5.09 -11.60 46.95
C GLU C 27 -5.65 -10.51 46.05
N MET C 28 -6.56 -10.88 45.14
CA MET C 28 -7.17 -9.87 44.27
C MET C 28 -8.08 -8.93 45.05
N TRP C 29 -8.84 -9.46 46.02
CA TRP C 29 -9.71 -8.59 46.80
C TRP C 29 -8.92 -7.50 47.53
N GLU C 30 -7.76 -7.85 48.08
CA GLU C 30 -6.96 -6.84 48.75
C GLU C 30 -6.45 -5.80 47.77
N LEU C 31 -6.11 -6.22 46.55
CA LEU C 31 -5.68 -5.26 45.53
C LEU C 31 -6.80 -4.30 45.15
N LEU C 32 -8.02 -4.81 44.97
CA LEU C 32 -9.14 -3.91 44.66
C LEU C 32 -9.34 -2.88 45.75
N GLN C 33 -9.27 -3.30 47.01
CA GLN C 33 -9.47 -2.38 48.13
C GLN C 33 -8.36 -1.34 48.18
N ARG C 34 -7.13 -1.73 47.87
CA ARG C 34 -6.04 -0.77 47.85
C ARG C 34 -6.24 0.28 46.76
N GLU C 35 -6.72 -0.13 45.60
CA GLU C 35 -6.99 0.87 44.54
C GLU C 35 -8.11 1.81 44.95
N LYS C 36 -9.17 1.27 45.57
CA LYS C 36 -10.25 2.13 46.04
C LYS C 36 -9.74 3.14 47.07
N ASP C 37 -8.89 2.69 48.00
CA ASP C 37 -8.35 3.61 48.99
C ASP C 37 -7.52 4.70 48.34
N ARG C 38 -6.72 4.33 47.34
CA ARG C 38 -5.93 5.31 46.60
C ARG C 38 -6.82 6.36 45.94
N GLN C 39 -7.90 5.92 45.29
CA GLN C 39 -8.82 6.86 44.66
C GLN C 39 -9.45 7.79 45.69
N CYS C 40 -9.83 7.26 46.86
CA CYS C 40 -10.52 8.08 47.86
C CYS C 40 -9.61 9.10 48.51
N ARG C 41 -8.32 8.79 48.68
CA ARG C 41 -7.43 9.68 49.43
C ARG C 41 -6.69 10.69 48.56
N GLY C 42 -6.83 10.61 47.24
CA GLY C 42 -6.06 11.46 46.35
C GLY C 42 -6.85 12.64 45.81
N LEU C 43 -6.13 13.65 45.34
CA LEU C 43 -6.70 14.73 44.56
C LEU C 43 -6.46 14.40 43.10
N GLU C 44 -7.51 13.89 42.44
CA GLU C 44 -7.40 13.42 41.06
C GLU C 44 -7.60 14.60 40.13
N LEU C 45 -6.51 15.07 39.51
CA LEU C 45 -6.55 16.19 38.58
C LEU C 45 -6.28 15.76 37.13
N ILE C 46 -6.26 14.47 36.85
CA ILE C 46 -6.12 14.03 35.47
C ILE C 46 -7.45 14.31 34.75
N ALA C 47 -7.39 15.11 33.69
CA ALA C 47 -8.60 15.65 33.09
C ALA C 47 -9.45 14.60 32.40
N SER C 48 -8.86 13.45 32.10
CA SER C 48 -9.57 12.34 31.48
C SER C 48 -10.10 11.34 32.50
N GLU C 49 -9.93 11.59 33.80
CA GLU C 49 -10.38 10.66 34.83
C GLU C 49 -11.72 11.08 35.41
N ASN C 50 -12.48 10.09 35.88
CA ASN C 50 -13.72 10.34 36.59
C ASN C 50 -14.01 9.13 37.47
N PHE C 51 -15.12 9.20 38.19
CA PHE C 51 -15.52 8.15 39.10
C PHE C 51 -16.91 7.68 38.71
N CYS C 52 -17.00 6.44 38.25
CA CYS C 52 -18.23 5.87 37.72
C CYS C 52 -19.19 5.51 38.84
N SER C 53 -20.48 5.67 38.57
CA SER C 53 -21.51 5.41 39.56
C SER C 53 -21.63 3.92 39.89
N ARG C 54 -22.10 3.64 41.10
CA ARG C 54 -22.35 2.26 41.47
C ARG C 54 -23.35 1.60 40.53
N ALA C 55 -24.39 2.33 40.12
CA ALA C 55 -25.41 1.75 39.27
C ALA C 55 -24.82 1.25 37.95
N ALA C 56 -23.95 2.05 37.35
CA ALA C 56 -23.33 1.63 36.10
C ALA C 56 -22.37 0.46 36.33
N LEU C 57 -21.63 0.48 37.44
CA LEU C 57 -20.73 -0.62 37.74
C LEU C 57 -21.50 -1.93 37.98
N GLU C 58 -22.69 -1.86 38.58
CA GLU C 58 -23.49 -3.07 38.78
C GLU C 58 -23.90 -3.69 37.45
N ALA C 59 -24.22 -2.87 36.44
CA ALA C 59 -24.50 -3.39 35.11
C ALA C 59 -23.23 -3.91 34.44
N LEU C 60 -22.10 -3.27 34.69
CA LEU C 60 -20.84 -3.66 34.04
C LEU C 60 -20.40 -5.05 34.49
N GLY C 61 -20.62 -5.38 35.76
CA GLY C 61 -20.25 -6.69 36.25
C GLY C 61 -21.44 -7.60 36.36
N SER C 62 -22.08 -7.90 35.24
CA SER C 62 -23.35 -8.63 35.22
C SER C 62 -23.28 -9.81 34.27
N CYS C 63 -24.36 -10.59 34.27
CA CYS C 63 -24.47 -11.74 33.38
C CYS C 63 -24.47 -11.36 31.91
N LEU C 64 -24.59 -10.07 31.57
CA LEU C 64 -24.47 -9.67 30.18
C LEU C 64 -23.12 -10.04 29.58
N ASN C 65 -22.09 -10.21 30.42
CA ASN C 65 -20.81 -10.73 29.96
C ASN C 65 -20.97 -12.06 29.23
N ASN C 66 -22.03 -12.81 29.53
CA ASN C 66 -22.18 -14.19 29.10
C ASN C 66 -22.88 -14.36 27.75
N LYS C 67 -23.19 -13.28 27.02
CA LYS C 67 -23.96 -13.40 25.79
C LYS C 67 -23.16 -12.94 24.59
N TYR C 68 -22.95 -13.85 23.63
CA TYR C 68 -22.38 -13.53 22.32
C TYR C 68 -23.48 -12.99 21.42
N SER C 69 -23.30 -11.79 20.89
CA SER C 69 -24.34 -11.15 20.08
C SER C 69 -23.74 -10.44 18.86
N GLU C 70 -22.82 -11.09 18.17
CA GLU C 70 -22.27 -10.53 16.94
C GLU C 70 -23.40 -10.15 16.00
N GLY C 71 -23.24 -9.00 15.34
CA GLY C 71 -24.27 -8.46 14.48
C GLY C 71 -24.93 -7.26 15.13
N TYR C 72 -26.16 -6.97 14.75
CA TYR C 72 -26.90 -5.82 15.26
C TYR C 72 -28.30 -6.25 15.65
N PRO C 73 -29.03 -5.43 16.41
CA PRO C 73 -30.38 -5.82 16.83
C PRO C 73 -31.22 -6.27 15.65
N GLY C 74 -31.88 -7.42 15.81
CA GLY C 74 -32.70 -7.98 14.75
C GLY C 74 -31.94 -8.58 13.60
N LYS C 75 -30.62 -8.47 13.58
CA LYS C 75 -29.78 -9.03 12.53
C LYS C 75 -28.52 -9.61 13.18
N ARG C 76 -28.73 -10.62 14.04
CA ARG C 76 -27.67 -11.30 14.76
C ARG C 76 -27.30 -12.59 14.06
N TYR C 77 -26.08 -13.06 14.35
CA TYR C 77 -25.67 -14.38 13.88
C TYR C 77 -26.35 -15.49 14.68
N TYR C 78 -26.55 -15.28 15.98
CA TYR C 78 -27.07 -16.30 16.87
C TYR C 78 -28.41 -15.85 17.45
N GLY C 79 -29.22 -16.83 17.81
CA GLY C 79 -30.50 -16.56 18.47
C GLY C 79 -30.32 -16.31 19.96
N GLY C 80 -31.46 -16.22 20.64
CA GLY C 80 -31.45 -15.92 22.06
C GLY C 80 -31.08 -14.50 22.41
N ALA C 81 -31.19 -13.57 21.47
CA ALA C 81 -30.74 -12.20 21.64
C ALA C 81 -31.86 -11.22 21.97
N GLU C 82 -33.05 -11.71 22.32
CA GLU C 82 -34.18 -10.79 22.46
C GLU C 82 -33.91 -9.72 23.52
N VAL C 83 -33.28 -10.09 24.63
CA VAL C 83 -33.05 -9.10 25.70
C VAL C 83 -31.86 -8.20 25.36
N VAL C 84 -30.76 -8.77 24.88
CA VAL C 84 -29.62 -7.92 24.50
C VAL C 84 -30.00 -6.98 23.36
N ASP C 85 -30.92 -7.39 22.48
CA ASP C 85 -31.40 -6.48 21.45
C ASP C 85 -32.10 -5.28 22.09
N GLU C 86 -32.99 -5.53 23.04
CA GLU C 86 -33.66 -4.43 23.73
C GLU C 86 -32.65 -3.52 24.44
N ILE C 87 -31.60 -4.11 25.03
CA ILE C 87 -30.60 -3.29 25.72
C ILE C 87 -29.79 -2.45 24.73
N GLU C 88 -29.38 -3.04 23.61
CA GLU C 88 -28.60 -2.25 22.65
C GLU C 88 -29.43 -1.14 22.03
N LEU C 89 -30.70 -1.42 21.69
CA LEU C 89 -31.58 -0.38 21.17
C LEU C 89 -31.83 0.71 22.21
N LEU C 90 -32.04 0.33 23.47
CA LEU C 90 -32.19 1.31 24.53
C LEU C 90 -30.95 2.18 24.65
N CYS C 91 -29.76 1.57 24.59
CA CYS C 91 -28.55 2.36 24.68
C CYS C 91 -28.45 3.35 23.53
N GLN C 92 -28.79 2.92 22.30
CA GLN C 92 -28.80 3.84 21.17
C GLN C 92 -29.76 5.01 21.43
N ARG C 93 -30.98 4.72 21.88
CA ARG C 93 -31.95 5.78 22.13
C ARG C 93 -31.43 6.75 23.18
N ARG C 94 -30.84 6.22 24.26
CA ARG C 94 -30.35 7.10 25.32
C ARG C 94 -29.16 7.92 24.86
N ALA C 95 -28.32 7.37 23.97
CA ALA C 95 -27.21 8.13 23.43
C ALA C 95 -27.70 9.32 22.61
N LEU C 96 -28.68 9.09 21.73
CA LEU C 96 -29.22 10.20 20.97
C LEU C 96 -29.91 11.21 21.88
N GLU C 97 -30.63 10.73 22.90
CA GLU C 97 -31.31 11.64 23.82
C GLU C 97 -30.30 12.50 24.59
N ALA C 98 -29.20 11.89 25.06
CA ALA C 98 -28.23 12.63 25.86
C ALA C 98 -27.61 13.79 25.08
N PHE C 99 -27.51 13.65 23.75
CA PHE C 99 -26.91 14.68 22.92
C PHE C 99 -27.94 15.45 22.13
N ASP C 100 -29.22 15.28 22.46
CA ASP C 100 -30.28 16.12 21.90
C ASP C 100 -30.37 15.97 20.38
N LEU C 101 -30.28 14.73 19.90
CA LEU C 101 -30.20 14.41 18.49
C LEU C 101 -31.51 13.83 17.99
N ASP C 102 -31.92 14.25 16.81
CA ASP C 102 -33.09 13.69 16.15
C ASP C 102 -32.69 12.42 15.42
N PRO C 103 -33.32 11.28 15.72
CA PRO C 103 -32.94 10.04 15.01
C PRO C 103 -33.14 10.09 13.51
N ALA C 104 -33.92 11.04 13.01
CA ALA C 104 -34.03 11.23 11.56
C ALA C 104 -32.74 11.79 10.97
N GLN C 105 -31.92 12.46 11.77
CA GLN C 105 -30.67 13.05 11.30
C GLN C 105 -29.44 12.30 11.76
N TRP C 106 -29.54 11.49 12.82
CA TRP C 106 -28.38 10.90 13.46
C TRP C 106 -28.66 9.46 13.85
N GLY C 107 -27.67 8.60 13.62
CA GLY C 107 -27.63 7.27 14.17
C GLY C 107 -26.40 7.11 15.05
N VAL C 108 -26.36 6.01 15.79
CA VAL C 108 -25.25 5.76 16.71
C VAL C 108 -24.95 4.27 16.76
N ASN C 109 -23.67 3.94 16.80
CA ASN C 109 -23.17 2.59 17.04
C ASN C 109 -22.60 2.55 18.45
N VAL C 110 -23.13 1.66 19.29
CA VAL C 110 -22.76 1.60 20.70
C VAL C 110 -21.80 0.46 21.01
N GLN C 111 -21.27 -0.22 19.99
CA GLN C 111 -20.40 -1.38 20.18
C GLN C 111 -18.90 -1.10 20.29
N PRO C 112 -18.35 0.06 19.91
CA PRO C 112 -16.88 0.21 19.96
C PRO C 112 -16.35 -0.08 21.37
N TYR C 113 -15.26 -0.84 21.44
CA TYR C 113 -14.75 -1.28 22.74
C TYR C 113 -14.17 -0.12 23.57
N SER C 114 -13.69 0.94 22.93
CA SER C 114 -13.15 2.09 23.65
C SER C 114 -13.08 3.26 22.67
N GLY C 115 -12.46 4.37 23.08
CA GLY C 115 -12.36 5.51 22.18
C GLY C 115 -11.49 5.24 20.98
N SER C 116 -10.36 4.57 21.18
CA SER C 116 -9.44 4.29 20.09
C SER C 116 -10.06 3.32 19.07
N PRO C 117 -10.72 2.25 19.51
CA PRO C 117 -11.47 1.42 18.55
C PRO C 117 -12.53 2.19 17.76
N ALA C 118 -13.19 3.17 18.38
CA ALA C 118 -14.20 3.95 17.68
C ALA C 118 -13.57 4.71 16.51
N ASN C 119 -12.45 5.39 16.75
CA ASN C 119 -11.81 6.14 15.67
C ASN C 119 -11.34 5.23 14.56
N LEU C 120 -10.73 4.09 14.92
CA LEU C 120 -10.22 3.19 13.87
C LEU C 120 -11.35 2.70 12.98
N ALA C 121 -12.53 2.46 13.57
CA ALA C 121 -13.67 2.03 12.78
C ALA C 121 -14.15 3.12 11.83
N VAL C 122 -14.13 4.38 12.26
CA VAL C 122 -14.49 5.47 11.34
C VAL C 122 -13.56 5.50 10.15
N TYR C 123 -12.24 5.42 10.39
CA TYR C 123 -11.30 5.47 9.28
C TYR C 123 -11.50 4.28 8.35
N THR C 124 -11.68 3.09 8.93
CA THR C 124 -11.86 1.89 8.12
C THR C 124 -13.14 1.96 7.31
N ALA C 125 -14.18 2.60 7.87
CA ALA C 125 -15.46 2.71 7.19
C ALA C 125 -15.39 3.65 6.00
N LEU C 126 -14.66 4.76 6.12
CA LEU C 126 -14.78 5.86 5.18
C LEU C 126 -13.59 6.02 4.26
N LEU C 127 -12.47 5.37 4.55
CA LEU C 127 -11.22 5.60 3.84
C LEU C 127 -10.66 4.28 3.33
N GLN C 128 -9.92 4.36 2.24
CA GLN C 128 -9.11 3.23 1.80
C GLN C 128 -7.76 3.29 2.49
N PRO C 129 -7.07 2.15 2.60
CA PRO C 129 -5.70 2.17 3.12
C PRO C 129 -4.88 3.24 2.39
N HIS C 130 -4.10 3.99 3.16
CA HIS C 130 -3.21 5.06 2.69
C HIS C 130 -3.94 6.33 2.28
N ASP C 131 -5.26 6.42 2.46
CA ASP C 131 -5.94 7.69 2.27
C ASP C 131 -5.51 8.69 3.37
N ARG C 132 -5.71 9.97 3.09
CA ARG C 132 -5.11 11.04 3.88
C ARG C 132 -6.03 11.58 4.97
N ILE C 133 -5.45 11.81 6.14
CA ILE C 133 -6.16 12.40 7.29
C ILE C 133 -5.29 13.51 7.88
N MET C 134 -5.97 14.51 8.47
CA MET C 134 -5.28 15.54 9.24
C MET C 134 -5.90 15.68 10.62
N GLY C 135 -5.05 15.68 11.65
CA GLY C 135 -5.47 15.94 13.01
C GLY C 135 -4.49 16.88 13.69
N LEU C 136 -4.89 17.37 14.86
CA LEU C 136 -4.00 18.25 15.61
C LEU C 136 -2.81 17.45 16.11
N ASP C 137 -1.61 17.99 15.95
CA ASP C 137 -0.40 17.27 16.33
C ASP C 137 -0.44 16.91 17.81
N LEU C 138 0.13 15.75 18.15
CA LEU C 138 0.12 15.29 19.54
C LEU C 138 0.71 16.31 20.51
N PRO C 139 1.92 16.83 20.29
CA PRO C 139 2.46 17.83 21.24
C PRO C 139 1.64 19.10 21.30
N ASP C 140 0.81 19.36 20.30
CA ASP C 140 -0.02 20.54 20.25
C ASP C 140 -1.41 20.33 20.85
N GLY C 141 -1.72 19.12 21.31
CA GLY C 141 -2.97 18.86 21.99
C GLY C 141 -3.88 17.86 21.32
N GLY C 142 -3.48 17.21 20.22
CA GLY C 142 -4.30 16.16 19.64
C GLY C 142 -4.09 14.82 20.32
N HIS C 143 -4.76 13.80 19.79
CA HIS C 143 -4.70 12.45 20.34
C HIS C 143 -3.88 11.54 19.42
N LEU C 144 -3.26 10.52 20.02
CA LEU C 144 -2.52 9.52 19.24
C LEU C 144 -3.33 9.03 18.04
N THR C 145 -4.63 8.73 18.25
CA THR C 145 -5.44 8.13 17.19
C THR C 145 -5.81 9.09 16.09
N HIS C 146 -5.38 10.35 16.15
CA HIS C 146 -5.59 11.28 15.06
C HIS C 146 -4.48 11.23 14.04
N GLY C 147 -3.59 10.25 14.14
CA GLY C 147 -2.63 10.01 13.08
C GLY C 147 -1.19 10.29 13.44
N TYR C 148 -0.80 10.10 14.69
CA TYR C 148 0.50 10.55 15.14
C TYR C 148 1.65 9.67 14.64
N MET C 149 2.64 10.29 14.03
CA MET C 149 3.94 9.69 13.81
C MET C 149 5.01 10.73 14.11
N SER C 150 6.20 10.27 14.51
CA SER C 150 7.30 11.15 14.83
C SER C 150 8.23 11.27 13.63
N ASP C 151 9.23 12.14 13.78
CA ASP C 151 10.31 12.17 12.79
C ASP C 151 11.00 10.83 12.67
N VAL C 152 10.82 9.95 13.65
CA VAL C 152 11.60 8.73 13.76
C VAL C 152 10.84 7.49 13.27
N LYS C 153 9.56 7.38 13.58
CA LYS C 153 8.83 6.18 13.19
C LYS C 153 7.33 6.42 13.28
N ARG C 154 6.57 5.53 12.66
CA ARG C 154 5.11 5.58 12.68
C ARG C 154 4.63 5.01 14.01
N ILE C 155 3.91 5.82 14.79
CA ILE C 155 3.56 5.46 16.16
C ILE C 155 2.14 4.90 16.23
N SER C 156 1.15 5.73 15.91
CA SER C 156 -0.22 5.27 15.89
C SER C 156 -0.47 4.39 14.67
N ALA C 157 -1.26 3.33 14.85
CA ALA C 157 -1.70 2.57 13.70
C ALA C 157 -2.45 3.44 12.69
N THR C 158 -3.01 4.57 13.14
CA THR C 158 -3.65 5.51 12.22
CA THR C 158 -3.66 5.47 12.18
C THR C 158 -2.66 6.06 11.20
N SER C 159 -1.38 6.14 11.57
CA SER C 159 -0.33 6.61 10.68
CA SER C 159 -0.32 6.61 10.68
C SER C 159 0.31 5.49 9.87
N ILE C 160 -0.02 4.24 10.17
CA ILE C 160 0.47 3.09 9.44
C ILE C 160 -0.50 2.72 8.33
N PHE C 161 -1.78 2.56 8.67
CA PHE C 161 -2.76 2.13 7.69
C PHE C 161 -3.29 3.30 6.85
N PHE C 162 -3.11 4.53 7.31
CA PHE C 162 -3.54 5.74 6.62
C PHE C 162 -2.37 6.74 6.62
N GLU C 163 -2.49 7.78 5.80
CA GLU C 163 -1.43 8.77 5.64
C GLU C 163 -1.85 10.06 6.34
N SER C 164 -1.20 10.37 7.44
CA SER C 164 -1.59 11.52 8.25
C SER C 164 -0.60 12.67 8.08
N MET C 165 -1.12 13.89 8.26
CA MET C 165 -0.27 15.07 8.33
C MET C 165 -0.92 15.95 9.39
N PRO C 166 -0.15 16.42 10.37
CA PRO C 166 -0.75 17.20 11.47
C PRO C 166 -1.02 18.64 11.07
N TYR C 167 -1.97 19.25 11.78
CA TYR C 167 -2.06 20.70 11.88
C TYR C 167 -1.65 21.14 13.28
N LYS C 168 -1.43 22.44 13.43
CA LYS C 168 -0.65 22.97 14.54
C LYS C 168 -1.38 24.09 15.26
N LEU C 169 -0.98 24.32 16.50
CA LEU C 169 -1.31 25.55 17.20
C LEU C 169 -0.54 26.73 16.62
N ASN C 170 -1.12 27.90 16.76
CA ASN C 170 -0.35 29.13 16.65
C ASN C 170 0.41 29.26 17.96
N PRO C 171 1.74 29.18 17.93
CA PRO C 171 2.51 29.17 19.19
C PRO C 171 2.36 30.43 20.00
N LYS C 172 2.03 31.55 19.36
CA LYS C 172 1.93 32.83 20.06
C LYS C 172 0.63 32.97 20.83
N THR C 173 -0.45 32.34 20.36
CA THR C 173 -1.74 32.46 21.03
C THR C 173 -2.16 31.20 21.75
N GLY C 174 -1.55 30.06 21.44
CA GLY C 174 -1.99 28.81 22.02
C GLY C 174 -3.28 28.26 21.44
N LEU C 175 -3.79 28.87 20.37
CA LEU C 175 -5.02 28.44 19.73
C LEU C 175 -4.71 27.69 18.43
N ILE C 176 -5.62 26.79 18.05
CA ILE C 176 -5.50 26.12 16.76
C ILE C 176 -5.33 27.18 15.67
N ASP C 177 -4.37 26.98 14.78
CA ASP C 177 -4.12 27.91 13.68
C ASP C 177 -5.01 27.50 12.51
N TYR C 178 -6.24 28.01 12.49
CA TYR C 178 -7.19 27.66 11.44
C TYR C 178 -6.72 28.14 10.08
N ASN C 179 -6.04 29.29 10.03
CA ASN C 179 -5.53 29.80 8.77
C ASN C 179 -4.53 28.82 8.16
N GLN C 180 -3.59 28.33 8.97
CA GLN C 180 -2.60 27.40 8.42
C GLN C 180 -3.22 26.05 8.11
N LEU C 181 -4.22 25.61 8.88
CA LEU C 181 -4.93 24.40 8.54
C LEU C 181 -5.53 24.51 7.14
N ALA C 182 -6.19 25.63 6.85
CA ALA C 182 -6.78 25.79 5.52
C ALA C 182 -5.71 25.78 4.44
N LEU C 183 -4.61 26.48 4.68
CA LEU C 183 -3.55 26.57 3.69
C LEU C 183 -2.97 25.19 3.39
N THR C 184 -2.68 24.42 4.44
CA THR C 184 -2.04 23.12 4.23
C THR C 184 -3.03 22.05 3.75
N ALA C 185 -4.30 22.14 4.16
CA ALA C 185 -5.30 21.20 3.65
C ALA C 185 -5.46 21.33 2.14
N ARG C 186 -5.30 22.54 1.60
CA ARG C 186 -5.41 22.71 0.14
C ARG C 186 -4.30 21.97 -0.59
N LEU C 187 -3.11 21.88 0.02
CA LEU C 187 -1.96 21.21 -0.59
C LEU C 187 -2.00 19.70 -0.39
N PHE C 188 -2.35 19.26 0.84
CA PHE C 188 -2.31 17.85 1.22
C PHE C 188 -3.55 17.08 0.77
N ARG C 189 -4.69 17.75 0.64
CA ARG C 189 -5.92 17.14 0.15
C ARG C 189 -6.37 15.97 1.02
N PRO C 190 -6.62 16.19 2.31
CA PRO C 190 -7.07 15.09 3.16
C PRO C 190 -8.47 14.65 2.76
N ARG C 191 -8.74 13.36 2.96
CA ARG C 191 -10.10 12.85 2.82
C ARG C 191 -10.91 13.02 4.10
N LEU C 192 -10.24 13.24 5.23
CA LEU C 192 -10.90 13.37 6.51
C LEU C 192 -10.05 14.26 7.40
N ILE C 193 -10.70 15.19 8.09
CA ILE C 193 -10.06 16.08 9.04
C ILE C 193 -10.71 15.83 10.40
N ILE C 194 -9.88 15.72 11.45
CA ILE C 194 -10.37 15.45 12.80
C ILE C 194 -10.34 16.75 13.61
N ALA C 195 -11.49 17.10 14.19
CA ALA C 195 -11.62 18.22 15.11
C ALA C 195 -11.84 17.63 16.50
N GLY C 196 -10.81 17.65 17.33
CA GLY C 196 -10.93 17.08 18.66
C GLY C 196 -9.60 17.07 19.37
N THR C 197 -9.61 17.21 20.69
CA THR C 197 -8.37 17.42 21.42
C THR C 197 -8.30 16.52 22.66
N SER C 198 -7.07 16.32 23.11
CA SER C 198 -6.78 15.71 24.40
C SER C 198 -6.14 16.67 25.40
N ALA C 199 -5.58 17.80 24.93
CA ALA C 199 -4.96 18.78 25.83
C ALA C 199 -5.13 20.17 25.23
N TYR C 200 -6.37 20.68 25.32
CA TYR C 200 -6.71 21.99 24.80
C TYR C 200 -7.78 22.58 25.71
N ALA C 201 -7.60 23.84 26.10
CA ALA C 201 -8.46 24.49 27.08
C ALA C 201 -9.49 25.41 26.46
N ARG C 202 -9.54 25.50 25.14
CA ARG C 202 -10.45 26.41 24.48
C ARG C 202 -11.45 25.62 23.63
N LEU C 203 -12.45 26.33 23.10
CA LEU C 203 -13.50 25.72 22.31
C LEU C 203 -13.08 25.67 20.84
N ILE C 204 -13.33 24.54 20.19
CA ILE C 204 -12.98 24.40 18.79
C ILE C 204 -13.99 25.15 17.94
N ASP C 205 -13.50 25.86 16.92
CA ASP C 205 -14.37 26.56 15.97
C ASP C 205 -14.85 25.53 14.94
N TYR C 206 -15.90 24.79 15.31
CA TYR C 206 -16.40 23.73 14.41
C TYR C 206 -16.93 24.30 13.11
N ALA C 207 -17.49 25.52 13.13
CA ALA C 207 -17.95 26.13 11.89
C ALA C 207 -16.79 26.36 10.93
N ARG C 208 -15.66 26.84 11.44
CA ARG C 208 -14.48 27.01 10.61
C ARG C 208 -13.97 25.67 10.10
N MET C 209 -13.99 24.64 10.95
CA MET C 209 -13.57 23.32 10.49
C MET C 209 -14.46 22.84 9.35
N ARG C 210 -15.77 23.06 9.47
CA ARG C 210 -16.70 22.71 8.41
C ARG C 210 -16.40 23.47 7.12
N GLU C 211 -16.04 24.75 7.25
CA GLU C 211 -15.69 25.55 6.07
C GLU C 211 -14.50 24.94 5.35
N VAL C 212 -13.46 24.55 6.08
CA VAL C 212 -12.29 23.94 5.47
C VAL C 212 -12.66 22.62 4.80
N CYS C 213 -13.42 21.78 5.52
CA CYS C 213 -13.80 20.49 4.98
C CYS C 213 -14.64 20.65 3.71
N ASP C 214 -15.55 21.62 3.68
CA ASP C 214 -16.34 21.84 2.49
C ASP C 214 -15.47 22.27 1.31
N GLU C 215 -14.48 23.12 1.57
CA GLU C 215 -13.62 23.60 0.48
C GLU C 215 -12.83 22.47 -0.15
N VAL C 216 -12.21 21.62 0.68
CA VAL C 216 -11.34 20.56 0.17
C VAL C 216 -12.06 19.23 -0.01
N LYS C 217 -13.36 19.17 0.27
CA LYS C 217 -14.16 17.95 0.11
C LYS C 217 -13.67 16.82 1.00
N ALA C 218 -13.45 17.14 2.28
CA ALA C 218 -13.10 16.15 3.29
C ALA C 218 -14.26 15.93 4.24
N HIS C 219 -14.36 14.71 4.79
CA HIS C 219 -15.27 14.46 5.89
C HIS C 219 -14.77 15.17 7.14
N LEU C 220 -15.71 15.67 7.95
CA LEU C 220 -15.38 16.25 9.24
C LEU C 220 -15.75 15.26 10.35
N LEU C 221 -14.73 14.74 11.03
CA LEU C 221 -14.92 13.93 12.23
C LEU C 221 -14.65 14.80 13.45
N ALA C 222 -15.61 14.88 14.36
CA ALA C 222 -15.38 15.50 15.66
C ALA C 222 -15.15 14.39 16.67
N ASP C 223 -13.97 14.36 17.27
CA ASP C 223 -13.65 13.42 18.34
C ASP C 223 -13.78 14.17 19.66
N MET C 224 -14.95 14.05 20.29
CA MET C 224 -15.29 14.86 21.45
C MET C 224 -15.03 14.15 22.77
N ALA C 225 -14.19 13.11 22.77
CA ALA C 225 -14.03 12.27 23.96
C ALA C 225 -13.78 13.10 25.23
N HIS C 226 -12.89 14.11 25.17
CA HIS C 226 -12.57 14.84 26.39
C HIS C 226 -13.72 15.68 26.89
N ILE C 227 -14.59 16.14 26.00
CA ILE C 227 -15.58 17.17 26.31
C ILE C 227 -17.01 16.64 26.27
N SER C 228 -17.19 15.32 26.08
CA SER C 228 -18.51 14.80 25.74
C SER C 228 -19.58 15.15 26.77
N GLY C 229 -19.25 15.06 28.07
CA GLY C 229 -20.24 15.41 29.09
C GLY C 229 -20.65 16.86 29.03
N LEU C 230 -19.69 17.75 28.73
CA LEU C 230 -19.99 19.17 28.61
C LEU C 230 -20.92 19.42 27.44
N VAL C 231 -20.70 18.70 26.33
CA VAL C 231 -21.58 18.80 25.18
C VAL C 231 -22.98 18.30 25.52
N ALA C 232 -23.06 17.12 26.16
CA ALA C 232 -24.36 16.56 26.52
C ALA C 232 -25.15 17.53 27.39
N ALA C 233 -24.49 18.15 28.35
CA ALA C 233 -25.12 19.09 29.28
C ALA C 233 -25.43 20.43 28.66
N LYS C 234 -25.02 20.66 27.41
CA LYS C 234 -25.25 21.92 26.70
C LYS C 234 -24.58 23.11 27.37
N VAL C 235 -23.44 22.87 28.04
CA VAL C 235 -22.70 23.96 28.67
C VAL C 235 -21.63 24.54 27.76
N ILE C 236 -21.28 23.87 26.67
CA ILE C 236 -20.46 24.42 25.60
C ILE C 236 -21.14 24.09 24.27
N PRO C 237 -20.73 24.76 23.19
CA PRO C 237 -21.37 24.48 21.88
C PRO C 237 -21.13 23.05 21.42
N SER C 238 -22.06 22.55 20.62
CA SER C 238 -22.07 21.13 20.22
C SER C 238 -21.40 20.93 18.87
N PRO C 239 -20.49 19.97 18.75
CA PRO C 239 -19.95 19.64 17.41
C PRO C 239 -20.97 19.04 16.48
N PHE C 240 -22.09 18.53 17.01
CA PHE C 240 -23.10 17.91 16.16
C PHE C 240 -23.73 18.93 15.21
N LYS C 241 -23.62 20.22 15.49
CA LYS C 241 -24.17 21.21 14.55
C LYS C 241 -23.44 21.18 13.21
N HIS C 242 -22.18 20.73 13.19
CA HIS C 242 -21.34 20.87 12.02
C HIS C 242 -20.67 19.59 11.53
N ALA C 243 -20.51 18.57 12.38
CA ALA C 243 -19.72 17.40 12.01
C ALA C 243 -20.51 16.37 11.21
N ASP C 244 -19.79 15.59 10.40
CA ASP C 244 -20.39 14.44 9.70
C ASP C 244 -20.46 13.23 10.62
N ILE C 245 -19.41 13.02 11.40
CA ILE C 245 -19.28 11.88 12.29
C ILE C 245 -18.79 12.43 13.61
N VAL C 246 -19.25 11.85 14.72
CA VAL C 246 -18.76 12.24 16.04
C VAL C 246 -18.41 10.97 16.80
N THR C 247 -17.18 10.89 17.28
CA THR C 247 -16.76 9.80 18.15
C THR C 247 -16.56 10.29 19.57
N THR C 248 -16.66 9.36 20.51
CA THR C 248 -16.40 9.69 21.90
C THR C 248 -16.15 8.42 22.69
N THR C 249 -15.42 8.58 23.79
CA THR C 249 -15.44 7.64 24.89
C THR C 249 -16.75 7.80 25.67
N THR C 250 -17.07 6.79 26.47
CA THR C 250 -18.22 6.83 27.36
C THR C 250 -17.82 7.09 28.80
N HIS C 251 -16.53 7.01 29.11
CA HIS C 251 -15.98 7.40 30.39
C HIS C 251 -15.64 8.90 30.40
N1 LLP C 252 -9.69 10.46 21.53
C2 LLP C 252 -9.68 11.41 22.44
C2' LLP C 252 -9.83 12.82 22.01
C3 LLP C 252 -9.58 11.09 23.80
O3 LLP C 252 -9.60 12.10 24.65
C4 LLP C 252 -9.42 9.76 24.20
C4' LLP C 252 -9.36 9.47 25.62
C5 LLP C 252 -9.44 8.77 23.19
C6 LLP C 252 -9.54 9.20 21.89
C5' LLP C 252 -9.25 7.30 23.38
OP4 LLP C 252 -10.08 6.66 24.30
P LLP C 252 -9.50 5.15 24.88
OP1 LLP C 252 -9.12 4.35 23.63
OP2 LLP C 252 -8.35 5.44 25.84
OP3 LLP C 252 -10.74 4.60 25.59
N LLP C 252 -14.55 9.30 31.03
CA LLP C 252 -14.19 10.73 31.11
CB LLP C 252 -13.61 11.21 29.77
CG LLP C 252 -12.49 10.31 29.21
CD LLP C 252 -11.66 10.90 28.06
CE LLP C 252 -10.39 10.11 27.74
NZ LLP C 252 -10.14 10.21 26.33
C LLP C 252 -15.37 11.61 31.59
O LLP C 252 -16.01 11.27 32.59
H2'1 LLP C 252 -9.52 13.41 22.71
H2'2 LLP C 252 -10.75 13.01 21.82
H2'3 LLP C 252 -9.30 12.97 21.21
HO3 LLP C 252 -8.85 12.07 25.05
H4'1 LLP C 252 -8.81 8.81 25.97
H6 LLP C 252 -9.52 8.58 21.19
H5'1 LLP C 252 -8.32 7.18 23.64
H5'2 LLP C 252 -9.34 6.90 22.50
N THR C 253 -15.66 12.71 30.92
CA THR C 253 -16.71 13.63 31.42
C THR C 253 -18.13 13.07 31.35
N LEU C 254 -18.36 12.01 30.58
CA LEU C 254 -19.66 11.34 30.58
C LEU C 254 -19.83 10.41 31.78
N ARG C 255 -18.75 10.04 32.47
CA ARG C 255 -18.82 9.38 33.76
C ARG C 255 -19.39 7.96 33.68
N GLY C 256 -19.15 7.26 32.58
CA GLY C 256 -19.65 5.91 32.39
C GLY C 256 -18.57 4.86 32.49
N ALA C 257 -18.94 3.62 32.16
CA ALA C 257 -17.96 2.56 32.01
C ALA C 257 -17.09 2.85 30.78
N ARG C 258 -15.92 2.21 30.73
CA ARG C 258 -15.02 2.41 29.59
C ARG C 258 -15.60 1.75 28.34
N SER C 259 -15.82 2.56 27.31
CA SER C 259 -16.40 2.10 26.05
C SER C 259 -16.31 3.25 25.06
N GLY C 260 -16.86 3.05 23.86
CA GLY C 260 -16.87 4.08 22.85
C GLY C 260 -18.20 4.16 22.12
N LEU C 261 -18.39 5.27 21.41
CA LEU C 261 -19.57 5.50 20.59
C LEU C 261 -19.15 6.13 19.27
N ILE C 262 -19.88 5.79 18.19
CA ILE C 262 -19.76 6.49 16.91
C ILE C 262 -21.14 7.00 16.52
N PHE C 263 -21.28 8.32 16.43
CA PHE C 263 -22.48 8.94 15.89
C PHE C 263 -22.25 9.32 14.44
N TYR C 264 -23.28 9.20 13.61
CA TYR C 264 -23.11 9.48 12.20
C TYR C 264 -24.37 10.12 11.64
N ARG C 265 -24.20 11.03 10.69
CA ARG C 265 -25.36 11.60 10.01
C ARG C 265 -26.04 10.54 9.16
N LYS C 266 -27.36 10.61 9.09
CA LYS C 266 -28.17 9.74 8.24
C LYS C 266 -29.32 10.55 7.66
N GLY C 267 -30.00 9.97 6.69
CA GLY C 267 -31.11 10.66 6.03
C GLY C 267 -30.66 11.51 4.86
N VAL C 268 -31.39 12.59 4.60
CA VAL C 268 -31.10 13.45 3.45
C VAL C 268 -29.98 14.41 3.80
N LYS C 269 -29.11 14.69 2.83
CA LYS C 269 -28.04 15.66 3.00
C LYS C 269 -28.12 16.77 1.95
N PRO C 280 -28.86 11.82 -0.18
CA PRO C 280 -28.84 11.09 1.09
C PRO C 280 -27.44 10.78 1.60
N TYR C 281 -27.27 10.80 2.91
CA TYR C 281 -26.02 10.39 3.53
C TYR C 281 -25.80 8.90 3.32
N THR C 282 -24.53 8.50 3.27
CA THR C 282 -24.16 7.11 3.05
C THR C 282 -23.14 6.65 4.08
N PHE C 283 -23.26 7.13 5.33
CA PHE C 283 -22.34 6.78 6.40
C PHE C 283 -22.78 5.53 7.16
N GLU C 284 -24.09 5.38 7.39
CA GLU C 284 -24.61 4.41 8.35
C GLU C 284 -24.12 3.00 8.06
N ASP C 285 -24.37 2.50 6.86
CA ASP C 285 -24.03 1.11 6.57
C ASP C 285 -22.52 0.88 6.63
N ARG C 286 -21.72 1.84 6.15
CA ARG C 286 -20.28 1.68 6.18
C ARG C 286 -19.75 1.69 7.61
N ILE C 287 -20.26 2.60 8.45
CA ILE C 287 -19.81 2.67 9.84
C ILE C 287 -20.15 1.37 10.56
N ASN C 288 -21.38 0.90 10.43
CA ASN C 288 -21.78 -0.29 11.16
C ASN C 288 -21.01 -1.52 10.68
N PHE C 289 -20.77 -1.62 9.37
CA PHE C 289 -20.02 -2.75 8.83
C PHE C 289 -18.56 -2.73 9.30
N ALA C 290 -17.97 -1.54 9.41
CA ALA C 290 -16.58 -1.45 9.84
C ALA C 290 -16.42 -1.96 11.28
N VAL C 291 -17.36 -1.60 12.16
CA VAL C 291 -17.30 -2.09 13.54
C VAL C 291 -17.45 -3.61 13.57
N PHE C 292 -18.44 -4.14 12.85
CA PHE C 292 -18.64 -5.56 12.75
C PHE C 292 -19.32 -5.83 11.42
N PRO C 293 -18.80 -6.74 10.58
CA PRO C 293 -17.75 -7.74 10.87
C PRO C 293 -16.31 -7.30 10.64
N SER C 294 -15.99 -6.06 10.25
CA SER C 294 -14.62 -5.79 9.80
C SER C 294 -13.61 -5.84 10.96
N LEU C 295 -13.89 -5.12 12.05
CA LEU C 295 -12.86 -4.92 13.07
C LEU C 295 -13.08 -5.73 14.34
N GLN C 296 -14.28 -5.67 14.91
CA GLN C 296 -14.52 -6.23 16.24
C GLN C 296 -15.14 -7.62 16.13
N GLY C 297 -15.23 -8.29 17.28
CA GLY C 297 -15.97 -9.54 17.40
C GLY C 297 -17.25 -9.34 18.16
N GLY C 298 -17.52 -10.19 19.16
CA GLY C 298 -18.71 -10.04 19.96
C GLY C 298 -18.70 -8.73 20.74
N PRO C 299 -19.83 -8.02 20.75
CA PRO C 299 -19.93 -6.82 21.59
C PRO C 299 -19.79 -7.18 23.06
N HIS C 300 -19.38 -6.20 23.86
CA HIS C 300 -19.35 -6.38 25.31
C HIS C 300 -20.67 -5.84 25.88
N ASN C 301 -21.65 -6.72 26.01
CA ASN C 301 -23.00 -6.28 26.34
C ASN C 301 -23.08 -5.69 27.74
N HIS C 302 -22.21 -6.15 28.65
CA HIS C 302 -22.17 -5.58 29.98
C HIS C 302 -21.71 -4.12 29.94
N ALA C 303 -20.76 -3.80 29.05
CA ALA C 303 -20.35 -2.41 28.87
C ALA C 303 -21.46 -1.59 28.23
N ILE C 304 -22.14 -2.15 27.23
CA ILE C 304 -23.26 -1.44 26.60
C ILE C 304 -24.33 -1.08 27.63
N ALA C 305 -24.68 -2.03 28.50
CA ALA C 305 -25.67 -1.76 29.55
C ALA C 305 -25.17 -0.68 30.50
N ALA C 306 -23.91 -0.77 30.93
CA ALA C 306 -23.36 0.23 31.84
C ALA C 306 -23.36 1.61 31.20
N VAL C 307 -23.02 1.67 29.91
CA VAL C 307 -23.06 2.92 29.16
C VAL C 307 -24.48 3.49 29.13
N ALA C 308 -25.47 2.63 28.88
CA ALA C 308 -26.86 3.09 28.86
C ALA C 308 -27.27 3.69 30.20
N VAL C 309 -26.82 3.09 31.30
CA VAL C 309 -27.08 3.65 32.63
C VAL C 309 -26.50 5.07 32.74
N ALA C 310 -25.25 5.24 32.33
CA ALA C 310 -24.60 6.54 32.43
C ALA C 310 -25.24 7.57 31.49
N LEU C 311 -25.68 7.13 30.31
CA LEU C 311 -26.32 8.05 29.38
C LEU C 311 -27.65 8.56 29.91
N LYS C 312 -28.40 7.70 30.60
CA LYS C 312 -29.62 8.18 31.24
C LYS C 312 -29.31 9.23 32.30
N GLN C 313 -28.27 8.99 33.11
CA GLN C 313 -27.83 9.99 34.08
C GLN C 313 -27.48 11.30 33.40
N ALA C 314 -26.83 11.22 32.23
CA ALA C 314 -26.39 12.41 31.51
C ALA C 314 -27.53 13.25 30.97
N CYS C 315 -28.75 12.72 30.94
CA CYS C 315 -29.90 13.47 30.47
C CYS C 315 -30.55 14.33 31.54
N THR C 316 -30.09 14.26 32.80
CA THR C 316 -30.85 14.82 33.91
C THR C 316 -30.42 16.25 34.23
N PRO C 317 -31.29 17.00 34.89
CA PRO C 317 -30.86 18.28 35.49
C PRO C 317 -29.64 18.13 36.39
N MET C 318 -29.56 17.04 37.15
CA MET C 318 -28.38 16.78 37.96
C MET C 318 -27.11 16.89 37.14
N PHE C 319 -27.13 16.31 35.94
CA PHE C 319 -25.92 16.26 35.14
C PHE C 319 -25.58 17.61 34.54
N ARG C 320 -26.60 18.39 34.17
CA ARG C 320 -26.32 19.75 33.73
C ARG C 320 -25.70 20.57 34.86
N GLU C 321 -26.20 20.42 36.09
CA GLU C 321 -25.60 21.12 37.21
C GLU C 321 -24.16 20.67 37.43
N TYR C 322 -23.93 19.36 37.35
CA TYR C 322 -22.56 18.84 37.45
C TYR C 322 -21.65 19.51 36.42
N SER C 323 -22.08 19.55 35.16
CA SER C 323 -21.21 20.04 34.10
C SER C 323 -20.97 21.54 34.22
N LEU C 324 -22.00 22.29 34.63
CA LEU C 324 -21.81 23.70 34.95
C LEU C 324 -20.78 23.87 36.05
N GLN C 325 -20.85 23.03 37.08
CA GLN C 325 -19.89 23.12 38.18
C GLN C 325 -18.48 22.76 37.72
N VAL C 326 -18.35 21.80 36.80
CA VAL C 326 -17.04 21.49 36.23
C VAL C 326 -16.43 22.74 35.60
N LEU C 327 -17.20 23.47 34.79
CA LEU C 327 -16.69 24.69 34.17
C LEU C 327 -16.31 25.72 35.22
N LYS C 328 -17.18 25.91 36.23
CA LYS C 328 -16.88 26.89 37.27
C LYS C 328 -15.61 26.51 38.04
N ASN C 329 -15.44 25.21 38.31
CA ASN C 329 -14.27 24.77 39.07
C ASN C 329 -12.99 24.91 38.26
N ALA C 330 -13.03 24.61 36.96
CA ALA C 330 -11.85 24.84 36.12
C ALA C 330 -11.48 26.32 36.10
N ARG C 331 -12.49 27.20 35.99
CA ARG C 331 -12.22 28.63 36.01
C ARG C 331 -11.64 29.06 37.36
N ALA C 332 -12.18 28.53 38.45
CA ALA C 332 -11.66 28.89 39.77
C ALA C 332 -10.22 28.44 39.91
N MET C 333 -9.91 27.25 39.40
CA MET C 333 -8.54 26.75 39.44
C MET C 333 -7.62 27.64 38.60
N ALA C 334 -8.05 28.01 37.40
CA ALA C 334 -7.26 28.90 36.55
C ALA C 334 -7.01 30.24 37.25
N ASP C 335 -8.06 30.83 37.82
CA ASP C 335 -7.91 32.13 38.48
C ASP C 335 -6.97 32.03 39.67
N ALA C 336 -7.06 30.95 40.44
CA ALA C 336 -6.17 30.79 41.59
C ALA C 336 -4.72 30.64 41.16
N LEU C 337 -4.48 29.92 40.05
CA LEU C 337 -3.11 29.79 39.55
C LEU C 337 -2.57 31.12 39.05
N LEU C 338 -3.39 31.88 38.34
CA LEU C 338 -2.98 33.22 37.90
C LEU C 338 -2.62 34.11 39.08
N GLU C 339 -3.42 34.05 40.15
CA GLU C 339 -3.14 34.88 41.32
C GLU C 339 -1.81 34.53 41.98
N ARG C 340 -1.33 33.29 41.79
CA ARG C 340 -0.07 32.85 42.37
C ARG C 340 1.09 32.91 41.41
N GLY C 341 0.94 33.63 40.30
CA GLY C 341 2.04 33.87 39.39
C GLY C 341 2.28 32.78 38.36
N TYR C 342 1.37 31.83 38.21
CA TYR C 342 1.49 30.86 37.14
C TYR C 342 1.01 31.46 35.83
N SER C 343 1.57 30.98 34.73
CA SER C 343 1.12 31.33 33.39
C SER C 343 0.28 30.19 32.83
N LEU C 344 -0.74 30.55 32.05
CA LEU C 344 -1.66 29.57 31.46
C LEU C 344 -1.53 29.62 29.95
N VAL C 345 -1.39 28.45 29.33
CA VAL C 345 -1.40 28.38 27.87
C VAL C 345 -2.78 28.78 27.37
N SER C 346 -2.80 29.70 26.40
CA SER C 346 -4.00 30.37 25.89
C SER C 346 -4.63 31.33 26.89
N GLY C 347 -4.03 31.55 28.06
CA GLY C 347 -4.44 32.59 28.98
C GLY C 347 -5.58 32.24 29.91
N GLY C 348 -6.10 31.02 29.84
CA GLY C 348 -7.27 30.68 30.62
C GLY C 348 -7.94 29.44 30.04
N THR C 349 -9.21 29.26 30.41
CA THR C 349 -9.94 28.08 30.01
C THR C 349 -11.39 28.41 29.70
N ASP C 350 -11.95 27.67 28.76
CA ASP C 350 -13.38 27.67 28.47
C ASP C 350 -14.00 26.28 28.64
N ASN C 351 -13.25 25.34 29.20
CA ASN C 351 -13.76 23.98 29.36
C ASN C 351 -13.40 23.39 30.72
N HIS C 352 -13.13 22.09 30.78
CA HIS C 352 -12.96 21.36 32.03
C HIS C 352 -11.51 21.33 32.52
N LEU C 353 -10.56 21.88 31.77
CA LEU C 353 -9.16 21.71 32.13
C LEU C 353 -8.40 23.04 32.01
N VAL C 354 -7.21 23.04 32.61
CA VAL C 354 -6.31 24.17 32.60
C VAL C 354 -4.93 23.68 32.16
N LEU C 355 -4.28 24.45 31.30
CA LEU C 355 -2.94 24.13 30.82
C LEU C 355 -2.00 25.14 31.45
N VAL C 356 -1.19 24.66 32.39
CA VAL C 356 -0.26 25.51 33.13
C VAL C 356 1.12 25.43 32.49
N ASP C 357 1.74 26.59 32.29
CA ASP C 357 3.09 26.69 31.75
C ASP C 357 4.01 26.99 32.92
N LEU C 358 4.76 25.98 33.37
CA LEU C 358 5.64 26.14 34.52
C LEU C 358 6.99 26.74 34.18
N ARG C 359 7.31 26.89 32.89
CA ARG C 359 8.60 27.44 32.47
C ARG C 359 8.94 28.75 33.17
N PRO C 360 8.10 29.78 33.15
CA PRO C 360 8.45 31.02 33.85
C PRO C 360 8.70 30.82 35.34
N LYS C 361 8.10 29.78 35.92
CA LYS C 361 8.28 29.47 37.33
C LYS C 361 9.63 28.82 37.61
N GLY C 362 10.30 28.29 36.59
CA GLY C 362 11.59 27.65 36.76
C GLY C 362 11.54 26.16 37.00
N LEU C 363 10.40 25.52 36.78
CA LEU C 363 10.26 24.08 37.00
C LEU C 363 9.47 23.49 35.84
N ASP C 364 9.90 22.31 35.38
CA ASP C 364 9.25 21.69 34.24
C ASP C 364 8.17 20.71 34.69
N GLY C 365 7.37 20.25 33.72
CA GLY C 365 6.23 19.41 34.03
C GLY C 365 6.60 18.01 34.47
N ALA C 366 7.71 17.47 33.98
CA ALA C 366 8.14 16.15 34.44
C ALA C 366 8.50 16.19 35.92
N ARG C 367 9.26 17.19 36.32
CA ARG C 367 9.61 17.34 37.74
C ARG C 367 8.37 17.60 38.58
N ALA C 368 7.49 18.50 38.13
CA ALA C 368 6.31 18.85 38.92
C ALA C 368 5.37 17.67 39.07
N GLU C 369 5.13 16.93 37.97
CA GLU C 369 4.21 15.79 38.02
C GLU C 369 4.63 14.79 39.07
N ARG C 370 5.95 14.54 39.18
CA ARG C 370 6.41 13.52 40.12
C ARG C 370 6.30 13.99 41.57
N VAL C 371 6.65 15.25 41.84
CA VAL C 371 6.46 15.79 43.19
C VAL C 371 5.00 15.67 43.59
N LEU C 372 4.10 16.09 42.70
CA LEU C 372 2.68 16.05 43.04
C LEU C 372 2.20 14.63 43.29
N GLU C 373 2.63 13.68 42.43
CA GLU C 373 2.25 12.28 42.63
C GLU C 373 2.60 11.81 44.03
N LEU C 374 3.78 12.19 44.51
CA LEU C 374 4.25 11.74 45.82
C LEU C 374 3.48 12.35 46.98
N VAL C 375 2.66 13.38 46.73
CA VAL C 375 1.78 13.92 47.75
C VAL C 375 0.31 13.63 47.42
N SER C 376 0.07 12.63 46.57
CA SER C 376 -1.25 12.11 46.26
C SER C 376 -2.08 13.04 45.39
N ILE C 377 -1.41 13.88 44.60
CA ILE C 377 -2.07 14.73 43.62
C ILE C 377 -1.64 14.23 42.25
N THR C 378 -2.60 13.71 41.47
CA THR C 378 -2.27 13.18 40.15
C THR C 378 -2.62 14.20 39.08
N ALA C 379 -1.62 14.59 38.30
CA ALA C 379 -1.77 15.50 37.17
C ALA C 379 -0.88 14.98 36.04
N ASN C 380 -0.91 15.67 34.91
CA ASN C 380 -0.19 15.23 33.71
C ASN C 380 0.83 16.28 33.32
N LYS C 381 2.07 15.86 33.10
CA LYS C 381 3.00 16.75 32.39
C LYS C 381 2.45 17.04 30.99
N ASN C 382 2.77 18.23 30.49
CA ASN C 382 2.12 18.73 29.29
C ASN C 382 3.09 19.57 28.49
N THR C 383 3.21 19.27 27.20
CA THR C 383 4.07 20.05 26.32
C THR C 383 3.48 21.45 26.14
N CYS C 384 4.36 22.46 26.18
CA CYS C 384 3.92 23.84 26.00
C CYS C 384 4.55 24.44 24.75
N PRO C 385 3.90 25.45 24.15
CA PRO C 385 4.48 26.07 22.95
C PRO C 385 5.88 26.62 23.16
N GLY C 386 6.14 27.22 24.31
CA GLY C 386 7.45 27.78 24.60
C GLY C 386 8.53 26.79 24.98
N ASP C 387 8.24 25.49 24.93
CA ASP C 387 9.24 24.51 25.32
C ASP C 387 10.45 24.57 24.42
N ARG C 388 11.63 24.44 25.01
CA ARG C 388 12.87 24.39 24.25
C ARG C 388 13.45 22.99 24.13
N SER C 389 12.99 22.06 24.97
CA SER C 389 13.42 20.66 24.92
C SER C 389 12.22 19.83 24.49
N ALA C 390 12.29 19.24 23.31
CA ALA C 390 11.22 18.35 22.86
C ALA C 390 11.02 17.15 23.77
N ILE C 391 11.92 16.93 24.72
CA ILE C 391 11.89 15.75 25.57
C ILE C 391 11.25 16.03 26.92
N THR C 392 11.49 17.20 27.49
CA THR C 392 10.98 17.53 28.82
C THR C 392 9.86 18.57 28.73
N PRO C 393 8.62 18.20 29.05
CA PRO C 393 7.52 19.16 28.92
C PRO C 393 7.63 20.30 29.90
N GLY C 394 7.18 21.48 29.47
CA GLY C 394 7.23 22.66 30.30
C GLY C 394 6.03 22.91 31.19
N GLY C 395 4.97 22.11 31.11
CA GLY C 395 3.73 22.45 31.76
C GLY C 395 3.05 21.27 32.41
N LEU C 396 1.86 21.55 32.93
CA LEU C 396 0.98 20.58 33.56
C LEU C 396 -0.43 20.76 33.02
N ARG C 397 -1.12 19.65 32.91
CA ARG C 397 -2.54 19.64 32.54
CA ARG C 397 -2.53 19.65 32.53
C ARG C 397 -3.33 19.26 33.77
N LEU C 398 -4.28 20.11 34.15
CA LEU C 398 -5.08 19.94 35.36
C LEU C 398 -6.56 19.96 35.02
N GLY C 399 -7.31 18.98 35.51
CA GLY C 399 -8.72 18.84 35.17
C GLY C 399 -9.62 18.92 36.38
N ALA C 400 -10.85 19.36 36.14
CA ALA C 400 -11.87 19.48 37.19
C ALA C 400 -12.90 18.35 37.26
N PRO C 401 -13.10 17.52 36.21
CA PRO C 401 -14.23 16.57 36.28
C PRO C 401 -14.24 15.62 37.48
N ALA C 402 -13.11 14.98 37.80
CA ALA C 402 -13.12 13.93 38.81
C ALA C 402 -13.48 14.47 40.19
N LEU C 403 -12.83 15.55 40.61
CA LEU C 403 -13.12 16.08 41.94
C LEU C 403 -14.50 16.74 42.00
N THR C 404 -14.97 17.31 40.89
CA THR C 404 -16.32 17.84 40.86
C THR C 404 -17.34 16.73 41.14
N SER C 405 -17.07 15.52 40.65
CA SER C 405 -17.95 14.38 40.95
C SER C 405 -17.97 14.03 42.43
N ARG C 406 -16.97 14.47 43.20
CA ARG C 406 -16.90 14.29 44.63
C ARG C 406 -17.44 15.50 45.39
N GLN C 407 -18.18 16.37 44.71
CA GLN C 407 -18.86 17.52 45.30
C GLN C 407 -17.90 18.68 45.64
N PHE C 408 -16.70 18.70 45.04
CA PHE C 408 -15.83 19.87 45.19
C PHE C 408 -16.49 21.08 44.57
N ARG C 409 -16.37 22.23 45.25
CA ARG C 409 -16.81 23.51 44.74
C ARG C 409 -15.60 24.42 44.52
N GLU C 410 -15.86 25.70 44.19
CA GLU C 410 -14.78 26.59 43.79
C GLU C 410 -13.76 26.79 44.89
N ASP C 411 -14.21 26.98 46.14
CA ASP C 411 -13.28 27.17 47.24
C ASP C 411 -12.40 25.94 47.43
N ASP C 412 -12.95 24.74 47.20
CA ASP C 412 -12.15 23.53 47.33
C ASP C 412 -11.06 23.49 46.27
N PHE C 413 -11.36 23.92 45.04
CA PHE C 413 -10.32 24.00 44.01
C PHE C 413 -9.28 25.06 44.33
N ARG C 414 -9.67 26.16 44.97
CA ARG C 414 -8.65 27.11 45.44
C ARG C 414 -7.72 26.44 46.43
N ARG C 415 -8.25 25.59 47.31
CA ARG C 415 -7.40 24.86 48.25
C ARG C 415 -6.51 23.87 47.53
N VAL C 416 -7.04 23.18 46.50
CA VAL C 416 -6.20 22.31 45.68
C VAL C 416 -5.00 23.08 45.14
N VAL C 417 -5.22 24.30 44.65
CA VAL C 417 -4.15 25.07 44.04
C VAL C 417 -3.10 25.44 45.08
N ASP C 418 -3.52 25.75 46.31
CA ASP C 418 -2.55 26.00 47.36
C ASP C 418 -1.67 24.78 47.62
N PHE C 419 -2.25 23.58 47.62
CA PHE C 419 -1.45 22.36 47.76
C PHE C 419 -0.47 22.20 46.59
N ILE C 420 -0.95 22.42 45.35
CA ILE C 420 -0.07 22.34 44.20
C ILE C 420 1.12 23.28 44.37
N ASP C 421 0.83 24.51 44.81
CA ASP C 421 1.89 25.49 44.97
C ASP C 421 2.93 25.03 46.00
N GLU C 422 2.49 24.40 47.09
CA GLU C 422 3.45 23.83 48.03
C GLU C 422 4.33 22.80 47.34
N GLY C 423 3.72 21.93 46.54
CA GLY C 423 4.51 20.92 45.84
C GLY C 423 5.49 21.52 44.85
N VAL C 424 5.05 22.53 44.10
CA VAL C 424 5.94 23.21 43.16
C VAL C 424 7.13 23.82 43.89
N ASN C 425 6.90 24.41 45.06
CA ASN C 425 8.01 25.01 45.81
C ASN C 425 8.99 23.95 46.28
N ILE C 426 8.49 22.79 46.72
CA ILE C 426 9.40 21.68 47.04
C ILE C 426 10.20 21.28 45.79
N GLY C 427 9.54 21.19 44.65
CA GLY C 427 10.26 20.84 43.43
C GLY C 427 11.37 21.82 43.12
N LEU C 428 11.10 23.12 43.30
CA LEU C 428 12.13 24.12 43.03
C LEU C 428 13.34 23.93 43.94
N GLU C 429 13.11 23.63 45.22
CA GLU C 429 14.21 23.36 46.13
C GLU C 429 15.03 22.16 45.68
N VAL C 430 14.35 21.07 45.33
CA VAL C 430 15.06 19.86 44.91
C VAL C 430 15.83 20.11 43.63
N LYS C 431 15.23 20.87 42.70
CA LYS C 431 15.93 21.17 41.45
C LYS C 431 17.25 21.89 41.71
N SER C 432 17.27 22.79 42.70
CA SER C 432 18.51 23.51 43.00
C SER C 432 19.59 22.59 43.55
N LYS C 433 19.24 21.38 43.98
CA LYS C 433 20.17 20.46 44.62
C LYS C 433 20.54 19.26 43.75
N THR C 434 19.94 19.12 42.56
CA THR C 434 20.11 17.93 41.76
C THR C 434 20.35 18.32 40.31
N ALA C 435 20.93 17.39 39.54
CA ALA C 435 21.32 17.65 38.17
C ALA C 435 20.29 17.14 37.16
N LYS C 436 20.32 15.84 36.87
CA LYS C 436 19.45 15.27 35.85
C LYS C 436 18.06 14.98 36.42
N LEU C 437 17.11 14.74 35.50
CA LEU C 437 15.75 14.41 35.90
C LEU C 437 15.74 13.20 36.83
N GLN C 438 16.53 12.17 36.51
CA GLN C 438 16.53 10.98 37.36
C GLN C 438 17.11 11.29 38.74
N ASP C 439 18.10 12.20 38.81
CA ASP C 439 18.62 12.60 40.11
C ASP C 439 17.57 13.31 40.93
N PHE C 440 16.82 14.20 40.28
CA PHE C 440 15.70 14.87 40.94
C PHE C 440 14.72 13.86 41.53
N LYS C 441 14.32 12.86 40.73
CA LYS C 441 13.32 11.91 41.18
C LYS C 441 13.84 11.07 42.36
N SER C 442 15.08 10.61 42.28
CA SER C 442 15.63 9.82 43.37
C SER C 442 15.76 10.65 44.65
N PHE C 443 16.07 11.94 44.50
CA PHE C 443 16.21 12.81 45.67
C PHE C 443 14.89 12.93 46.43
N LEU C 444 13.76 12.97 45.70
CA LEU C 444 12.47 13.04 46.36
C LEU C 444 12.23 11.84 47.27
N LEU C 445 12.81 10.69 46.93
CA LEU C 445 12.62 9.47 47.71
C LEU C 445 13.62 9.32 48.84
N LYS C 446 14.88 9.70 48.61
CA LYS C 446 15.96 9.31 49.50
C LYS C 446 16.55 10.44 50.32
N ASP C 447 16.23 11.70 50.03
CA ASP C 447 16.64 12.79 50.91
C ASP C 447 15.66 12.88 52.07
N SER C 448 16.14 12.63 53.29
CA SER C 448 15.23 12.50 54.42
C SER C 448 14.45 13.78 54.68
N GLU C 449 15.09 14.93 54.57
CA GLU C 449 14.39 16.20 54.79
C GLU C 449 13.30 16.41 53.75
N THR C 450 13.60 16.10 52.49
CA THR C 450 12.61 16.23 51.43
C THR C 450 11.44 15.27 51.65
N SER C 451 11.75 14.01 51.96
CA SER C 451 10.68 13.03 52.15
C SER C 451 9.79 13.40 53.33
N GLN C 452 10.36 14.00 54.37
CA GLN C 452 9.54 14.43 55.50
C GLN C 452 8.61 15.57 55.10
N ARG C 453 9.13 16.52 54.31
CA ARG C 453 8.28 17.59 53.80
C ARG C 453 7.17 17.03 52.92
N LEU C 454 7.51 16.08 52.03
CA LEU C 454 6.49 15.47 51.20
C LEU C 454 5.47 14.71 52.04
N ALA C 455 5.94 14.03 53.09
CA ALA C 455 5.02 13.27 53.94
C ALA C 455 4.01 14.18 54.63
N ASN C 456 4.47 15.34 55.11
CA ASN C 456 3.58 16.28 55.76
C ASN C 456 2.52 16.80 54.79
N LEU C 457 2.94 17.19 53.58
CA LEU C 457 1.99 17.66 52.58
C LEU C 457 1.02 16.55 52.18
N ARG C 458 1.54 15.34 51.97
CA ARG C 458 0.68 14.21 51.60
C ARG C 458 -0.40 13.99 52.64
N GLN C 459 -0.06 14.08 53.92
CA GLN C 459 -1.08 13.84 54.95
C GLN C 459 -2.18 14.89 54.91
N ARG C 460 -1.80 16.16 54.74
CA ARG C 460 -2.83 17.21 54.68
C ARG C 460 -3.69 17.05 53.43
N VAL C 461 -3.08 16.70 52.29
CA VAL C 461 -3.84 16.43 51.07
C VAL C 461 -4.84 15.30 51.31
N GLU C 462 -4.35 14.19 51.85
CA GLU C 462 -5.19 13.00 51.95
C GLU C 462 -6.34 13.18 52.94
N GLN C 463 -6.08 13.84 54.07
CA GLN C 463 -7.15 14.06 55.03
C GLN C 463 -8.19 15.03 54.51
N PHE C 464 -7.77 15.98 53.67
CA PHE C 464 -8.73 16.83 52.98
C PHE C 464 -9.57 16.01 52.00
N ALA C 465 -8.91 15.23 51.15
CA ALA C 465 -9.62 14.49 50.09
C ALA C 465 -10.58 13.44 50.67
N ARG C 466 -10.18 12.75 51.74
CA ARG C 466 -10.99 11.61 52.23
C ARG C 466 -12.35 12.05 52.77
N ALA C 467 -12.50 13.32 53.13
CA ALA C 467 -13.75 13.79 53.72
C ALA C 467 -14.84 14.06 52.69
N PHE C 468 -14.52 13.96 51.39
CA PHE C 468 -15.54 14.17 50.36
C PHE C 468 -16.15 12.84 49.95
N PRO C 469 -17.40 12.86 49.49
CA PRO C 469 -18.04 11.63 49.02
C PRO C 469 -17.35 11.10 47.77
N MET C 470 -17.58 9.81 47.50
CA MET C 470 -16.98 9.15 46.34
C MET C 470 -18.01 8.27 45.63
N PRO C 471 -18.25 8.47 44.33
CA PRO C 471 -19.16 7.57 43.61
C PRO C 471 -18.65 6.14 43.60
N GLY C 472 -19.58 5.20 43.56
CA GLY C 472 -19.25 3.80 43.39
C GLY C 472 -19.63 2.95 44.59
N PHE C 473 -19.01 1.77 44.69
CA PHE C 473 -19.20 0.92 45.86
C PHE C 473 -18.41 1.49 47.04
N ASP C 474 -18.67 0.94 48.23
CA ASP C 474 -18.06 1.47 49.44
C ASP C 474 -16.55 1.19 49.47
N GLU C 475 -16.15 -0.04 49.14
CA GLU C 475 -14.80 -0.49 49.40
C GLU C 475 -14.07 -1.05 48.19
N HIS C 476 -14.69 -1.06 47.02
CA HIS C 476 -14.03 -1.61 45.84
C HIS C 476 -14.55 -0.96 44.58
N TRP D 15 -26.48 14.44 44.18
CA TRP D 15 -26.18 13.16 43.57
C TRP D 15 -24.92 12.54 44.15
N THR D 16 -24.98 11.27 44.51
CA THR D 16 -23.84 10.57 45.09
C THR D 16 -23.17 9.59 44.15
N GLY D 17 -23.91 9.02 43.20
CA GLY D 17 -23.36 7.91 42.46
C GLY D 17 -23.14 6.66 43.29
N GLN D 18 -23.79 6.57 44.46
CA GLN D 18 -23.75 5.40 45.31
C GLN D 18 -25.09 4.67 45.37
N GLU D 19 -26.09 5.16 44.67
CA GLU D 19 -27.39 4.50 44.62
C GLU D 19 -27.28 3.20 43.84
N SER D 20 -28.12 2.23 44.20
CA SER D 20 -28.09 0.95 43.52
C SER D 20 -28.74 1.05 42.15
N LEU D 21 -28.39 0.10 41.29
CA LEU D 21 -29.00 0.05 39.96
C LEU D 21 -30.51 -0.17 40.04
N SER D 22 -30.95 -1.05 40.95
CA SER D 22 -32.38 -1.34 41.03
C SER D 22 -33.19 -0.10 41.44
N ASP D 23 -32.62 0.77 42.26
CA ASP D 23 -33.31 1.99 42.65
C ASP D 23 -33.24 3.07 41.57
N SER D 24 -32.07 3.24 40.95
CA SER D 24 -31.83 4.42 40.12
C SER D 24 -32.22 4.24 38.65
N ASP D 25 -32.25 3.01 38.14
CA ASP D 25 -32.58 2.75 36.74
C ASP D 25 -33.42 1.49 36.69
N PRO D 26 -34.66 1.56 37.17
CA PRO D 26 -35.51 0.36 37.15
C PRO D 26 -35.68 -0.25 35.76
N GLU D 27 -35.69 0.57 34.71
CA GLU D 27 -35.83 0.02 33.37
C GLU D 27 -34.67 -0.92 33.03
N MET D 28 -33.44 -0.48 33.29
CA MET D 28 -32.28 -1.34 33.04
C MET D 28 -32.24 -2.52 33.99
N TRP D 29 -32.58 -2.32 35.26
CA TRP D 29 -32.59 -3.43 36.20
C TRP D 29 -33.50 -4.55 35.73
N GLU D 30 -34.69 -4.20 35.23
CA GLU D 30 -35.61 -5.21 34.73
C GLU D 30 -35.04 -5.93 33.52
N LEU D 31 -34.32 -5.22 32.65
CA LEU D 31 -33.70 -5.87 31.50
C LEU D 31 -32.63 -6.86 31.93
N LEU D 32 -31.82 -6.50 32.92
CA LEU D 32 -30.80 -7.43 33.41
C LEU D 32 -31.44 -8.69 33.97
N GLN D 33 -32.48 -8.52 34.79
CA GLN D 33 -33.15 -9.68 35.36
C GLN D 33 -33.73 -10.57 34.28
N ARG D 34 -34.28 -9.97 33.22
CA ARG D 34 -34.84 -10.75 32.13
C ARG D 34 -33.76 -11.56 31.42
N GLU D 35 -32.59 -10.97 31.23
CA GLU D 35 -31.50 -11.71 30.59
C GLU D 35 -31.03 -12.86 31.47
N LYS D 36 -30.92 -12.62 32.79
CA LYS D 36 -30.50 -13.68 33.69
C LYS D 36 -31.49 -14.83 33.67
N ASP D 37 -32.79 -14.51 33.66
CA ASP D 37 -33.79 -15.58 33.62
C ASP D 37 -33.67 -16.38 32.33
N ARG D 38 -33.43 -15.70 31.21
CA ARG D 38 -33.26 -16.39 29.94
C ARG D 38 -32.07 -17.34 29.99
N GLN D 39 -30.95 -16.90 30.55
CA GLN D 39 -29.78 -17.77 30.68
C GLN D 39 -30.08 -18.99 31.56
N CYS D 40 -30.86 -18.80 32.62
CA CYS D 40 -31.08 -19.90 33.56
C CYS D 40 -32.06 -20.94 33.02
N ARG D 41 -33.04 -20.52 32.23
CA ARG D 41 -34.09 -21.43 31.79
C ARG D 41 -33.84 -22.08 30.45
N GLY D 42 -32.79 -21.68 29.73
CA GLY D 42 -32.49 -22.25 28.44
C GLY D 42 -31.37 -23.29 28.48
N LEU D 43 -31.24 -24.02 27.38
CA LEU D 43 -30.13 -24.94 27.16
C LEU D 43 -29.17 -24.24 26.21
N GLU D 44 -28.06 -23.73 26.76
CA GLU D 44 -27.08 -22.97 26.00
C GLU D 44 -26.11 -23.96 25.34
N LEU D 45 -26.20 -24.09 24.02
CA LEU D 45 -25.33 -24.99 23.26
C LEU D 45 -24.41 -24.24 22.31
N ILE D 46 -24.36 -22.91 22.40
CA ILE D 46 -23.41 -22.16 21.58
C ILE D 46 -22.01 -22.45 22.10
N ALA D 47 -21.15 -22.96 21.21
CA ALA D 47 -19.88 -23.52 21.64
C ALA D 47 -18.92 -22.46 22.16
N SER D 48 -19.14 -21.19 21.81
CA SER D 48 -18.32 -20.08 22.27
C SER D 48 -18.86 -19.42 23.54
N GLU D 49 -19.92 -19.94 24.13
CA GLU D 49 -20.54 -19.35 25.31
C GLU D 49 -20.11 -20.08 26.58
N ASN D 50 -20.05 -19.33 27.68
CA ASN D 50 -19.85 -19.89 29.01
C ASN D 50 -20.53 -18.97 30.02
N PHE D 51 -20.46 -19.36 31.29
CA PHE D 51 -21.06 -18.58 32.38
C PHE D 51 -19.96 -18.20 33.37
N CYS D 52 -19.69 -16.90 33.45
CA CYS D 52 -18.58 -16.39 34.25
C CYS D 52 -18.91 -16.40 35.74
N SER D 53 -17.89 -16.64 36.56
CA SER D 53 -18.07 -16.70 38.01
C SER D 53 -18.41 -15.33 38.59
N ARG D 54 -19.11 -15.36 39.72
CA ARG D 54 -19.43 -14.13 40.43
C ARG D 54 -18.16 -13.39 40.84
N ALA D 55 -17.13 -14.12 41.25
CA ALA D 55 -15.90 -13.47 41.72
C ALA D 55 -15.27 -12.65 40.61
N ALA D 56 -15.21 -13.21 39.39
CA ALA D 56 -14.67 -12.45 38.27
C ALA D 56 -15.54 -11.24 37.94
N LEU D 57 -16.86 -11.42 37.98
CA LEU D 57 -17.75 -10.30 37.71
C LEU D 57 -17.64 -9.20 38.74
N GLU D 58 -17.37 -9.55 40.01
CA GLU D 58 -17.19 -8.52 41.03
C GLU D 58 -15.97 -7.66 40.74
N ALA D 59 -14.90 -8.26 40.21
CA ALA D 59 -13.75 -7.48 39.78
C ALA D 59 -14.06 -6.65 38.54
N LEU D 60 -14.89 -7.18 37.64
CA LEU D 60 -15.20 -6.49 36.39
C LEU D 60 -16.00 -5.23 36.64
N GLY D 61 -16.92 -5.25 37.60
CA GLY D 61 -17.70 -4.07 37.92
C GLY D 61 -17.18 -3.37 39.15
N SER D 62 -15.93 -2.90 39.09
CA SER D 62 -15.25 -2.34 40.24
C SER D 62 -14.64 -0.99 39.89
N CYS D 63 -14.07 -0.34 40.91
CA CYS D 63 -13.43 0.96 40.76
C CYS D 63 -12.23 0.93 39.83
N LEU D 64 -11.75 -0.26 39.46
CA LEU D 64 -10.68 -0.33 38.48
C LEU D 64 -11.10 0.27 37.14
N ASN D 65 -12.41 0.33 36.87
CA ASN D 65 -12.88 1.02 35.68
C ASN D 65 -12.40 2.46 35.63
N ASN D 66 -12.15 3.07 36.79
CA ASN D 66 -11.92 4.51 36.83
C ASN D 66 -10.51 4.91 36.40
N LYS D 67 -9.54 4.00 36.35
CA LYS D 67 -8.13 4.37 36.28
C LYS D 67 -7.60 4.34 34.85
N TYR D 68 -7.03 5.45 34.40
CA TYR D 68 -6.28 5.51 33.14
C TYR D 68 -4.84 5.08 33.39
N SER D 69 -4.37 4.11 32.60
CA SER D 69 -3.03 3.58 32.83
C SER D 69 -2.36 3.20 31.51
N GLU D 70 -2.43 4.10 30.53
CA GLU D 70 -1.72 3.90 29.28
C GLU D 70 -0.25 3.59 29.53
N GLY D 71 0.29 2.65 28.75
CA GLY D 71 1.64 2.20 28.95
C GLY D 71 1.69 0.81 29.56
N TYR D 72 2.76 0.49 30.27
CA TYR D 72 2.97 -0.82 30.86
C TYR D 72 3.48 -0.64 32.28
N PRO D 73 3.42 -1.68 33.11
CA PRO D 73 3.86 -1.56 34.50
C PRO D 73 5.26 -0.95 34.60
N GLY D 74 5.40 0.04 35.48
CA GLY D 74 6.65 0.74 35.64
C GLY D 74 7.01 1.68 34.51
N LYS D 75 6.20 1.72 33.45
CA LYS D 75 6.47 2.55 32.28
C LYS D 75 5.15 3.14 31.79
N ARG D 76 4.47 3.86 32.67
CA ARG D 76 3.19 4.49 32.40
C ARG D 76 3.39 5.95 31.98
N TYR D 77 2.35 6.49 31.33
CA TYR D 77 2.36 7.91 31.00
C TYR D 77 1.89 8.76 32.17
N TYR D 78 1.02 8.22 33.02
CA TYR D 78 0.42 8.93 34.13
C TYR D 78 0.86 8.31 35.45
N GLY D 79 0.84 9.13 36.51
CA GLY D 79 1.14 8.63 37.84
C GLY D 79 -0.07 7.96 38.48
N GLY D 80 0.12 7.54 39.73
CA GLY D 80 -0.93 6.89 40.49
C GLY D 80 -1.23 5.46 40.09
N ALA D 81 -0.31 4.78 39.41
CA ALA D 81 -0.55 3.45 38.88
C ALA D 81 0.04 2.33 39.73
N GLU D 82 0.43 2.60 40.96
CA GLU D 82 1.12 1.57 41.73
C GLU D 82 0.27 0.32 41.91
N VAL D 83 -1.03 0.48 42.15
CA VAL D 83 -1.88 -0.69 42.37
C VAL D 83 -2.21 -1.38 41.06
N VAL D 84 -2.59 -0.62 40.03
CA VAL D 84 -2.87 -1.25 38.73
C VAL D 84 -1.63 -1.91 38.15
N ASP D 85 -0.43 -1.41 38.46
CA ASP D 85 0.80 -2.10 38.07
C ASP D 85 0.87 -3.48 38.71
N GLU D 86 0.58 -3.56 40.01
CA GLU D 86 0.61 -4.86 40.69
C GLU D 86 -0.43 -5.80 40.11
N ILE D 87 -1.61 -5.26 39.74
CA ILE D 87 -2.66 -6.11 39.19
C ILE D 87 -2.26 -6.62 37.80
N GLU D 88 -1.74 -5.73 36.95
CA GLU D 88 -1.34 -6.16 35.60
C GLU D 88 -0.22 -7.20 35.67
N LEU D 89 0.77 -6.98 36.53
CA LEU D 89 1.85 -7.96 36.68
C LEU D 89 1.33 -9.28 37.23
N LEU D 90 0.42 -9.23 38.20
CA LEU D 90 -0.19 -10.46 38.71
C LEU D 90 -0.95 -11.18 37.62
N CYS D 91 -1.71 -10.46 36.81
CA CYS D 91 -2.43 -11.10 35.70
C CYS D 91 -1.45 -11.79 34.75
N GLN D 92 -0.34 -11.12 34.42
CA GLN D 92 0.67 -11.74 33.57
C GLN D 92 1.20 -13.04 34.19
N ARG D 93 1.56 -12.99 35.47
CA ARG D 93 2.10 -14.18 36.12
C ARG D 93 1.07 -15.31 36.12
N ARG D 94 -0.18 -14.99 36.41
CA ARG D 94 -1.22 -16.01 36.43
C ARG D 94 -1.49 -16.57 35.05
N ALA D 95 -1.36 -15.75 34.01
CA ALA D 95 -1.54 -16.25 32.64
C ALA D 95 -0.45 -17.24 32.29
N LEU D 96 0.81 -16.93 32.61
CA LEU D 96 1.88 -17.87 32.34
C LEU D 96 1.72 -19.15 33.14
N GLU D 97 1.30 -19.03 34.40
CA GLU D 97 1.11 -20.21 35.24
C GLU D 97 -0.03 -21.08 34.73
N ALA D 98 -1.15 -20.48 34.31
CA ALA D 98 -2.28 -21.28 33.84
C ALA D 98 -1.90 -22.15 32.65
N PHE D 99 -0.97 -21.70 31.81
CA PHE D 99 -0.54 -22.44 30.63
C PHE D 99 0.83 -23.10 30.82
N ASP D 100 1.32 -23.16 32.06
CA ASP D 100 2.52 -23.92 32.40
C ASP D 100 3.73 -23.44 31.62
N LEU D 101 3.87 -22.11 31.50
CA LEU D 101 4.90 -21.50 30.66
C LEU D 101 6.06 -21.01 31.51
N ASP D 102 7.27 -21.30 31.04
CA ASP D 102 8.47 -20.77 31.69
C ASP D 102 8.57 -19.29 31.38
N PRO D 103 8.54 -18.41 32.38
CA PRO D 103 8.63 -16.98 32.08
C PRO D 103 9.93 -16.56 31.43
N ALA D 104 10.96 -17.41 31.47
CA ALA D 104 12.19 -17.12 30.75
C ALA D 104 12.03 -17.32 29.25
N GLN D 105 11.02 -18.08 28.82
CA GLN D 105 10.80 -18.40 27.42
C GLN D 105 9.56 -17.77 26.84
N TRP D 106 8.63 -17.28 27.67
CA TRP D 106 7.36 -16.74 27.22
C TRP D 106 7.03 -15.47 27.99
N GLY D 107 6.46 -14.49 27.29
CA GLY D 107 5.83 -13.35 27.92
C GLY D 107 4.38 -13.25 27.46
N VAL D 108 3.65 -12.33 28.07
CA VAL D 108 2.22 -12.20 27.77
C VAL D 108 1.81 -10.74 27.90
N ASN D 109 0.93 -10.30 27.00
CA ASN D 109 0.32 -8.98 27.04
C ASN D 109 -1.15 -9.19 27.40
N VAL D 110 -1.58 -8.57 28.51
CA VAL D 110 -2.92 -8.80 29.04
C VAL D 110 -3.88 -7.66 28.73
N GLN D 111 -3.47 -6.71 27.88
CA GLN D 111 -4.29 -5.54 27.56
C GLN D 111 -5.28 -5.68 26.40
N PRO D 112 -5.18 -6.66 25.49
CA PRO D 112 -6.11 -6.65 24.35
C PRO D 112 -7.57 -6.62 24.81
N TYR D 113 -8.37 -5.76 24.14
CA TYR D 113 -9.74 -5.57 24.59
C TYR D 113 -10.62 -6.80 24.38
N SER D 114 -10.29 -7.64 23.40
CA SER D 114 -11.06 -8.85 23.12
C SER D 114 -10.20 -9.74 22.23
N GLY D 115 -10.79 -10.85 21.74
CA GLY D 115 -10.03 -11.73 20.87
C GLY D 115 -9.66 -11.08 19.54
N SER D 116 -10.59 -10.35 18.93
CA SER D 116 -10.29 -9.72 17.65
C SER D 116 -9.21 -8.65 17.79
N PRO D 117 -9.26 -7.76 18.79
CA PRO D 117 -8.14 -6.83 19.01
C PRO D 117 -6.81 -7.52 19.21
N ALA D 118 -6.79 -8.70 19.85
CA ALA D 118 -5.54 -9.42 20.06
C ALA D 118 -4.91 -9.82 18.73
N ASN D 119 -5.71 -10.40 17.83
CA ASN D 119 -5.17 -10.80 16.54
C ASN D 119 -4.71 -9.61 15.73
N LEU D 120 -5.49 -8.53 15.72
CA LEU D 120 -5.09 -7.36 14.94
C LEU D 120 -3.75 -6.81 15.43
N ALA D 121 -3.53 -6.81 16.75
CA ALA D 121 -2.26 -6.37 17.30
C ALA D 121 -1.10 -7.27 16.85
N VAL D 122 -1.30 -8.59 16.83
CA VAL D 122 -0.24 -9.48 16.35
C VAL D 122 0.15 -9.13 14.91
N TYR D 123 -0.85 -8.96 14.04
CA TYR D 123 -0.54 -8.66 12.64
C TYR D 123 0.17 -7.31 12.53
N THR D 124 -0.31 -6.31 13.28
CA THR D 124 0.30 -4.99 13.22
C THR D 124 1.73 -5.02 13.76
N ALA D 125 1.99 -5.85 14.77
CA ALA D 125 3.32 -5.95 15.36
C ALA D 125 4.32 -6.59 14.40
N LEU D 126 3.91 -7.64 13.68
CA LEU D 126 4.85 -8.49 12.98
C LEU D 126 4.86 -8.32 11.47
N LEU D 127 3.84 -7.68 10.90
CA LEU D 127 3.69 -7.58 9.45
C LEU D 127 3.62 -6.13 9.03
N GLN D 128 4.08 -5.86 7.80
CA GLN D 128 3.81 -4.57 7.18
C GLN D 128 2.44 -4.61 6.52
N PRO D 129 1.80 -3.46 6.31
CA PRO D 129 0.55 -3.45 5.55
C PRO D 129 0.75 -4.21 4.23
N HIS D 130 -0.25 -5.02 3.87
CA HIS D 130 -0.28 -5.84 2.66
C HIS D 130 0.60 -7.07 2.72
N ASP D 131 1.27 -7.35 3.84
CA ASP D 131 1.96 -8.63 4.00
C ASP D 131 0.93 -9.76 4.06
N ARG D 132 1.41 -10.98 3.81
CA ARG D 132 0.52 -12.10 3.53
C ARG D 132 0.26 -12.97 4.75
N ILE D 133 -1.00 -13.40 4.90
CA ILE D 133 -1.40 -14.30 5.97
C ILE D 133 -2.28 -15.41 5.37
N MET D 134 -2.22 -16.59 5.99
CA MET D 134 -3.13 -17.69 5.63
C MET D 134 -3.84 -18.20 6.86
N GLY D 135 -5.17 -18.32 6.75
CA GLY D 135 -5.97 -18.94 7.80
C GLY D 135 -6.98 -19.90 7.20
N LEU D 136 -7.62 -20.68 8.06
CA LEU D 136 -8.66 -21.59 7.61
C LEU D 136 -9.85 -20.78 7.11
N ASP D 137 -10.39 -21.15 5.95
CA ASP D 137 -11.50 -20.38 5.37
C ASP D 137 -12.70 -20.37 6.31
N LEU D 138 -13.43 -19.25 6.28
CA LEU D 138 -14.55 -19.08 7.22
C LEU D 138 -15.58 -20.18 7.10
N PRO D 139 -16.10 -20.51 5.90
CA PRO D 139 -17.08 -21.61 5.81
C PRO D 139 -16.51 -22.95 6.22
N ASP D 140 -15.19 -23.09 6.24
CA ASP D 140 -14.53 -24.32 6.63
C ASP D 140 -14.18 -24.38 8.11
N GLY D 141 -14.50 -23.35 8.89
CA GLY D 141 -14.32 -23.41 10.32
C GLY D 141 -13.34 -22.41 10.90
N GLY D 142 -12.80 -21.52 10.06
CA GLY D 142 -11.93 -20.48 10.55
C GLY D 142 -12.71 -19.30 11.11
N HIS D 143 -11.96 -18.28 11.56
CA HIS D 143 -12.54 -17.09 12.15
C HIS D 143 -12.38 -15.89 11.21
N LEU D 144 -13.32 -14.95 11.30
CA LEU D 144 -13.25 -13.72 10.49
C LEU D 144 -11.88 -13.08 10.57
N THR D 145 -11.30 -13.01 11.76
CA THR D 145 -10.05 -12.28 11.96
C THR D 145 -8.85 -13.01 11.40
N HIS D 146 -9.03 -14.18 10.80
CA HIS D 146 -7.95 -14.88 10.13
C HIS D 146 -7.81 -14.48 8.68
N GLY D 147 -8.56 -13.49 8.22
CA GLY D 147 -8.30 -12.92 6.92
C GLY D 147 -9.43 -13.04 5.92
N TYR D 148 -10.67 -13.13 6.39
CA TYR D 148 -11.76 -13.50 5.50
C TYR D 148 -12.14 -12.38 4.53
N MET D 149 -12.18 -12.74 3.25
CA MET D 149 -12.88 -11.97 2.24
C MET D 149 -13.66 -12.92 1.34
N SER D 150 -14.70 -12.41 0.72
CA SER D 150 -15.52 -13.21 -0.19
C SER D 150 -15.09 -12.93 -1.62
N ASP D 151 -15.75 -13.60 -2.57
CA ASP D 151 -15.47 -13.34 -3.98
C ASP D 151 -15.82 -11.91 -4.38
N VAL D 152 -16.61 -11.19 -3.58
CA VAL D 152 -17.16 -9.92 -4.00
C VAL D 152 -16.75 -8.73 -3.13
N LYS D 153 -16.18 -8.95 -1.94
CA LYS D 153 -15.70 -7.79 -1.19
C LYS D 153 -14.85 -8.22 -0.01
N ARG D 154 -13.99 -7.31 0.44
CA ARG D 154 -13.14 -7.57 1.59
C ARG D 154 -13.95 -7.35 2.86
N ILE D 155 -14.06 -8.39 3.68
CA ILE D 155 -14.98 -8.38 4.80
C ILE D 155 -14.27 -8.07 6.11
N SER D 156 -13.33 -8.93 6.51
CA SER D 156 -12.54 -8.64 7.71
C SER D 156 -11.53 -7.53 7.42
N ALA D 157 -11.28 -6.67 8.41
CA ALA D 157 -10.18 -5.72 8.30
C ALA D 157 -8.84 -6.43 8.09
N THR D 158 -8.73 -7.69 8.51
CA THR D 158 -7.52 -8.46 8.28
CA THR D 158 -7.49 -8.41 8.28
C THR D 158 -7.25 -8.66 6.80
N SER D 159 -8.30 -8.63 5.97
CA SER D 159 -8.17 -8.76 4.52
CA SER D 159 -8.16 -8.77 4.52
C SER D 159 -8.03 -7.44 3.81
N ILE D 160 -8.23 -6.32 4.52
CA ILE D 160 -8.06 -4.99 3.98
C ILE D 160 -6.64 -4.50 4.21
N PHE D 161 -6.17 -4.53 5.45
CA PHE D 161 -4.84 -4.05 5.78
C PHE D 161 -3.74 -5.06 5.45
N PHE D 162 -4.09 -6.33 5.29
CA PHE D 162 -3.15 -7.41 4.96
C PHE D 162 -3.74 -8.23 3.83
N GLU D 163 -2.91 -9.07 3.22
CA GLU D 163 -3.29 -9.86 2.06
C GLU D 163 -3.45 -11.32 2.49
N SER D 164 -4.68 -11.79 2.51
CA SER D 164 -4.96 -13.13 3.02
C SER D 164 -5.27 -14.10 1.89
N MET D 165 -5.03 -15.38 2.14
CA MET D 165 -5.46 -16.43 1.23
C MET D 165 -5.82 -17.60 2.14
N PRO D 166 -7.00 -18.20 1.98
CA PRO D 166 -7.42 -19.25 2.89
C PRO D 166 -6.79 -20.59 2.56
N TYR D 167 -6.74 -21.46 3.58
CA TYR D 167 -6.61 -22.89 3.35
C TYR D 167 -7.92 -23.58 3.71
N LYS D 168 -8.04 -24.84 3.30
CA LYS D 168 -9.33 -25.52 3.22
C LYS D 168 -9.30 -26.86 3.95
N LEU D 169 -10.50 -27.32 4.32
CA LEU D 169 -10.69 -28.70 4.72
C LEU D 169 -10.58 -29.62 3.51
N ASN D 170 -10.22 -30.86 3.77
CA ASN D 170 -10.49 -31.92 2.82
C ASN D 170 -11.97 -32.24 2.96
N PRO D 171 -12.79 -32.03 1.92
CA PRO D 171 -14.24 -32.18 2.10
C PRO D 171 -14.67 -33.61 2.38
N LYS D 172 -13.85 -34.59 2.02
CA LYS D 172 -14.24 -35.99 2.25
C LYS D 172 -14.11 -36.38 3.71
N THR D 173 -13.08 -35.87 4.39
CA THR D 173 -12.79 -36.25 5.77
C THR D 173 -13.24 -35.22 6.79
N GLY D 174 -13.44 -33.98 6.37
CA GLY D 174 -13.73 -32.90 7.30
C GLY D 174 -12.54 -32.42 8.08
N LEU D 175 -11.34 -32.87 7.76
CA LEU D 175 -10.12 -32.45 8.43
C LEU D 175 -9.40 -31.37 7.60
N ILE D 176 -8.64 -30.52 8.30
CA ILE D 176 -7.76 -29.59 7.61
C ILE D 176 -6.90 -30.37 6.62
N ASP D 177 -6.81 -29.88 5.39
CA ASP D 177 -6.01 -30.55 4.37
C ASP D 177 -4.59 -30.03 4.50
N TYR D 178 -3.79 -30.68 5.34
CA TYR D 178 -2.42 -30.23 5.55
C TYR D 178 -1.59 -30.36 4.29
N ASN D 179 -1.84 -31.40 3.48
CA ASN D 179 -1.12 -31.57 2.22
C ASN D 179 -1.31 -30.37 1.32
N GLN D 180 -2.56 -29.91 1.18
CA GLN D 180 -2.81 -28.78 0.29
C GLN D 180 -2.28 -27.49 0.88
N LEU D 181 -2.35 -27.33 2.20
CA LEU D 181 -1.78 -26.15 2.84
C LEU D 181 -0.29 -26.04 2.53
N ALA D 182 0.45 -27.15 2.64
CA ALA D 182 1.87 -27.10 2.37
C ALA D 182 2.13 -26.72 0.92
N LEU D 183 1.30 -27.24 0.01
CA LEU D 183 1.49 -26.95 -1.42
C LEU D 183 1.23 -25.49 -1.72
N THR D 184 0.12 -24.94 -1.20
CA THR D 184 -0.22 -23.55 -1.53
C THR D 184 0.62 -22.55 -0.76
N ALA D 185 1.06 -22.88 0.46
CA ALA D 185 1.93 -21.96 1.19
C ALA D 185 3.25 -21.75 0.46
N ARG D 186 3.76 -22.79 -0.22
CA ARG D 186 5.00 -22.61 -0.98
C ARG D 186 4.83 -21.61 -2.11
N LEU D 187 3.63 -21.50 -2.67
CA LEU D 187 3.37 -20.59 -3.78
C LEU D 187 3.01 -19.18 -3.30
N PHE D 188 2.16 -19.07 -2.27
CA PHE D 188 1.67 -17.79 -1.78
C PHE D 188 2.69 -17.10 -0.88
N ARG D 189 3.55 -17.86 -0.21
CA ARG D 189 4.63 -17.30 0.61
C ARG D 189 4.08 -16.42 1.72
N PRO D 190 3.21 -16.94 2.59
CA PRO D 190 2.69 -16.11 3.69
C PRO D 190 3.79 -15.77 4.66
N ARG D 191 3.66 -14.59 5.28
CA ARG D 191 4.55 -14.22 6.37
C ARG D 191 4.05 -14.76 7.71
N LEU D 192 2.77 -15.13 7.77
CA LEU D 192 2.19 -15.64 9.00
C LEU D 192 1.07 -16.61 8.64
N ILE D 193 1.04 -17.76 9.32
CA ILE D 193 0.00 -18.76 9.16
C ILE D 193 -0.70 -18.91 10.50
N ILE D 194 -2.04 -18.93 10.48
CA ILE D 194 -2.84 -19.01 11.70
C ILE D 194 -3.38 -20.43 11.85
N ALA D 195 -3.05 -21.06 12.97
CA ALA D 195 -3.58 -22.37 13.36
C ALA D 195 -4.59 -22.13 14.48
N GLY D 196 -5.87 -22.17 14.14
CA GLY D 196 -6.90 -21.97 15.15
C GLY D 196 -8.26 -21.86 14.51
N THR D 197 -9.30 -22.28 15.22
CA THR D 197 -10.60 -22.46 14.58
C THR D 197 -11.72 -21.92 15.43
N SER D 198 -12.85 -21.66 14.76
CA SER D 198 -14.11 -21.34 15.42
C SER D 198 -15.12 -22.46 15.34
N ALA D 199 -15.02 -23.35 14.34
CA ALA D 199 -15.94 -24.48 14.20
C ALA D 199 -15.18 -25.70 13.66
N TYR D 200 -14.42 -26.35 14.53
CA TYR D 200 -13.64 -27.53 14.17
C TYR D 200 -13.62 -28.43 15.39
N ALA D 201 -13.94 -29.71 15.17
CA ALA D 201 -14.13 -30.66 16.27
C ALA D 201 -12.90 -31.52 16.54
N ARG D 202 -11.81 -31.32 15.80
CA ARG D 202 -10.64 -32.16 15.93
C ARG D 202 -9.44 -31.36 16.43
N LEU D 203 -8.41 -32.09 16.84
CA LEU D 203 -7.19 -31.44 17.30
C LEU D 203 -6.34 -31.02 16.11
N ILE D 204 -5.77 -29.83 16.20
CA ILE D 204 -4.95 -29.31 15.10
C ILE D 204 -3.56 -29.93 15.20
N ASP D 205 -3.01 -30.32 14.05
CA ASP D 205 -1.66 -30.88 14.00
C ASP D 205 -0.66 -29.72 14.01
N TYR D 206 -0.38 -29.21 15.21
CA TYR D 206 0.51 -28.04 15.32
C TYR D 206 1.92 -28.37 14.86
N ALA D 207 2.38 -29.61 15.06
CA ALA D 207 3.71 -29.97 14.58
C ALA D 207 3.79 -29.86 13.05
N ARG D 208 2.74 -30.31 12.36
CA ARG D 208 2.71 -30.16 10.91
C ARG D 208 2.64 -28.69 10.51
N MET D 209 1.84 -27.89 11.23
CA MET D 209 1.78 -26.46 10.96
C MET D 209 3.16 -25.82 11.12
N ARG D 210 3.89 -26.19 12.16
CA ARG D 210 5.24 -25.66 12.35
C ARG D 210 6.17 -26.09 11.22
N GLU D 211 6.03 -27.33 10.77
CA GLU D 211 6.83 -27.80 9.64
C GLU D 211 6.62 -26.92 8.42
N VAL D 212 5.37 -26.63 8.09
CA VAL D 212 5.08 -25.76 6.95
C VAL D 212 5.66 -24.38 7.17
N CYS D 213 5.45 -23.80 8.36
CA CYS D 213 5.96 -22.46 8.64
C CYS D 213 7.48 -22.42 8.54
N ASP D 214 8.17 -23.43 9.07
CA ASP D 214 9.62 -23.48 8.96
C ASP D 214 10.07 -23.53 7.51
N GLU D 215 9.35 -24.30 6.69
CA GLU D 215 9.74 -24.43 5.28
C GLU D 215 9.61 -23.11 4.54
N VAL D 216 8.47 -22.41 4.72
CA VAL D 216 8.21 -21.19 3.97
C VAL D 216 8.66 -19.93 4.71
N LYS D 217 9.22 -20.07 5.92
CA LYS D 217 9.70 -18.93 6.70
C LYS D 217 8.57 -18.00 7.12
N ALA D 218 7.48 -18.59 7.62
CA ALA D 218 6.37 -17.83 8.17
C ALA D 218 6.33 -18.00 9.69
N HIS D 219 5.84 -16.97 10.37
CA HIS D 219 5.49 -17.10 11.78
C HIS D 219 4.27 -18.00 11.92
N LEU D 220 4.27 -18.83 12.96
CA LEU D 220 3.11 -19.62 13.32
C LEU D 220 2.37 -18.95 14.47
N LEU D 221 1.14 -18.51 14.22
CA LEU D 221 0.26 -17.97 15.26
C LEU D 221 -0.78 -19.04 15.56
N ALA D 222 -0.87 -19.45 16.81
CA ALA D 222 -1.98 -20.31 17.25
C ALA D 222 -3.02 -19.41 17.90
N ASP D 223 -4.23 -19.40 17.34
CA ASP D 223 -5.36 -18.66 17.91
C ASP D 223 -6.24 -19.69 18.60
N MET D 224 -6.03 -19.87 19.90
CA MET D 224 -6.64 -20.96 20.66
C MET D 224 -7.91 -20.54 21.39
N ALA D 225 -8.56 -19.45 20.95
CA ALA D 225 -9.71 -18.90 21.67
C ALA D 225 -10.73 -19.97 22.09
N HIS D 226 -11.11 -20.84 21.15
CA HIS D 226 -12.15 -21.81 21.49
C HIS D 226 -11.70 -22.83 22.52
N ILE D 227 -10.42 -23.17 22.54
CA ILE D 227 -9.93 -24.34 23.26
C ILE D 227 -9.05 -23.98 24.44
N SER D 228 -8.91 -22.69 24.75
CA SER D 228 -7.88 -22.26 25.69
C SER D 228 -8.05 -22.91 27.06
N GLY D 229 -9.29 -23.06 27.53
CA GLY D 229 -9.50 -23.73 28.81
C GLY D 229 -9.06 -25.16 28.79
N LEU D 230 -9.33 -25.87 27.69
CA LEU D 230 -8.89 -27.25 27.54
C LEU D 230 -7.36 -27.34 27.56
N VAL D 231 -6.69 -26.37 26.92
CA VAL D 231 -5.23 -26.33 26.95
C VAL D 231 -4.71 -26.08 28.35
N ALA D 232 -5.27 -25.09 29.05
CA ALA D 232 -4.83 -24.80 30.41
C ALA D 232 -5.00 -26.01 31.31
N ALA D 233 -6.11 -26.73 31.16
CA ALA D 233 -6.38 -27.92 31.96
C ALA D 233 -5.51 -29.11 31.57
N LYS D 234 -4.75 -29.01 30.47
CA LYS D 234 -3.91 -30.09 29.98
C LYS D 234 -4.71 -31.32 29.58
N VAL D 235 -5.94 -31.12 29.11
CA VAL D 235 -6.75 -32.24 28.63
C VAL D 235 -6.61 -32.45 27.13
N ILE D 236 -6.02 -31.51 26.40
CA ILE D 236 -5.63 -31.68 25.00
C ILE D 236 -4.20 -31.17 24.82
N PRO D 237 -3.52 -31.51 23.73
CA PRO D 237 -2.15 -31.04 23.54
C PRO D 237 -2.08 -29.52 23.43
N SER D 238 -0.96 -28.96 23.86
CA SER D 238 -0.80 -27.51 23.95
C SER D 238 -0.21 -26.95 22.67
N PRO D 239 -0.78 -25.87 22.11
CA PRO D 239 -0.16 -25.20 20.96
C PRO D 239 1.17 -24.55 21.30
N PHE D 240 1.44 -24.29 22.58
CA PHE D 240 2.66 -23.61 22.98
C PHE D 240 3.90 -24.44 22.71
N LYS D 241 3.76 -25.76 22.51
CA LYS D 241 4.91 -26.57 22.15
C LYS D 241 5.46 -26.20 20.78
N HIS D 242 4.64 -25.63 19.90
CA HIS D 242 5.03 -25.42 18.51
C HIS D 242 4.89 -23.99 18.00
N ALA D 243 4.10 -23.14 18.64
CA ALA D 243 3.77 -21.83 18.09
C ALA D 243 4.78 -20.75 18.51
N ASP D 244 4.91 -19.72 17.66
CA ASP D 244 5.70 -18.54 17.99
C ASP D 244 4.90 -17.58 18.87
N ILE D 245 3.62 -17.45 18.56
CA ILE D 245 2.72 -16.49 19.18
C ILE D 245 1.44 -17.26 19.42
N VAL D 246 0.76 -16.98 20.53
CA VAL D 246 -0.52 -17.59 20.81
C VAL D 246 -1.48 -16.49 21.26
N THR D 247 -2.62 -16.39 20.58
CA THR D 247 -3.68 -15.47 21.00
C THR D 247 -4.85 -16.25 21.55
N THR D 248 -5.63 -15.58 22.39
CA THR D 248 -6.85 -16.18 22.89
C THR D 248 -7.76 -15.09 23.45
N THR D 249 -9.05 -15.38 23.44
CA THR D 249 -10.00 -14.73 24.31
C THR D 249 -9.79 -15.21 25.75
N THR D 250 -10.34 -14.47 26.69
CA THR D 250 -10.33 -14.89 28.08
C THR D 250 -11.68 -15.45 28.53
N HIS D 251 -12.70 -15.33 27.69
CA HIS D 251 -13.99 -15.96 27.91
C HIS D 251 -14.01 -17.37 27.29
N1 LLP D 252 -10.57 -16.01 17.25
C2 LLP D 252 -11.19 -17.13 17.50
C2' LLP D 252 -10.58 -18.40 17.02
C3 LLP D 252 -12.40 -17.15 18.21
O3 LLP D 252 -12.96 -18.34 18.42
C4 LLP D 252 -12.97 -15.95 18.63
C4' LLP D 252 -14.20 -16.01 19.42
C5 LLP D 252 -12.25 -14.77 18.36
C6 LLP D 252 -11.09 -14.87 17.65
C5' LLP D 252 -12.67 -13.35 18.67
OP4 LLP D 252 -12.95 -13.06 20.00
P LLP D 252 -13.90 -11.67 20.27
OP1 LLP D 252 -13.26 -10.60 19.39
OP2 LLP D 252 -15.31 -12.02 19.81
OP3 LLP D 252 -13.78 -11.46 21.77
N LLP D 252 -15.11 -17.76 26.68
CA LLP D 252 -15.21 -19.11 26.09
CB LLP D 252 -14.45 -19.18 24.77
CG LLP D 252 -14.84 -18.05 23.79
CD LLP D 252 -14.50 -18.24 22.31
CE LLP D 252 -15.14 -17.24 21.36
NZ LLP D 252 -14.20 -16.95 20.30
C LLP D 252 -14.79 -20.20 27.10
O LLP D 252 -15.23 -20.16 28.26
H2'1 LLP D 252 -10.84 -19.14 17.58
H2'2 LLP D 252 -9.61 -18.33 17.04
H2'3 LLP D 252 -10.86 -18.58 16.11
HO3 LLP D 252 -12.86 -18.51 19.24
H4'1 LLP D 252 -14.92 -15.42 19.27
H6 LLP D 252 -10.62 -14.10 17.43
H5'1 LLP D 252 -13.45 -13.18 18.10
H5'2 LLP D 252 -11.96 -12.79 18.33
N THR D 253 -13.96 -21.16 26.72
CA THR D 253 -13.63 -22.25 27.64
C THR D 253 -12.79 -21.84 28.86
N LEU D 254 -12.18 -20.65 28.81
CA LEU D 254 -11.46 -20.14 29.97
C LEU D 254 -12.40 -19.55 31.01
N ARG D 255 -13.64 -19.24 30.63
CA ARG D 255 -14.70 -18.91 31.58
C ARG D 255 -14.43 -17.61 32.34
N GLY D 256 -13.76 -16.65 31.71
CA GLY D 256 -13.49 -15.36 32.31
C GLY D 256 -14.38 -14.26 31.76
N ALA D 257 -14.05 -13.03 32.14
CA ALA D 257 -14.68 -11.88 31.52
C ALA D 257 -14.17 -11.72 30.09
N ARG D 258 -14.92 -10.97 29.29
CA ARG D 258 -14.53 -10.79 27.89
C ARG D 258 -13.29 -9.91 27.80
N SER D 259 -12.25 -10.45 27.18
CA SER D 259 -10.96 -9.77 27.02
C SER D 259 -10.10 -10.66 26.12
N GLY D 260 -8.84 -10.26 25.94
CA GLY D 260 -7.92 -11.02 25.11
C GLY D 260 -6.54 -11.10 25.73
N LEU D 261 -5.75 -12.03 25.19
CA LEU D 261 -4.36 -12.21 25.61
C LEU D 261 -3.49 -12.47 24.37
N ILE D 262 -2.25 -11.99 24.41
CA ILE D 262 -1.23 -12.36 23.43
C ILE D 262 -0.02 -12.92 24.17
N PHE D 263 0.31 -14.20 23.90
CA PHE D 263 1.53 -14.82 24.42
C PHE D 263 2.58 -14.83 23.32
N TYR D 264 3.84 -14.65 23.69
CA TYR D 264 4.90 -14.60 22.69
C TYR D 264 6.18 -15.20 23.26
N ARG D 265 6.93 -15.87 22.40
CA ARG D 265 8.25 -16.36 22.79
C ARG D 265 9.18 -15.19 23.08
N LYS D 266 10.07 -15.40 24.05
CA LYS D 266 11.09 -14.41 24.38
C LYS D 266 12.38 -15.14 24.73
N GLY D 267 13.45 -14.38 24.90
CA GLY D 267 14.72 -14.97 25.25
C GLY D 267 15.48 -15.49 24.03
N VAL D 268 16.30 -16.51 24.26
CA VAL D 268 17.12 -17.07 23.19
C VAL D 268 16.28 -18.04 22.35
N LYS D 269 16.43 -17.94 21.04
CA LYS D 269 15.77 -18.87 20.13
C LYS D 269 16.43 -20.24 20.21
N ILE D 279 21.21 -15.99 19.51
CA ILE D 279 20.18 -15.30 18.73
C ILE D 279 18.87 -15.25 19.51
N PRO D 280 18.42 -14.03 19.83
CA PRO D 280 17.22 -13.89 20.67
C PRO D 280 15.95 -13.70 19.86
N TYR D 281 14.81 -14.04 20.45
CA TYR D 281 13.53 -13.70 19.86
C TYR D 281 13.33 -12.19 19.87
N THR D 282 12.54 -11.69 18.92
CA THR D 282 12.31 -10.27 18.77
C THR D 282 10.82 -9.94 18.68
N PHE D 283 9.99 -10.72 19.39
CA PHE D 283 8.55 -10.50 19.38
C PHE D 283 8.09 -9.50 20.45
N GLU D 284 8.70 -9.55 21.64
CA GLU D 284 8.12 -8.89 22.81
C GLU D 284 7.89 -7.40 22.57
N ASP D 285 8.93 -6.67 22.17
CA ASP D 285 8.80 -5.22 22.06
C ASP D 285 7.81 -4.84 20.95
N ARG D 286 7.82 -5.57 19.84
CA ARG D 286 6.89 -5.26 18.75
C ARG D 286 5.44 -5.55 19.15
N ILE D 287 5.20 -6.67 19.84
CA ILE D 287 3.84 -6.99 20.27
C ILE D 287 3.33 -5.93 21.25
N ASN D 288 4.14 -5.61 22.26
CA ASN D 288 3.69 -4.65 23.26
C ASN D 288 3.46 -3.27 22.63
N PHE D 289 4.34 -2.86 21.72
CA PHE D 289 4.17 -1.56 21.07
C PHE D 289 2.93 -1.52 20.19
N ALA D 290 2.63 -2.63 19.51
CA ALA D 290 1.44 -2.68 18.66
C ALA D 290 0.16 -2.49 19.48
N VAL D 291 0.08 -3.12 20.65
CA VAL D 291 -1.11 -2.95 21.49
C VAL D 291 -1.22 -1.51 21.96
N PHE D 292 -0.11 -0.94 22.44
CA PHE D 292 -0.08 0.44 22.85
C PHE D 292 1.36 0.92 22.67
N PRO D 293 1.60 2.04 21.98
CA PRO D 293 0.63 3.07 21.56
C PRO D 293 -0.04 2.86 20.21
N SER D 294 0.21 1.79 19.45
CA SER D 294 -0.24 1.78 18.07
C SER D 294 -1.76 1.68 17.95
N LEU D 295 -2.37 0.70 18.62
CA LEU D 295 -3.77 0.37 18.35
C LEU D 295 -4.73 0.84 19.44
N GLN D 296 -4.46 0.51 20.69
CA GLN D 296 -5.41 0.73 21.77
C GLN D 296 -5.10 2.03 22.51
N GLY D 297 -6.02 2.38 23.41
CA GLY D 297 -5.81 3.49 24.34
C GLY D 297 -5.61 2.97 25.75
N GLY D 298 -6.32 3.55 26.70
CA GLY D 298 -6.22 3.09 28.08
C GLY D 298 -6.67 1.64 28.23
N PRO D 299 -5.90 0.84 28.96
CA PRO D 299 -6.35 -0.53 29.24
C PRO D 299 -7.61 -0.53 30.09
N HIS D 300 -8.36 -1.63 30.00
CA HIS D 300 -9.55 -1.80 30.83
C HIS D 300 -9.14 -2.59 32.06
N ASN D 301 -8.73 -1.86 33.11
CA ASN D 301 -8.14 -2.52 34.27
C ASN D 301 -9.13 -3.41 34.99
N HIS D 302 -10.43 -3.07 34.95
CA HIS D 302 -11.43 -3.95 35.53
C HIS D 302 -11.46 -5.30 34.81
N ALA D 303 -11.31 -5.29 33.49
CA ALA D 303 -11.23 -6.54 32.74
C ALA D 303 -9.96 -7.31 33.06
N ILE D 304 -8.82 -6.62 33.15
CA ILE D 304 -7.57 -7.27 33.51
C ILE D 304 -7.70 -7.98 34.85
N ALA D 305 -8.30 -7.31 35.83
CA ALA D 305 -8.49 -7.91 37.15
C ALA D 305 -9.41 -9.14 37.07
N ALA D 306 -10.53 -9.00 36.35
CA ALA D 306 -11.43 -10.14 36.21
C ALA D 306 -10.74 -11.31 35.52
N VAL D 307 -9.93 -11.04 34.50
CA VAL D 307 -9.17 -12.09 33.84
C VAL D 307 -8.22 -12.77 34.82
N ALA D 308 -7.54 -11.99 35.65
CA ALA D 308 -6.63 -12.57 36.64
C ALA D 308 -7.38 -13.52 37.57
N VAL D 309 -8.60 -13.16 37.95
CA VAL D 309 -9.40 -14.02 38.80
C VAL D 309 -9.70 -15.34 38.10
N ALA D 310 -10.10 -15.27 36.82
CA ALA D 310 -10.43 -16.48 36.09
C ALA D 310 -9.19 -17.33 35.82
N LEU D 311 -8.04 -16.69 35.58
CA LEU D 311 -6.82 -17.46 35.33
C LEU D 311 -6.39 -18.25 36.56
N LYS D 312 -6.57 -17.66 37.75
CA LYS D 312 -6.29 -18.41 38.98
C LYS D 312 -7.21 -19.62 39.10
N GLN D 313 -8.50 -19.44 38.79
CA GLN D 313 -9.42 -20.57 38.78
C GLN D 313 -8.97 -21.65 37.81
N ALA D 314 -8.45 -21.24 36.64
CA ALA D 314 -8.04 -22.19 35.61
C ALA D 314 -6.84 -23.03 36.02
N CYS D 315 -6.14 -22.67 37.11
CA CYS D 315 -4.98 -23.41 37.56
C CYS D 315 -5.33 -24.57 38.49
N THR D 316 -6.59 -24.71 38.88
CA THR D 316 -6.95 -25.59 39.99
C THR D 316 -7.28 -26.98 39.50
N PRO D 317 -7.23 -27.96 40.42
CA PRO D 317 -7.80 -29.28 40.10
C PRO D 317 -9.27 -29.22 39.71
N MET D 318 -10.03 -28.31 40.32
CA MET D 318 -11.44 -28.13 39.96
C MET D 318 -11.57 -27.86 38.46
N PHE D 319 -10.70 -27.00 37.92
CA PHE D 319 -10.84 -26.62 36.52
C PHE D 319 -10.44 -27.76 35.59
N ARG D 320 -9.46 -28.57 35.98
CA ARG D 320 -9.13 -29.74 35.18
C ARG D 320 -10.28 -30.74 35.15
N GLU D 321 -10.94 -30.96 36.30
CA GLU D 321 -12.09 -31.85 36.30
C GLU D 321 -13.22 -31.29 35.44
N TYR D 322 -13.45 -29.98 35.51
CA TYR D 322 -14.42 -29.34 34.62
C TYR D 322 -14.08 -29.59 33.17
N SER D 323 -12.82 -29.38 32.80
CA SER D 323 -12.42 -29.51 31.39
C SER D 323 -12.47 -30.96 30.93
N LEU D 324 -12.12 -31.92 31.80
CA LEU D 324 -12.31 -33.32 31.45
C LEU D 324 -13.79 -33.61 31.21
N GLN D 325 -14.66 -33.04 32.05
CA GLN D 325 -16.10 -33.28 31.88
C GLN D 325 -16.62 -32.65 30.59
N VAL D 326 -16.07 -31.49 30.19
CA VAL D 326 -16.45 -30.90 28.91
C VAL D 326 -16.19 -31.88 27.78
N LEU D 327 -15.02 -32.52 27.76
CA LEU D 327 -14.70 -33.47 26.71
C LEU D 327 -15.64 -34.67 26.75
N LYS D 328 -15.92 -35.19 27.95
CA LYS D 328 -16.82 -36.33 28.09
C LYS D 328 -18.22 -36.00 27.61
N ASN D 329 -18.70 -34.79 27.93
CA ASN D 329 -20.04 -34.38 27.53
C ASN D 329 -20.15 -34.18 26.03
N ALA D 330 -19.14 -33.58 25.39
CA ALA D 330 -19.15 -33.46 23.95
C ALA D 330 -19.20 -34.83 23.28
N ARG D 331 -18.42 -35.78 23.81
CA ARG D 331 -18.40 -37.13 23.27
C ARG D 331 -19.74 -37.83 23.45
N ALA D 332 -20.37 -37.65 24.63
CA ALA D 332 -21.68 -38.24 24.86
C ALA D 332 -22.71 -37.67 23.91
N MET D 333 -22.64 -36.35 23.66
CA MET D 333 -23.53 -35.72 22.70
C MET D 333 -23.31 -36.28 21.29
N ALA D 334 -22.04 -36.40 20.87
CA ALA D 334 -21.74 -36.97 19.56
C ALA D 334 -22.28 -38.38 19.43
N ASP D 335 -22.08 -39.21 20.45
CA ASP D 335 -22.56 -40.58 20.39
C ASP D 335 -24.08 -40.64 20.30
N ALA D 336 -24.77 -39.82 21.07
CA ALA D 336 -26.23 -39.84 21.07
C ALA D 336 -26.78 -39.40 19.72
N LEU D 337 -26.12 -38.43 19.07
CA LEU D 337 -26.58 -37.99 17.76
C LEU D 337 -26.39 -39.07 16.71
N LEU D 338 -25.24 -39.75 16.73
CA LEU D 338 -25.02 -40.85 15.79
C LEU D 338 -26.06 -41.95 15.97
N GLU D 339 -26.47 -42.20 17.22
CA GLU D 339 -27.47 -43.23 17.49
C GLU D 339 -28.86 -42.86 16.98
N ARG D 340 -29.14 -41.57 16.81
CA ARG D 340 -30.45 -41.10 16.34
C ARG D 340 -30.46 -40.77 14.86
N GLY D 341 -29.46 -41.23 14.11
CA GLY D 341 -29.48 -41.09 12.67
C GLY D 341 -28.89 -39.83 12.13
N TYR D 342 -28.20 -39.03 12.96
CA TYR D 342 -27.47 -37.86 12.48
C TYR D 342 -26.08 -38.28 11.99
N SER D 343 -25.47 -37.41 11.20
CA SER D 343 -24.06 -37.54 10.86
C SER D 343 -23.27 -36.44 11.56
N LEU D 344 -21.95 -36.63 11.64
CA LEU D 344 -21.06 -35.66 12.26
C LEU D 344 -19.93 -35.33 11.30
N VAL D 345 -19.67 -34.04 11.08
CA VAL D 345 -18.55 -33.66 10.23
C VAL D 345 -17.26 -34.08 10.92
N SER D 346 -16.37 -34.74 10.17
CA SER D 346 -15.16 -35.39 10.66
C SER D 346 -15.45 -36.65 11.48
N GLY D 347 -16.71 -37.04 11.63
CA GLY D 347 -17.04 -38.32 12.22
C GLY D 347 -17.09 -38.39 13.73
N GLY D 348 -16.84 -37.28 14.43
CA GLY D 348 -16.81 -37.29 15.88
C GLY D 348 -16.14 -36.03 16.40
N THR D 349 -15.69 -36.09 17.65
CA THR D 349 -15.05 -34.96 18.29
C THR D 349 -13.90 -35.41 19.18
N ASP D 350 -12.90 -34.54 19.26
CA ASP D 350 -11.84 -34.64 20.26
C ASP D 350 -11.78 -33.40 21.15
N ASN D 351 -12.77 -32.51 21.06
CA ASN D 351 -12.73 -31.31 21.89
C ASN D 351 -14.09 -31.02 22.52
N HIS D 352 -14.42 -29.74 22.69
CA HIS D 352 -15.60 -29.30 23.42
C HIS D 352 -16.85 -29.20 22.57
N LEU D 353 -16.77 -29.41 21.25
CA LEU D 353 -17.91 -29.18 20.39
C LEU D 353 -18.13 -30.32 19.42
N VAL D 354 -19.30 -30.30 18.79
CA VAL D 354 -19.74 -31.29 17.82
C VAL D 354 -20.27 -30.55 16.61
N LEU D 355 -19.88 -31.01 15.42
CA LEU D 355 -20.38 -30.45 14.16
C LEU D 355 -21.39 -31.44 13.61
N VAL D 356 -22.68 -31.13 13.78
CA VAL D 356 -23.74 -32.04 13.36
C VAL D 356 -24.06 -31.78 11.89
N ASP D 357 -24.17 -32.86 11.12
CA ASP D 357 -24.62 -32.80 9.75
C ASP D 357 -26.06 -33.29 9.74
N LEU D 358 -27.00 -32.38 9.51
CA LEU D 358 -28.42 -32.68 9.54
C LEU D 358 -28.94 -33.19 8.20
N ARG D 359 -28.11 -33.24 7.17
CA ARG D 359 -28.61 -33.60 5.85
C ARG D 359 -29.28 -34.96 5.79
N PRO D 360 -28.79 -36.00 6.48
CA PRO D 360 -29.54 -37.27 6.50
C PRO D 360 -30.94 -37.14 7.11
N LYS D 361 -31.18 -36.14 7.96
CA LYS D 361 -32.51 -35.95 8.53
C LYS D 361 -33.44 -35.17 7.62
N GLY D 362 -32.91 -34.43 6.65
CA GLY D 362 -33.75 -33.68 5.73
C GLY D 362 -34.20 -32.32 6.22
N LEU D 363 -33.49 -31.74 7.19
CA LEU D 363 -33.81 -30.41 7.69
C LEU D 363 -32.54 -29.58 7.75
N ASP D 364 -32.54 -28.41 7.12
CA ASP D 364 -31.33 -27.60 7.09
C ASP D 364 -31.10 -26.90 8.43
N GLY D 365 -29.90 -26.36 8.59
CA GLY D 365 -29.51 -25.77 9.86
C GLY D 365 -30.19 -24.45 10.17
N ALA D 366 -30.59 -23.69 9.15
CA ALA D 366 -31.32 -22.46 9.40
C ALA D 366 -32.70 -22.75 9.98
N ARG D 367 -33.41 -23.73 9.41
CA ARG D 367 -34.69 -24.13 9.97
C ARG D 367 -34.53 -24.74 11.36
N ALA D 368 -33.54 -25.62 11.53
CA ALA D 368 -33.34 -26.28 12.82
C ALA D 368 -33.01 -25.29 13.92
N GLU D 369 -32.10 -24.35 13.65
CA GLU D 369 -31.69 -23.43 14.71
C GLU D 369 -32.87 -22.59 15.21
N ARG D 370 -33.79 -22.24 14.31
CA ARG D 370 -34.91 -21.39 14.70
C ARG D 370 -35.94 -22.17 15.51
N VAL D 371 -36.25 -23.40 15.10
CA VAL D 371 -37.15 -24.22 15.92
C VAL D 371 -36.57 -24.39 17.32
N LEU D 372 -35.27 -24.71 17.40
CA LEU D 372 -34.64 -24.89 18.70
C LEU D 372 -34.69 -23.61 19.52
N GLU D 373 -34.42 -22.47 18.91
CA GLU D 373 -34.50 -21.20 19.64
C GLU D 373 -35.87 -21.03 20.30
N LEU D 374 -36.94 -21.40 19.60
CA LEU D 374 -38.28 -21.20 20.13
C LEU D 374 -38.62 -22.16 21.26
N VAL D 375 -37.81 -23.19 21.50
CA VAL D 375 -37.98 -24.06 22.65
C VAL D 375 -36.84 -23.87 23.65
N SER D 376 -36.16 -22.72 23.59
CA SER D 376 -35.17 -22.30 24.58
C SER D 376 -33.88 -23.10 24.51
N ILE D 377 -33.56 -23.64 23.34
CA ILE D 377 -32.28 -24.28 23.07
C ILE D 377 -31.55 -23.41 22.06
N THR D 378 -30.40 -22.89 22.43
CA THR D 378 -29.63 -22.02 21.56
C THR D 378 -28.46 -22.79 20.95
N ALA D 379 -28.50 -22.96 19.64
CA ALA D 379 -27.42 -23.52 18.84
C ALA D 379 -27.28 -22.64 17.62
N ASN D 380 -26.33 -22.95 16.75
CA ASN D 380 -26.20 -22.14 15.55
C ASN D 380 -26.02 -23.00 14.32
N LYS D 381 -26.65 -22.55 13.23
CA LYS D 381 -26.46 -23.19 11.94
C LYS D 381 -24.98 -23.16 11.57
N ASN D 382 -24.57 -24.17 10.80
CA ASN D 382 -23.16 -24.36 10.48
C ASN D 382 -23.04 -24.94 9.08
N THR D 383 -22.15 -24.35 8.27
CA THR D 383 -21.90 -24.86 6.94
C THR D 383 -21.22 -26.23 7.01
N CYS D 384 -21.67 -27.16 6.16
CA CYS D 384 -21.07 -28.48 6.02
C CYS D 384 -20.38 -28.62 4.68
N PRO D 385 -19.31 -29.41 4.61
CA PRO D 385 -18.68 -29.69 3.31
C PRO D 385 -19.70 -30.19 2.31
N GLY D 386 -19.68 -29.62 1.11
CA GLY D 386 -20.62 -29.99 0.07
C GLY D 386 -21.89 -29.16 0.02
N ASP D 387 -22.15 -28.31 1.02
CA ASP D 387 -23.33 -27.47 1.00
C ASP D 387 -23.38 -26.64 -0.28
N ARG D 388 -24.60 -26.42 -0.79
CA ARG D 388 -24.80 -25.60 -1.96
C ARG D 388 -25.30 -24.19 -1.65
N SER D 389 -25.89 -23.97 -0.48
CA SER D 389 -26.48 -22.67 -0.13
C SER D 389 -26.03 -22.25 1.26
N ALA D 390 -25.58 -21.00 1.36
CA ALA D 390 -25.28 -20.44 2.68
C ALA D 390 -26.53 -20.06 3.45
N ILE D 391 -27.64 -19.82 2.76
CA ILE D 391 -28.87 -19.45 3.44
C ILE D 391 -29.44 -20.64 4.21
N THR D 392 -29.29 -21.84 3.67
CA THR D 392 -29.78 -23.07 4.29
C THR D 392 -28.60 -24.04 4.44
N PRO D 393 -27.72 -23.77 5.40
CA PRO D 393 -26.57 -24.66 5.60
C PRO D 393 -27.01 -26.03 6.08
N GLY D 394 -26.11 -26.99 5.96
CA GLY D 394 -26.48 -28.37 6.22
C GLY D 394 -26.43 -28.81 7.67
N GLY D 395 -25.84 -28.01 8.57
CA GLY D 395 -25.63 -28.50 9.91
C GLY D 395 -25.84 -27.54 11.05
N LEU D 396 -25.44 -28.00 12.24
CA LEU D 396 -25.50 -27.21 13.47
C LEU D 396 -24.22 -27.44 14.23
N ARG D 397 -23.78 -26.40 14.93
CA ARG D 397 -22.65 -26.51 15.83
C ARG D 397 -23.19 -26.54 17.26
N LEU D 398 -22.76 -27.54 18.04
CA LEU D 398 -23.21 -27.72 19.42
C LEU D 398 -22.01 -27.80 20.34
N GLY D 399 -22.05 -27.06 21.45
CA GLY D 399 -20.93 -27.03 22.38
C GLY D 399 -21.30 -27.50 23.77
N ALA D 400 -20.31 -28.03 24.49
CA ALA D 400 -20.50 -28.50 25.85
C ALA D 400 -20.05 -27.56 26.97
N PRO D 401 -19.25 -26.52 26.73
CA PRO D 401 -18.72 -25.74 27.90
C PRO D 401 -19.78 -25.12 28.79
N ALA D 402 -20.79 -24.45 28.23
CA ALA D 402 -21.71 -23.66 29.05
C ALA D 402 -22.51 -24.56 30.00
N LEU D 403 -23.12 -25.62 29.47
CA LEU D 403 -23.91 -26.50 30.33
C LEU D 403 -23.04 -27.31 31.27
N THR D 404 -21.82 -27.65 30.88
CA THR D 404 -20.93 -28.33 31.81
C THR D 404 -20.63 -27.43 33.01
N SER D 405 -20.61 -26.12 32.81
CA SER D 405 -20.45 -25.18 33.92
C SER D 405 -21.66 -25.15 34.84
N ARG D 406 -22.80 -25.69 34.39
CA ARG D 406 -24.00 -25.85 35.21
C ARG D 406 -24.12 -27.26 35.78
N GLN D 407 -23.02 -28.01 35.77
CA GLN D 407 -22.93 -29.35 36.36
C GLN D 407 -23.64 -30.43 35.55
N PHE D 408 -23.87 -30.19 34.26
CA PHE D 408 -24.37 -31.25 33.39
C PHE D 408 -23.35 -32.36 33.27
N ARG D 409 -23.83 -33.60 33.26
CA ARG D 409 -23.01 -34.77 33.03
C ARG D 409 -23.50 -35.48 31.76
N GLU D 410 -22.92 -36.65 31.49
CA GLU D 410 -23.19 -37.33 30.21
C GLU D 410 -24.67 -37.63 30.04
N ASP D 411 -25.31 -38.17 31.08
CA ASP D 411 -26.74 -38.47 30.99
C ASP D 411 -27.55 -37.22 30.69
N ASP D 412 -27.14 -36.07 31.26
CA ASP D 412 -27.85 -34.83 31.01
C ASP D 412 -27.71 -34.40 29.56
N PHE D 413 -26.52 -34.59 28.98
CA PHE D 413 -26.35 -34.26 27.56
C PHE D 413 -27.13 -35.23 26.67
N ARG D 414 -27.35 -36.47 27.11
CA ARG D 414 -28.22 -37.35 26.35
C ARG D 414 -29.65 -36.83 26.36
N ARG D 415 -30.11 -36.30 27.50
CA ARG D 415 -31.43 -35.67 27.54
C ARG D 415 -31.49 -34.45 26.63
N VAL D 416 -30.41 -33.66 26.58
CA VAL D 416 -30.34 -32.54 25.63
C VAL D 416 -30.58 -33.04 24.22
N VAL D 417 -29.90 -34.13 23.83
CA VAL D 417 -30.05 -34.62 22.46
C VAL D 417 -31.47 -35.09 22.20
N ASP D 418 -32.12 -35.68 23.21
CA ASP D 418 -33.51 -36.06 23.06
C ASP D 418 -34.38 -34.85 22.76
N PHE D 419 -34.14 -33.74 23.45
CA PHE D 419 -34.91 -32.51 23.20
C PHE D 419 -34.63 -31.98 21.80
N ILE D 420 -33.36 -31.98 21.39
CA ILE D 420 -33.01 -31.52 20.04
C ILE D 420 -33.75 -32.35 18.99
N ASP D 421 -33.74 -33.67 19.15
CA ASP D 421 -34.38 -34.53 18.15
C ASP D 421 -35.87 -34.26 18.07
N GLU D 422 -36.51 -34.00 19.21
CA GLU D 422 -37.91 -33.58 19.20
C GLU D 422 -38.09 -32.29 18.40
N GLY D 423 -37.21 -31.31 18.62
CA GLY D 423 -37.30 -30.08 17.85
C GLY D 423 -37.12 -30.30 16.36
N VAL D 424 -36.15 -31.14 16.00
CA VAL D 424 -35.95 -31.44 14.58
C VAL D 424 -37.21 -32.07 13.98
N ASN D 425 -37.88 -32.96 14.72
CA ASN D 425 -39.09 -33.58 14.21
C ASN D 425 -40.20 -32.55 14.00
N ILE D 426 -40.33 -31.57 14.89
CA ILE D 426 -41.27 -30.50 14.66
C ILE D 426 -40.91 -29.74 13.40
N GLY D 427 -39.63 -29.42 13.23
CA GLY D 427 -39.20 -28.74 12.03
C GLY D 427 -39.53 -29.52 10.76
N LEU D 428 -39.36 -30.84 10.79
CA LEU D 428 -39.64 -31.65 9.61
C LEU D 428 -41.12 -31.58 9.24
N GLU D 429 -42.00 -31.57 10.24
CA GLU D 429 -43.43 -31.46 9.96
C GLU D 429 -43.79 -30.08 9.41
N VAL D 430 -43.21 -29.02 10.00
CA VAL D 430 -43.44 -27.68 9.48
C VAL D 430 -42.89 -27.57 8.06
N LYS D 431 -41.73 -28.16 7.80
CA LYS D 431 -41.17 -28.16 6.46
C LYS D 431 -42.15 -28.75 5.45
N SER D 432 -42.83 -29.84 5.83
CA SER D 432 -43.79 -30.47 4.94
C SER D 432 -45.01 -29.59 4.67
N LYS D 433 -45.21 -28.53 5.47
CA LYS D 433 -46.37 -27.65 5.32
C LYS D 433 -45.99 -26.25 4.84
N THR D 434 -44.73 -26.00 4.53
CA THR D 434 -44.27 -24.67 4.13
C THR D 434 -43.31 -24.79 2.96
N ALA D 435 -43.03 -23.65 2.34
CA ALA D 435 -42.16 -23.63 1.17
C ALA D 435 -40.81 -23.00 1.47
N LYS D 436 -40.74 -21.66 1.44
CA LYS D 436 -39.48 -20.97 1.62
C LYS D 436 -39.16 -20.79 3.11
N LEU D 437 -37.92 -20.37 3.38
CA LEU D 437 -37.49 -20.21 4.76
C LEU D 437 -38.35 -19.19 5.50
N GLN D 438 -38.80 -18.15 4.81
CA GLN D 438 -39.66 -17.16 5.45
C GLN D 438 -41.02 -17.76 5.81
N ASP D 439 -41.60 -18.55 4.91
CA ASP D 439 -42.86 -19.24 5.22
C ASP D 439 -42.67 -20.15 6.44
N PHE D 440 -41.61 -20.94 6.43
CA PHE D 440 -41.30 -21.81 7.56
C PHE D 440 -41.28 -21.02 8.86
N LYS D 441 -40.55 -19.90 8.87
CA LYS D 441 -40.38 -19.14 10.12
C LYS D 441 -41.69 -18.54 10.61
N SER D 442 -42.50 -17.98 9.70
CA SER D 442 -43.77 -17.40 10.12
C SER D 442 -44.73 -18.48 10.61
N PHE D 443 -44.69 -19.67 10.00
CA PHE D 443 -45.57 -20.75 10.41
C PHE D 443 -45.36 -21.11 11.88
N LEU D 444 -44.10 -21.12 12.33
CA LEU D 444 -43.81 -21.46 13.72
C LEU D 444 -44.56 -20.55 14.68
N LEU D 445 -44.82 -19.30 14.28
CA LEU D 445 -45.51 -18.35 15.13
C LEU D 445 -47.00 -18.28 14.84
N LYS D 446 -47.42 -18.49 13.59
CA LYS D 446 -48.80 -18.25 13.18
C LYS D 446 -49.69 -19.48 13.31
N ASP D 447 -49.15 -20.68 13.13
CA ASP D 447 -49.95 -21.90 13.16
C ASP D 447 -50.19 -22.31 14.61
N SER D 448 -51.46 -22.37 15.01
CA SER D 448 -51.77 -22.63 16.42
C SER D 448 -51.33 -24.03 16.84
N GLU D 449 -51.50 -25.03 15.97
CA GLU D 449 -51.08 -26.38 16.31
C GLU D 449 -49.57 -26.46 16.50
N THR D 450 -48.82 -25.93 15.55
CA THR D 450 -47.36 -25.84 15.72
C THR D 450 -47.01 -25.05 16.97
N SER D 451 -47.69 -23.92 17.18
CA SER D 451 -47.42 -23.10 18.35
C SER D 451 -47.64 -23.87 19.63
N GLN D 452 -48.69 -24.70 19.68
CA GLN D 452 -48.94 -25.49 20.88
C GLN D 452 -47.86 -26.54 21.09
N ARG D 453 -47.38 -27.15 20.01
CA ARG D 453 -46.34 -28.16 20.13
C ARG D 453 -45.02 -27.55 20.61
N LEU D 454 -44.67 -26.38 20.08
CA LEU D 454 -43.46 -25.69 20.54
C LEU D 454 -43.58 -25.28 22.01
N ALA D 455 -44.75 -24.79 22.41
CA ALA D 455 -44.92 -24.39 23.80
C ALA D 455 -44.78 -25.57 24.74
N ASN D 456 -45.31 -26.73 24.36
CA ASN D 456 -45.18 -27.92 25.19
C ASN D 456 -43.71 -28.32 25.33
N LEU D 457 -42.98 -28.34 24.22
CA LEU D 457 -41.57 -28.69 24.28
C LEU D 457 -40.77 -27.65 25.06
N ARG D 458 -41.05 -26.36 24.84
CA ARG D 458 -40.36 -25.31 25.58
C ARG D 458 -40.56 -25.47 27.08
N GLN D 459 -41.78 -25.77 27.52
CA GLN D 459 -42.03 -25.93 28.95
C GLN D 459 -41.19 -27.06 29.53
N ARG D 460 -41.07 -28.17 28.80
CA ARG D 460 -40.28 -29.29 29.29
C ARG D 460 -38.78 -28.96 29.28
N VAL D 461 -38.30 -28.26 28.24
CA VAL D 461 -36.89 -27.85 28.20
C VAL D 461 -36.57 -26.95 29.39
N GLU D 462 -37.43 -25.97 29.65
CA GLU D 462 -37.13 -24.98 30.68
C GLU D 462 -37.25 -25.57 32.07
N GLN D 463 -38.25 -26.43 32.29
CA GLN D 463 -38.33 -27.15 33.55
C GLN D 463 -37.07 -27.95 33.81
N PHE D 464 -36.53 -28.59 32.76
CA PHE D 464 -35.28 -29.34 32.89
C PHE D 464 -34.10 -28.40 33.15
N ALA D 465 -33.99 -27.33 32.37
CA ALA D 465 -32.83 -26.44 32.48
C ALA D 465 -32.78 -25.71 33.81
N ARG D 466 -33.94 -25.28 34.32
CA ARG D 466 -33.94 -24.51 35.56
C ARG D 466 -33.44 -25.30 36.75
N ALA D 467 -33.45 -26.64 36.67
CA ALA D 467 -33.05 -27.51 37.78
C ALA D 467 -31.54 -27.58 37.98
N PHE D 468 -30.75 -26.88 37.17
CA PHE D 468 -29.31 -26.96 37.32
C PHE D 468 -28.74 -25.65 37.85
N PRO D 469 -27.65 -25.68 38.61
CA PRO D 469 -27.08 -24.45 39.15
C PRO D 469 -26.51 -23.57 38.05
N MET D 470 -26.23 -22.32 38.42
CA MET D 470 -25.75 -21.33 37.49
C MET D 470 -24.69 -20.43 38.12
N PRO D 471 -23.49 -20.35 37.54
CA PRO D 471 -22.50 -19.40 38.07
C PRO D 471 -22.97 -17.96 37.98
N GLY D 472 -22.47 -17.13 38.88
CA GLY D 472 -22.70 -15.70 38.82
C GLY D 472 -23.51 -15.17 39.99
N PHE D 473 -24.08 -13.97 39.81
CA PHE D 473 -24.98 -13.41 40.81
C PHE D 473 -26.32 -14.15 40.79
N ASP D 474 -27.16 -13.85 41.79
CA ASP D 474 -28.42 -14.56 41.91
C ASP D 474 -29.41 -14.17 40.82
N GLU D 475 -29.55 -12.87 40.56
CA GLU D 475 -30.63 -12.37 39.70
C GLU D 475 -30.18 -11.49 38.55
N HIS D 476 -28.89 -11.24 38.39
CA HIS D 476 -28.44 -10.39 37.30
C HIS D 476 -27.06 -10.80 36.84
C1 EDO E . 16.79 5.18 -24.49
O1 EDO E . 15.70 5.12 -25.36
C2 EDO E . 17.21 3.82 -24.00
O2 EDO E . 18.37 3.97 -23.23
C1 EDO F . 3.29 17.33 -8.23
O1 EDO F . 2.93 18.54 -8.85
C2 EDO F . 4.46 17.58 -7.33
O2 EDO F . 4.45 16.70 -6.23
H11 EDO F . 3.54 16.66 -8.89
H12 EDO F . 2.56 16.96 -7.71
HO1 EDO F . 2.26 18.40 -9.34
H21 EDO F . 4.41 18.52 -7.05
H22 EDO F . 5.27 17.50 -7.86
HO2 EDO F . 4.43 15.91 -6.53
C1 EDO G . 3.40 30.42 -1.90
O1 EDO G . 3.82 31.75 -1.98
C2 EDO G . 2.13 30.30 -2.71
O2 EDO G . 1.11 31.08 -2.12
H11 EDO G . 3.21 30.16 -0.98
H12 EDO G . 4.06 29.80 -2.24
HO1 EDO G . 3.68 32.03 -2.78
H21 EDO G . 1.89 29.35 -2.75
H22 EDO G . 2.33 30.58 -3.62
HO2 EDO G . 0.43 31.05 -2.63
C1 EDO H . 16.33 6.02 -47.23
O1 EDO H . 16.59 4.71 -47.69
C2 EDO H . 17.61 6.68 -46.75
O2 EDO H . 18.54 6.87 -47.79
H11 EDO H . 15.69 6.01 -46.50
H12 EDO H . 15.96 6.56 -47.93
HO1 EDO H . 15.90 4.45 -48.12
H21 EDO H . 17.97 6.12 -46.04
H22 EDO H . 17.35 7.53 -46.34
HO2 EDO H . 18.78 6.10 -48.07
C TRS I . 24.29 32.68 -40.52
C1 TRS I . 23.15 31.68 -40.26
C2 TRS I . 24.61 32.90 -42.00
C3 TRS I . 25.58 32.29 -39.79
N TRS I . 23.83 34.01 -39.98
O1 TRS I . 23.60 30.43 -40.71
O2 TRS I . 23.46 33.44 -42.61
O3 TRS I . 26.46 33.38 -39.87
C1 PEG J . 20.07 32.79 -42.39
O1 PEG J . 19.86 34.13 -42.79
C2 PEG J . 20.92 32.11 -43.43
O2 PEG J . 21.61 30.99 -42.92
C3 PEG J . 22.72 30.69 -43.73
C4 PEG J . 23.43 29.45 -43.25
O4 PEG J . 23.60 28.54 -44.31
H11 PEG J . 19.23 32.31 -42.30
H12 PEG J . 20.52 32.74 -41.53
HO1 PEG J . 19.36 34.50 -42.21
H21 PEG J . 21.53 32.77 -43.79
H22 PEG J . 20.34 31.85 -44.17
H31 PEG J . 23.34 31.43 -43.73
H32 PEG J . 22.43 30.56 -44.64
H41 PEG J . 22.90 29.07 -42.52
H42 PEG J . 24.28 29.73 -42.88
HO4 PEG J . 24.17 27.95 -44.07
NA NA K . -14.38 38.13 -29.04
C1 EDO L . 9.35 3.45 -28.22
O1 EDO L . 8.10 3.16 -28.80
C2 EDO L . 10.18 2.20 -28.33
O2 EDO L . 11.48 2.37 -27.82
H11 EDO L . 9.26 3.70 -27.28
H12 EDO L . 9.80 4.18 -28.67
HO1 EDO L . 7.92 3.76 -29.37
H21 EDO L . 10.19 1.96 -29.26
H22 EDO L . 9.70 1.51 -27.86
HO2 EDO L . 11.44 2.91 -27.16
C1 EDO M . 28.19 5.35 -41.40
O1 EDO M . 28.88 5.51 -42.62
C2 EDO M . 29.08 5.74 -40.24
O2 EDO M . 29.48 7.11 -40.30
H11 EDO M . 27.90 4.44 -41.27
H12 EDO M . 27.39 5.91 -41.37
HO1 EDO M . 28.38 5.23 -43.25
H21 EDO M . 29.84 5.14 -40.27
H22 EDO M . 28.59 5.55 -39.43
HO2 EDO M . 29.89 7.23 -41.03
C1 EDO N . 30.63 -7.74 -41.93
O1 EDO N . 31.64 -7.31 -42.80
C2 EDO N . 31.20 -7.66 -40.53
O2 EDO N . 32.27 -8.58 -40.42
H11 EDO N . 30.34 -8.65 -42.11
H12 EDO N . 29.84 -7.17 -41.98
HO1 EDO N . 32.00 -6.61 -42.47
H21 EDO N . 30.48 -7.85 -39.91
H22 EDO N . 31.48 -6.75 -40.37
HO2 EDO N . 32.94 -8.26 -40.82
C1 EDO O . 24.80 -20.37 -47.21
O1 EDO O . 25.00 -20.57 -48.58
C2 EDO O . 26.12 -20.54 -46.51
O2 EDO O . 26.42 -21.92 -46.42
H11 EDO O . 24.15 -21.00 -46.84
H12 EDO O . 24.45 -19.47 -47.02
HO1 EDO O . 25.34 -21.34 -48.68
H21 EDO O . 26.06 -20.12 -45.64
H22 EDO O . 26.78 -20.05 -47.02
HO2 EDO O . 26.36 -22.26 -47.19
C1 EDO P . 4.35 -14.63 -10.51
O1 EDO P . 3.15 -14.16 -11.08
C2 EDO P . 5.14 -15.34 -11.58
O2 EDO P . 6.51 -15.26 -11.30
H11 EDO P . 4.17 -15.25 -9.78
H12 EDO P . 4.88 -13.91 -10.14
HO1 EDO P . 2.67 -13.83 -10.45
H21 EDO P . 4.91 -14.93 -12.43
H22 EDO P . 4.82 -16.25 -11.62
HO2 EDO P . 6.75 -14.44 -11.34
NA NA Q . 34.75 -32.63 -11.69
C1 EDO R . -1.70 13.74 12.44
O1 EDO R . -2.89 13.92 11.71
C2 EDO R . -1.86 14.35 13.81
O2 EDO R . -0.83 13.92 14.66
H11 EDO R . -0.94 14.15 12.00
H12 EDO R . -1.48 12.80 12.54
HO1 EDO R . -3.54 13.80 12.25
H21 EDO R . -2.74 14.11 14.13
H22 EDO R . -1.87 15.32 13.70
HO2 EDO R . -0.10 14.09 14.29
C1 EDO S . -9.99 13.18 56.90
O1 EDO S . -11.09 13.01 56.04
C2 EDO S . -9.58 11.81 57.38
O2 EDO S . -8.22 11.72 57.67
H11 EDO S . -10.21 13.73 57.67
H12 EDO S . -9.23 13.60 56.46
HO1 EDO S . -11.68 12.56 56.45
H21 EDO S . -9.84 11.18 56.68
H22 EDO S . -10.13 11.60 58.15
HO2 EDO S . -7.79 11.80 56.94
C1 EDO T . -17.78 -2.17 24.64
O1 EDO T . -18.84 -1.35 24.19
C2 EDO T . -16.90 -1.37 25.57
O2 EDO T . -15.82 -2.14 26.04
H11 EDO T . -17.23 -2.50 23.91
H12 EDO T . -18.11 -2.95 25.11
HO1 EDO T . -19.45 -1.86 23.88
H21 EDO T . -17.46 -1.04 26.29
H22 EDO T . -16.59 -0.58 25.08
HO2 EDO T . -15.79 -2.85 25.58
C1 EDO U . -14.69 -18.66 42.63
O1 EDO U . -15.85 -18.85 41.85
C2 EDO U . -13.88 -19.92 42.55
O2 EDO U . -12.58 -19.77 43.05
H11 EDO U . -14.91 -18.46 43.56
H12 EDO U . -14.17 -17.90 42.31
HO1 EDO U . -16.11 -19.65 41.96
H21 EDO U . -13.89 -20.19 41.62
H22 EDO U . -14.38 -20.59 43.04
HO2 EDO U . -12.12 -19.34 42.49
C1 EDO V . -9.88 -2.02 17.44
O1 EDO V . -11.06 -2.60 16.95
C2 EDO V . -8.97 -3.11 17.98
O2 EDO V . -7.78 -2.56 18.50
H11 EDO V . -10.06 -1.39 18.15
H12 EDO V . -9.41 -1.53 16.75
HO1 EDO V . -11.35 -2.12 16.32
H21 EDO V . -8.81 -3.73 17.25
H22 EDO V . -9.48 -3.60 18.65
HO2 EDO V . -7.58 -1.88 18.03
NA NA W . 19.86 21.62 39.13
C1 EDO X . -8.86 -17.37 5.70
O1 EDO X . -10.08 -16.70 5.49
C2 EDO X . -7.70 -16.45 5.40
O2 EDO X . -8.00 -15.77 4.20
H11 EDO X . -8.78 -18.15 5.14
H12 EDO X . -8.77 -17.68 6.61
HO1 EDO X . -10.08 -16.37 4.72
H21 EDO X . -6.89 -16.97 5.35
H22 EDO X . -7.59 -15.84 6.14
HO2 EDO X . -8.59 -15.19 4.37
C1 EDO Y . -11.35 -6.55 27.87
O1 EDO Y . -12.57 -6.11 27.34
C2 EDO Y . -10.40 -5.38 27.92
O2 EDO Y . -9.14 -5.79 28.38
H11 EDO Y . -10.96 -7.25 27.32
H12 EDO Y . -11.45 -6.92 28.76
HO1 EDO Y . -13.18 -6.65 27.59
H21 EDO Y . -10.81 -4.71 28.50
H22 EDO Y . -10.37 -5.00 27.03
HO2 EDO Y . -8.82 -6.35 27.83
C1 EDO Z . -10.44 -29.20 -0.98
O1 EDO Z . -10.30 -29.93 -2.18
C2 EDO Z . -9.12 -29.26 -0.24
O2 EDO Z . -8.80 -30.60 0.02
H11 EDO Z . -11.13 -29.56 -0.41
H12 EDO Z . -10.67 -28.27 -1.15
HO1 EDO Z . -11.03 -29.87 -2.60
H21 EDO Z . -9.20 -28.72 0.55
H22 EDO Z . -8.45 -28.83 -0.80
HO2 EDO Z . -9.53 -31.04 0.11
C1 PEG AA . -25.56 5.82 40.57
O1 PEG AA . -25.18 4.80 41.49
C2 PEG AA . -27.05 6.06 40.62
O2 PEG AA . -27.34 7.42 40.46
C3 PEG AA . -27.73 7.74 39.15
C4 PEG AA . -29.21 7.95 39.05
O4 PEG AA . -29.52 9.11 38.30
H11 PEG AA . -25.32 5.58 39.68
H12 PEG AA . -25.11 6.65 40.79
HO1 PEG AA . -25.37 5.07 42.27
H21 PEG AA . -27.38 5.74 41.48
H22 PEG AA . -27.46 5.52 39.94
H31 PEG AA . -27.47 7.02 38.54
H32 PEG AA . -27.26 8.53 38.84
H41 PEG AA . -29.54 8.02 39.97
H42 PEG AA . -29.60 7.15 38.67
HO4 PEG AA . -29.17 9.01 37.52
NA NA BA . -41.77 -27.83 1.72
#